data_9DLA
#
_entry.id   9DLA
#
_cell.length_a   1.00
_cell.length_b   1.00
_cell.length_c   1.00
_cell.angle_alpha   90.00
_cell.angle_beta   90.00
_cell.angle_gamma   90.00
#
_symmetry.space_group_name_H-M   'P 1'
#
loop_
_entity.id
_entity.type
_entity.pdbx_description
1 polymer 'NADP-dependent glyceraldehyde-3-phosphate dehydrogenase'
2 non-polymer 'NADP NICOTINAMIDE-ADENINE-DINUCLEOTIDE PHOSPHATE'
#
_entity_poly.entity_id   1
_entity_poly.type   'polypeptide(L)'
_entity_poly.pdbx_seq_one_letter_code
;MTRYQNLVNGKWKSSEQEITIYSPINQEELGTVPAMTQTEADEAMQAARAALPAWRALSAIERAAYLHKTAAILERDKEK
IGTILAKEVAKGIKAAIGEVVRTADLIRYAAEEGLRITGQAMEGGGFEAASKNKLAVVRREPVGIVLAIAPFNYPVNLSA
SKIAPALIAGNVVMLKPPTQGSISGLLLAKAFEEAGIPAGVFNTITGRGSEIGDYIIEHKEVNFINFTGSTPIGERIGRL
AGMRPIMLELGGKDAALVLEDADLEHAAKQIVAGAFSYSGQRCTAIKRVIVLESVADKLATLLQEEVSKLTVGDPFDNAD
ITPVIDNASADFIWGLIEDAQEKEAQALTPIKREGNLLWPVLFDQVTKDMKVAWEEPFGPVLPIIRVASVEEAIAFANES
EFGLQSSVFTNDFKKAFEIAEKLEVGTVHINNKTQRGPDNFPFLGVKGSGAGVQGIKYSIEAMTNVKSIVFDVK
;
_entity_poly.pdbx_strand_id   A,B,C,D
#
loop_
_chem_comp.id
_chem_comp.type
_chem_comp.name
_chem_comp.formula
NAP non-polymer 'NADP NICOTINAMIDE-ADENINE-DINUCLEOTIDE PHOSPHATE' 'C21 H28 N7 O17 P3'
#
# COMPACT_ATOMS: atom_id res chain seq x y z
N MET A 1 -18.04 4.50 -49.60
CA MET A 1 -19.28 3.73 -49.69
C MET A 1 -19.83 3.39 -48.31
N THR A 2 -19.01 2.78 -47.46
CA THR A 2 -19.47 2.17 -46.23
C THR A 2 -19.87 3.24 -45.21
N ARG A 3 -21.11 3.19 -44.79
CA ARG A 3 -21.64 4.12 -43.80
C ARG A 3 -21.23 3.63 -42.41
N TYR A 4 -20.64 4.49 -41.60
CA TYR A 4 -20.37 4.17 -40.21
C TYR A 4 -21.24 5.02 -39.30
N GLN A 5 -21.60 4.44 -38.15
CA GLN A 5 -22.54 5.05 -37.22
C GLN A 5 -21.95 5.06 -35.83
N ASN A 6 -22.44 5.98 -35.01
CA ASN A 6 -21.98 6.12 -33.64
C ASN A 6 -22.78 5.24 -32.70
N LEU A 7 -22.10 4.67 -31.72
CA LEU A 7 -22.77 3.91 -30.67
C LEU A 7 -23.33 4.90 -29.66
N VAL A 8 -24.64 5.10 -29.69
CA VAL A 8 -25.32 5.99 -28.74
C VAL A 8 -26.45 5.21 -28.11
N ASN A 9 -26.44 5.09 -26.79
CA ASN A 9 -27.48 4.39 -26.03
C ASN A 9 -27.64 2.95 -26.50
N GLY A 10 -26.52 2.34 -26.88
CA GLY A 10 -26.51 0.94 -27.24
C GLY A 10 -27.00 0.62 -28.63
N LYS A 11 -27.47 1.62 -29.37
CA LYS A 11 -27.89 1.45 -30.75
C LYS A 11 -27.15 2.43 -31.67
N TRP A 12 -27.05 2.04 -32.93
CA TRP A 12 -26.20 2.72 -33.91
C TRP A 12 -26.98 3.86 -34.54
N LYS A 13 -26.39 5.05 -34.53
CA LYS A 13 -27.03 6.25 -35.05
C LYS A 13 -26.13 6.90 -36.09
N SER A 14 -26.74 7.30 -37.21
CA SER A 14 -26.08 8.12 -38.22
C SER A 14 -26.47 9.58 -38.01
N SER A 15 -25.74 10.46 -38.70
CA SER A 15 -25.99 11.89 -38.59
C SER A 15 -26.25 12.47 -39.97
N GLU A 16 -26.88 13.65 -39.99
CA GLU A 16 -27.14 14.32 -41.26
C GLU A 16 -25.83 14.73 -41.94
N GLN A 17 -24.98 15.46 -41.22
CA GLN A 17 -23.65 15.79 -41.71
C GLN A 17 -22.75 14.58 -41.61
N GLU A 18 -21.75 14.51 -42.49
CA GLU A 18 -20.85 13.36 -42.52
C GLU A 18 -19.44 13.81 -42.84
N ILE A 19 -18.47 13.03 -42.37
CA ILE A 19 -17.06 13.24 -42.65
C ILE A 19 -16.56 12.04 -43.44
N THR A 20 -15.91 12.29 -44.58
CA THR A 20 -15.33 11.23 -45.38
C THR A 20 -13.88 11.02 -44.97
N ILE A 21 -13.50 9.77 -44.77
CA ILE A 21 -12.17 9.41 -44.32
C ILE A 21 -11.38 8.91 -45.52
N TYR A 22 -10.23 9.53 -45.77
CA TYR A 22 -9.38 9.20 -46.90
C TYR A 22 -8.08 8.61 -46.39
N SER A 23 -7.65 7.52 -47.02
CA SER A 23 -6.43 6.86 -46.60
C SER A 23 -5.23 7.78 -46.81
N PRO A 24 -4.39 7.99 -45.79
CA PRO A 24 -3.17 8.78 -46.01
C PRO A 24 -2.23 8.14 -46.99
N ILE A 25 -2.37 6.85 -47.26
CA ILE A 25 -1.47 6.16 -48.18
C ILE A 25 -1.68 6.67 -49.60
N ASN A 26 -2.93 6.60 -50.08
CA ASN A 26 -3.22 6.94 -51.48
C ASN A 26 -4.53 7.71 -51.64
N GLN A 27 -4.99 8.39 -50.61
CA GLN A 27 -6.25 9.17 -50.66
C GLN A 27 -7.43 8.31 -51.07
N GLU A 28 -7.43 7.06 -50.61
CA GLU A 28 -8.53 6.13 -50.84
C GLU A 28 -9.65 6.40 -49.83
N GLU A 29 -10.87 6.56 -50.34
CA GLU A 29 -12.01 6.73 -49.44
C GLU A 29 -12.24 5.44 -48.67
N LEU A 30 -12.07 5.51 -47.35
CA LEU A 30 -12.26 4.34 -46.50
C LEU A 30 -13.66 4.22 -45.95
N GLY A 31 -14.40 5.31 -45.89
CA GLY A 31 -15.75 5.29 -45.37
C GLY A 31 -16.17 6.69 -44.98
N THR A 32 -17.26 6.76 -44.22
CA THR A 32 -17.82 8.02 -43.74
C THR A 32 -18.24 7.84 -42.29
N VAL A 33 -17.81 8.77 -41.44
CA VAL A 33 -18.21 8.75 -40.03
C VAL A 33 -19.19 9.90 -39.82
N PRO A 34 -20.15 9.77 -38.91
CA PRO A 34 -21.12 10.85 -38.70
C PRO A 34 -20.47 12.05 -38.03
N ALA A 35 -20.84 13.24 -38.50
CA ALA A 35 -20.44 14.47 -37.85
C ALA A 35 -21.57 14.88 -36.94
N MET A 36 -21.51 14.40 -35.69
CA MET A 36 -22.61 14.61 -34.76
C MET A 36 -22.81 16.08 -34.47
N THR A 37 -24.07 16.49 -34.39
CA THR A 37 -24.43 17.84 -34.01
C THR A 37 -24.38 17.98 -32.50
N GLN A 38 -24.60 19.21 -32.03
CA GLN A 38 -24.57 19.46 -30.60
C GLN A 38 -25.69 18.73 -29.88
N THR A 39 -26.88 18.68 -30.48
CA THR A 39 -27.99 18.00 -29.85
C THR A 39 -27.80 16.50 -29.79
N GLU A 40 -27.14 15.91 -30.79
CA GLU A 40 -26.83 14.49 -30.73
C GLU A 40 -25.83 14.21 -29.62
N ALA A 41 -24.85 15.10 -29.42
CA ALA A 41 -23.95 14.96 -28.29
C ALA A 41 -24.69 15.08 -26.97
N ASP A 42 -25.68 15.97 -26.90
CA ASP A 42 -26.52 16.06 -25.71
C ASP A 42 -27.27 14.76 -25.47
N GLU A 43 -27.81 14.16 -26.53
CA GLU A 43 -28.53 12.90 -26.37
C GLU A 43 -27.60 11.80 -25.90
N ALA A 44 -26.38 11.77 -26.42
CA ALA A 44 -25.41 10.76 -26.00
C ALA A 44 -25.03 10.94 -24.53
N MET A 45 -24.85 12.19 -24.08
CA MET A 45 -24.59 12.43 -22.67
C MET A 45 -25.78 12.05 -21.80
N GLN A 46 -26.99 12.31 -22.29
CA GLN A 46 -28.21 11.87 -21.62
C GLN A 46 -28.18 10.36 -21.41
N ALA A 47 -27.87 9.62 -22.47
CA ALA A 47 -27.83 8.17 -22.38
C ALA A 47 -26.78 7.71 -21.37
N ALA A 48 -25.60 8.31 -21.40
CA ALA A 48 -24.56 7.94 -20.44
C ALA A 48 -24.99 8.23 -19.00
N ARG A 49 -25.59 9.39 -18.77
CA ARG A 49 -26.03 9.72 -17.41
C ARG A 49 -27.12 8.76 -16.95
N ALA A 50 -28.01 8.36 -17.86
CA ALA A 50 -29.06 7.43 -17.48
C ALA A 50 -28.53 6.04 -17.21
N ALA A 51 -27.51 5.61 -17.95
CA ALA A 51 -26.94 4.28 -17.77
C ALA A 51 -25.94 4.20 -16.64
N LEU A 52 -25.48 5.34 -16.12
CA LEU A 52 -24.50 5.31 -15.03
C LEU A 52 -24.98 4.55 -13.80
N PRO A 53 -26.19 4.75 -13.28
CA PRO A 53 -26.55 4.04 -12.02
C PRO A 53 -26.51 2.53 -12.11
N ALA A 54 -27.07 1.95 -13.16
CA ALA A 54 -27.09 0.49 -13.28
C ALA A 54 -25.71 -0.08 -13.51
N TRP A 55 -24.87 0.62 -14.27
CA TRP A 55 -23.49 0.20 -14.47
C TRP A 55 -22.71 0.23 -13.16
N ARG A 56 -22.86 1.31 -12.40
CA ARG A 56 -22.15 1.45 -11.15
C ARG A 56 -22.66 0.47 -10.10
N ALA A 57 -23.91 0.04 -10.22
CA ALA A 57 -24.49 -0.90 -9.25
C ALA A 57 -24.09 -2.34 -9.51
N LEU A 58 -23.42 -2.64 -10.61
CA LEU A 58 -22.95 -3.98 -10.88
C LEU A 58 -21.77 -4.32 -9.99
N SER A 59 -21.46 -5.61 -9.90
CA SER A 59 -20.24 -6.03 -9.26
C SER A 59 -19.05 -5.66 -10.13
N ALA A 60 -17.88 -5.53 -9.49
CA ALA A 60 -16.68 -5.30 -10.25
C ALA A 60 -16.41 -6.45 -11.22
N ILE A 61 -16.71 -7.68 -10.80
CA ILE A 61 -16.46 -8.84 -11.64
C ILE A 61 -17.45 -8.90 -12.79
N GLU A 62 -18.72 -8.50 -12.54
CA GLU A 62 -19.68 -8.42 -13.63
C GLU A 62 -19.27 -7.36 -14.64
N ARG A 63 -18.71 -6.25 -14.16
CA ARG A 63 -18.21 -5.21 -15.05
C ARG A 63 -17.01 -5.72 -15.85
N ALA A 64 -16.13 -6.48 -15.22
CA ALA A 64 -14.94 -7.00 -15.89
C ALA A 64 -15.25 -8.09 -16.89
N ALA A 65 -16.38 -8.79 -16.73
CA ALA A 65 -16.76 -9.79 -17.72
C ALA A 65 -16.96 -9.17 -19.08
N TYR A 66 -17.59 -7.99 -19.14
CA TYR A 66 -17.79 -7.30 -20.40
C TYR A 66 -16.46 -6.91 -21.03
N LEU A 67 -15.51 -6.44 -20.22
CA LEU A 67 -14.21 -6.06 -20.76
C LEU A 67 -13.46 -7.27 -21.28
N HIS A 68 -13.56 -8.41 -20.59
CA HIS A 68 -12.93 -9.62 -21.09
C HIS A 68 -13.55 -10.08 -22.40
N LYS A 69 -14.87 -9.99 -22.53
CA LYS A 69 -15.52 -10.34 -23.78
C LYS A 69 -15.12 -9.39 -24.90
N THR A 70 -15.01 -8.10 -24.59
CA THR A 70 -14.55 -7.13 -25.58
C THR A 70 -13.13 -7.46 -26.05
N ALA A 71 -12.25 -7.82 -25.11
CA ALA A 71 -10.89 -8.17 -25.47
C ALA A 71 -10.86 -9.41 -26.35
N ALA A 72 -11.72 -10.40 -26.05
CA ALA A 72 -11.80 -11.60 -26.89
C ALA A 72 -12.26 -11.27 -28.30
N ILE A 73 -13.26 -10.39 -28.43
CA ILE A 73 -13.74 -10.02 -29.76
C ILE A 73 -12.69 -9.22 -30.51
N LEU A 74 -11.96 -8.35 -29.82
CA LEU A 74 -10.87 -7.62 -30.45
C LEU A 74 -9.79 -8.57 -30.95
N GLU A 75 -9.41 -9.55 -30.14
CA GLU A 75 -8.46 -10.57 -30.57
C GLU A 75 -8.97 -11.33 -31.79
N ARG A 76 -10.26 -11.65 -31.80
CA ARG A 76 -10.85 -12.37 -32.93
C ARG A 76 -10.82 -11.54 -34.21
N ASP A 77 -11.11 -10.25 -34.12
CA ASP A 77 -11.20 -9.39 -35.28
C ASP A 77 -9.95 -8.53 -35.48
N LYS A 78 -8.83 -8.94 -34.89
CA LYS A 78 -7.61 -8.15 -35.00
C LYS A 78 -7.18 -7.93 -36.44
N GLU A 79 -7.36 -8.92 -37.31
CA GLU A 79 -6.90 -8.77 -38.69
C GLU A 79 -7.69 -7.68 -39.43
N LYS A 80 -9.02 -7.73 -39.34
CA LYS A 80 -9.85 -6.73 -39.99
C LYS A 80 -9.65 -5.34 -39.39
N ILE A 81 -9.64 -5.24 -38.06
CA ILE A 81 -9.45 -3.95 -37.42
C ILE A 81 -8.08 -3.38 -37.76
N GLY A 82 -7.05 -4.23 -37.74
CA GLY A 82 -5.71 -3.77 -38.07
C GLY A 82 -5.56 -3.37 -39.52
N THR A 83 -6.24 -4.07 -40.42
CA THR A 83 -6.18 -3.68 -41.83
C THR A 83 -6.79 -2.30 -42.04
N ILE A 84 -7.96 -2.07 -41.46
CA ILE A 84 -8.59 -0.76 -41.63
C ILE A 84 -7.78 0.32 -40.90
N LEU A 85 -7.22 -0.02 -39.75
CA LEU A 85 -6.38 0.93 -39.02
C LEU A 85 -5.13 1.30 -39.80
N ALA A 86 -4.49 0.30 -40.43
CA ALA A 86 -3.32 0.56 -41.26
C ALA A 86 -3.68 1.43 -42.44
N LYS A 87 -4.84 1.18 -43.06
CA LYS A 87 -5.28 2.04 -44.14
C LYS A 87 -5.57 3.46 -43.67
N GLU A 88 -6.02 3.61 -42.43
CA GLU A 88 -6.55 4.89 -41.99
C GLU A 88 -5.51 5.82 -41.37
N VAL A 89 -4.54 5.29 -40.64
CA VAL A 89 -3.51 6.15 -40.06
C VAL A 89 -2.14 5.89 -40.68
N ALA A 90 -2.11 5.19 -41.81
CA ALA A 90 -0.87 4.89 -42.53
C ALA A 90 0.16 4.20 -41.62
N LYS A 91 -0.34 3.29 -40.80
CA LYS A 91 0.49 2.49 -39.91
C LYS A 91 0.82 1.16 -40.58
N GLY A 92 1.98 0.61 -40.25
CA GLY A 92 2.36 -0.68 -40.78
C GLY A 92 1.31 -1.73 -40.47
N ILE A 93 0.97 -2.58 -41.45
CA ILE A 93 -0.13 -3.50 -41.27
C ILE A 93 0.13 -4.44 -40.09
N LYS A 94 1.34 -4.99 -40.01
CA LYS A 94 1.64 -5.89 -38.91
C LYS A 94 1.77 -5.11 -37.60
N ALA A 95 2.27 -3.88 -37.66
CA ALA A 95 2.27 -3.00 -36.49
C ALA A 95 0.86 -2.66 -36.07
N ALA A 96 -0.05 -2.46 -37.03
CA ALA A 96 -1.44 -2.16 -36.68
C ALA A 96 -2.11 -3.36 -36.01
N ILE A 97 -1.88 -4.56 -36.54
CA ILE A 97 -2.42 -5.76 -35.90
C ILE A 97 -1.81 -5.93 -34.50
N GLY A 98 -0.53 -5.62 -34.36
CA GLY A 98 0.08 -5.63 -33.05
C GLY A 98 -0.55 -4.63 -32.10
N GLU A 99 -0.95 -3.47 -32.62
CA GLU A 99 -1.65 -2.50 -31.80
C GLU A 99 -2.99 -3.04 -31.33
N VAL A 100 -3.71 -3.73 -32.22
CA VAL A 100 -4.99 -4.31 -31.81
C VAL A 100 -4.79 -5.38 -30.74
N VAL A 101 -3.74 -6.19 -30.89
CA VAL A 101 -3.46 -7.22 -29.90
C VAL A 101 -3.07 -6.59 -28.56
N ARG A 102 -2.23 -5.56 -28.57
CA ARG A 102 -1.88 -4.88 -27.33
C ARG A 102 -3.09 -4.21 -26.71
N THR A 103 -4.01 -3.73 -27.53
CA THR A 103 -5.26 -3.17 -27.01
C THR A 103 -6.06 -4.22 -26.27
N ALA A 104 -6.18 -5.41 -26.85
CA ALA A 104 -6.89 -6.48 -26.17
C ALA A 104 -6.20 -6.83 -24.84
N ASP A 105 -4.88 -6.90 -24.86
CA ASP A 105 -4.15 -7.22 -23.63
C ASP A 105 -4.31 -6.12 -22.59
N LEU A 106 -4.33 -4.85 -23.01
CA LEU A 106 -4.55 -3.75 -22.09
C LEU A 106 -5.94 -3.81 -21.48
N ILE A 107 -6.96 -4.13 -22.30
CA ILE A 107 -8.31 -4.24 -21.78
C ILE A 107 -8.39 -5.35 -20.74
N ARG A 108 -7.76 -6.49 -21.03
CA ARG A 108 -7.76 -7.58 -20.07
C ARG A 108 -7.06 -7.18 -18.77
N TYR A 109 -5.90 -6.55 -18.87
CA TYR A 109 -5.17 -6.16 -17.67
C TYR A 109 -5.92 -5.12 -16.86
N ALA A 110 -6.57 -4.16 -17.52
CA ALA A 110 -7.35 -3.17 -16.80
C ALA A 110 -8.56 -3.80 -16.13
N ALA A 111 -9.21 -4.75 -16.80
CA ALA A 111 -10.33 -5.45 -16.20
C ALA A 111 -9.92 -6.19 -14.95
N GLU A 112 -8.77 -6.87 -15.00
CA GLU A 112 -8.32 -7.62 -13.84
C GLU A 112 -7.68 -6.75 -12.77
N GLU A 113 -7.28 -5.53 -13.11
CA GLU A 113 -6.70 -4.60 -12.14
C GLU A 113 -7.76 -3.80 -11.42
N GLY A 114 -8.88 -3.51 -12.06
CA GLY A 114 -9.96 -2.83 -11.39
C GLY A 114 -10.75 -3.68 -10.42
N LEU A 115 -10.52 -4.99 -10.42
CA LEU A 115 -11.14 -5.88 -9.45
C LEU A 115 -10.46 -5.83 -8.09
N ARG A 116 -9.26 -5.27 -8.01
CA ARG A 116 -8.42 -5.39 -6.82
C ARG A 116 -8.16 -4.04 -6.18
N ILE A 117 -8.95 -3.02 -6.50
CA ILE A 117 -8.82 -1.72 -5.88
C ILE A 117 -9.33 -1.82 -4.45
N THR A 118 -8.42 -1.81 -3.49
CA THR A 118 -8.74 -1.98 -2.08
C THR A 118 -8.68 -0.63 -1.37
N GLY A 119 -9.69 -0.37 -0.55
CA GLY A 119 -9.74 0.86 0.22
C GLY A 119 -8.90 0.77 1.47
N GLN A 120 -9.11 1.74 2.35
CA GLN A 120 -8.39 1.82 3.61
C GLN A 120 -9.37 1.94 4.77
N ALA A 121 -8.93 1.51 5.94
CA ALA A 121 -9.70 1.61 7.18
C ALA A 121 -8.79 2.31 8.18
N MET A 122 -8.93 3.62 8.28
CA MET A 122 -8.02 4.44 9.05
C MET A 122 -8.57 4.67 10.45
N GLU A 123 -7.66 4.81 11.41
CA GLU A 123 -8.02 5.07 12.79
C GLU A 123 -7.50 6.43 13.21
N GLY A 124 -8.29 7.14 14.01
CA GLY A 124 -7.89 8.46 14.44
C GLY A 124 -6.96 8.51 15.62
N GLY A 125 -6.64 7.36 16.21
CA GLY A 125 -5.85 7.34 17.44
C GLY A 125 -4.42 7.74 17.26
N GLY A 126 -3.85 7.57 16.07
CA GLY A 126 -2.49 8.00 15.83
C GLY A 126 -2.32 9.49 15.70
N PHE A 127 -3.39 10.21 15.35
CA PHE A 127 -3.31 11.66 15.24
C PHE A 127 -3.64 12.35 16.55
N GLU A 128 -4.68 11.90 17.25
CA GLU A 128 -5.05 12.50 18.52
C GLU A 128 -5.79 11.47 19.34
N ALA A 129 -5.65 11.56 20.66
CA ALA A 129 -6.26 10.57 21.54
C ALA A 129 -7.75 10.75 21.64
N ALA A 130 -8.26 11.96 21.34
CA ALA A 130 -9.70 12.20 21.40
C ALA A 130 -10.42 11.42 20.32
N SER A 131 -9.75 11.14 19.21
CA SER A 131 -10.33 10.47 18.07
C SER A 131 -9.94 9.00 17.98
N LYS A 132 -9.55 8.39 19.09
CA LYS A 132 -9.07 7.01 19.06
C LYS A 132 -10.15 6.04 18.61
N ASN A 133 -11.42 6.42 18.73
CA ASN A 133 -12.53 5.52 18.44
C ASN A 133 -13.18 5.82 17.11
N LYS A 134 -12.59 6.67 16.29
CA LYS A 134 -13.10 6.98 14.96
C LYS A 134 -12.46 6.06 13.95
N LEU A 135 -13.27 5.51 13.05
CA LEU A 135 -12.78 4.69 11.95
C LEU A 135 -13.29 5.27 10.65
N ALA A 136 -12.38 5.60 9.75
CA ALA A 136 -12.73 6.05 8.41
C ALA A 136 -12.55 4.89 7.44
N VAL A 137 -13.62 4.50 6.79
CA VAL A 137 -13.58 3.47 5.75
C VAL A 137 -13.49 4.22 4.42
N VAL A 138 -12.28 4.37 3.92
CA VAL A 138 -12.01 5.15 2.72
C VAL A 138 -12.04 4.21 1.51
N ARG A 139 -12.84 4.56 0.52
CA ARG A 139 -12.98 3.74 -0.68
C ARG A 139 -13.05 4.65 -1.90
N ARG A 140 -13.20 4.04 -3.07
CA ARG A 140 -13.21 4.75 -4.34
C ARG A 140 -14.57 4.59 -4.98
N GLU A 141 -15.05 5.67 -5.59
CA GLU A 141 -16.33 5.66 -6.29
C GLU A 141 -16.18 6.35 -7.63
N PRO A 142 -16.96 5.95 -8.63
CA PRO A 142 -16.81 6.53 -9.97
C PRO A 142 -17.02 8.03 -9.96
N VAL A 143 -16.26 8.72 -10.81
CA VAL A 143 -16.50 10.16 -10.99
C VAL A 143 -17.81 10.38 -11.73
N GLY A 144 -18.22 9.44 -12.57
CA GLY A 144 -19.43 9.60 -13.34
C GLY A 144 -19.23 9.33 -14.81
N ILE A 145 -19.40 10.36 -15.63
CA ILE A 145 -19.19 10.25 -17.07
C ILE A 145 -17.76 10.66 -17.38
N VAL A 146 -17.00 9.76 -17.97
CA VAL A 146 -15.63 10.03 -18.39
C VAL A 146 -15.65 10.30 -19.90
N LEU A 147 -15.14 11.45 -20.30
CA LEU A 147 -15.02 11.80 -21.70
C LEU A 147 -13.60 11.50 -22.14
N ALA A 148 -13.43 10.48 -22.96
CA ALA A 148 -12.14 10.10 -23.48
C ALA A 148 -11.96 10.66 -24.88
N ILE A 149 -10.86 11.35 -25.11
CA ILE A 149 -10.53 11.91 -26.42
C ILE A 149 -9.18 11.36 -26.83
N ALA A 150 -9.13 10.76 -28.01
CA ALA A 150 -7.96 10.00 -28.44
C ALA A 150 -7.22 10.71 -29.57
N PRO A 151 -5.92 10.48 -29.71
CA PRO A 151 -5.17 11.03 -30.83
C PRO A 151 -5.16 10.06 -32.00
N PHE A 152 -4.65 10.54 -33.13
CA PHE A 152 -4.75 9.77 -34.37
C PHE A 152 -3.82 8.57 -34.39
N ASN A 153 -2.63 8.67 -33.78
CA ASN A 153 -1.61 7.65 -34.00
C ASN A 153 -1.98 6.33 -33.36
N TYR A 154 -2.69 6.35 -32.24
CA TYR A 154 -3.19 5.14 -31.60
C TYR A 154 -4.66 5.35 -31.27
N PRO A 155 -5.53 5.29 -32.29
CA PRO A 155 -6.96 5.51 -32.03
C PRO A 155 -7.65 4.33 -31.39
N VAL A 156 -7.02 3.17 -31.36
CA VAL A 156 -7.55 1.99 -30.69
C VAL A 156 -6.90 1.80 -29.33
N ASN A 157 -5.57 1.81 -29.28
CA ASN A 157 -4.86 1.54 -28.04
C ASN A 157 -5.04 2.69 -27.05
N LEU A 158 -4.90 3.93 -27.52
CA LEU A 158 -5.08 5.07 -26.63
C LEU A 158 -6.54 5.43 -26.42
N SER A 159 -7.47 4.78 -27.11
CA SER A 159 -8.87 4.86 -26.74
C SER A 159 -9.17 3.85 -25.63
N ALA A 160 -8.71 2.62 -25.79
CA ALA A 160 -8.94 1.60 -24.78
C ALA A 160 -8.23 1.92 -23.48
N SER A 161 -7.07 2.57 -23.54
CA SER A 161 -6.35 2.93 -22.32
C SER A 161 -7.11 3.95 -21.49
N LYS A 162 -8.13 4.59 -22.05
CA LYS A 162 -9.03 5.46 -21.31
C LYS A 162 -10.37 4.80 -21.01
N ILE A 163 -10.83 3.93 -21.90
CA ILE A 163 -12.14 3.30 -21.73
C ILE A 163 -12.08 2.21 -20.68
N ALA A 164 -11.16 1.26 -20.82
CA ALA A 164 -11.14 0.12 -19.90
C ALA A 164 -10.87 0.54 -18.46
N PRO A 165 -9.87 1.38 -18.15
CA PRO A 165 -9.74 1.85 -16.77
C PRO A 165 -10.95 2.63 -16.26
N ALA A 166 -11.65 3.34 -17.13
CA ALA A 166 -12.86 4.03 -16.71
C ALA A 166 -14.02 3.07 -16.51
N LEU A 167 -14.16 2.10 -17.41
CA LEU A 167 -15.32 1.21 -17.33
C LEU A 167 -15.22 0.27 -16.14
N ILE A 168 -14.03 -0.23 -15.83
CA ILE A 168 -13.90 -1.17 -14.72
C ILE A 168 -14.11 -0.46 -13.39
N ALA A 169 -13.84 0.84 -13.33
CA ALA A 169 -14.02 1.60 -12.10
C ALA A 169 -15.48 1.89 -11.80
N GLY A 170 -16.38 1.69 -12.75
CA GLY A 170 -17.77 2.01 -12.57
C GLY A 170 -18.24 3.22 -13.33
N ASN A 171 -17.36 3.90 -14.05
CA ASN A 171 -17.73 5.06 -14.85
C ASN A 171 -18.35 4.61 -16.17
N VAL A 172 -19.12 5.48 -16.76
CA VAL A 172 -19.54 5.33 -18.15
C VAL A 172 -18.66 6.23 -18.99
N VAL A 173 -18.40 5.80 -20.22
CA VAL A 173 -17.38 6.43 -21.06
C VAL A 173 -18.03 7.05 -22.28
N MET A 174 -17.60 8.26 -22.61
CA MET A 174 -17.96 8.94 -23.84
C MET A 174 -16.68 9.01 -24.66
N LEU A 175 -16.63 8.29 -25.76
CA LEU A 175 -15.42 8.23 -26.57
C LEU A 175 -15.51 9.23 -27.72
N LYS A 176 -14.49 10.06 -27.86
CA LYS A 176 -14.34 10.96 -29.00
C LYS A 176 -13.09 10.51 -29.76
N PRO A 177 -13.24 9.67 -30.80
CA PRO A 177 -12.06 9.26 -31.54
C PRO A 177 -11.60 10.35 -32.48
N PRO A 178 -10.33 10.36 -32.87
CA PRO A 178 -9.86 11.37 -33.81
C PRO A 178 -10.54 11.19 -35.16
N THR A 179 -10.67 12.28 -35.91
CA THR A 179 -11.35 12.19 -37.20
C THR A 179 -10.60 11.26 -38.14
N GLN A 180 -9.26 11.35 -38.16
CA GLN A 180 -8.44 10.40 -38.89
C GLN A 180 -8.09 9.27 -37.93
N GLY A 181 -9.04 8.34 -37.79
CA GLY A 181 -8.95 7.33 -36.76
C GLY A 181 -10.31 7.03 -36.18
N SER A 182 -11.30 7.82 -36.58
CA SER A 182 -12.67 7.60 -36.10
C SER A 182 -13.21 6.26 -36.57
N ILE A 183 -12.77 5.78 -37.72
CA ILE A 183 -13.18 4.46 -38.18
C ILE A 183 -12.70 3.39 -37.21
N SER A 184 -11.44 3.50 -36.76
CA SER A 184 -10.91 2.51 -35.82
C SER A 184 -11.57 2.65 -34.45
N GLY A 185 -11.88 3.87 -34.03
CA GLY A 185 -12.62 4.05 -32.79
C GLY A 185 -14.01 3.45 -32.86
N LEU A 186 -14.66 3.57 -34.01
CA LEU A 186 -15.97 2.95 -34.18
C LEU A 186 -15.88 1.45 -34.31
N LEU A 187 -14.74 0.91 -34.74
CA LEU A 187 -14.56 -0.54 -34.70
C LEU A 187 -14.33 -1.03 -33.28
N LEU A 188 -13.61 -0.26 -32.47
CA LEU A 188 -13.51 -0.56 -31.05
C LEU A 188 -14.90 -0.52 -30.39
N ALA A 189 -15.72 0.46 -30.78
CA ALA A 189 -17.11 0.48 -30.33
C ALA A 189 -17.89 -0.72 -30.83
N LYS A 190 -17.63 -1.13 -32.07
CA LYS A 190 -18.23 -2.34 -32.64
C LYS A 190 -18.01 -3.52 -31.70
N ALA A 191 -16.75 -3.70 -31.29
CA ALA A 191 -16.39 -4.79 -30.39
C ALA A 191 -17.04 -4.63 -29.03
N PHE A 192 -17.04 -3.41 -28.49
CA PHE A 192 -17.63 -3.17 -27.18
C PHE A 192 -19.12 -3.48 -27.18
N GLU A 193 -19.81 -3.14 -28.26
CA GLU A 193 -21.24 -3.43 -28.36
C GLU A 193 -21.48 -4.91 -28.56
N GLU A 194 -20.65 -5.57 -29.37
CA GLU A 194 -20.83 -7.01 -29.56
C GLU A 194 -20.58 -7.78 -28.27
N ALA A 195 -19.70 -7.27 -27.41
CA ALA A 195 -19.46 -7.92 -26.13
C ALA A 195 -20.66 -7.85 -25.21
N GLY A 196 -21.66 -7.04 -25.55
CA GLY A 196 -22.84 -6.93 -24.74
C GLY A 196 -22.83 -5.83 -23.72
N ILE A 197 -21.98 -4.81 -23.89
CA ILE A 197 -21.91 -3.72 -22.92
C ILE A 197 -23.29 -3.10 -22.79
N PRO A 198 -23.76 -2.76 -21.59
CA PRO A 198 -25.12 -2.25 -21.45
C PRO A 198 -25.31 -0.96 -22.22
N ALA A 199 -26.54 -0.74 -22.67
CA ALA A 199 -26.84 0.44 -23.47
C ALA A 199 -26.57 1.71 -22.69
N GLY A 200 -25.79 2.61 -23.29
CA GLY A 200 -25.44 3.87 -22.67
C GLY A 200 -24.19 3.84 -21.83
N VAL A 201 -23.65 2.66 -21.53
CA VAL A 201 -22.44 2.59 -20.74
C VAL A 201 -21.24 3.08 -21.53
N PHE A 202 -21.19 2.76 -22.82
CA PHE A 202 -20.12 3.21 -23.70
C PHE A 202 -20.72 3.82 -24.95
N ASN A 203 -20.45 5.11 -25.17
CA ASN A 203 -20.94 5.83 -26.33
C ASN A 203 -19.78 6.47 -27.08
N THR A 204 -19.98 6.72 -28.36
CA THR A 204 -18.98 7.40 -29.19
C THR A 204 -19.56 8.67 -29.76
N ILE A 205 -18.71 9.70 -29.84
CA ILE A 205 -19.04 10.97 -30.46
C ILE A 205 -18.01 11.19 -31.56
N THR A 206 -18.46 11.21 -32.80
CA THR A 206 -17.60 11.50 -33.93
C THR A 206 -17.91 12.89 -34.47
N GLY A 207 -16.92 13.53 -35.04
CA GLY A 207 -17.03 14.87 -35.58
C GLY A 207 -15.71 15.59 -35.44
N ARG A 208 -15.64 16.75 -36.10
CA ARG A 208 -14.41 17.53 -36.04
C ARG A 208 -14.23 18.04 -34.62
N GLY A 209 -13.03 17.87 -34.07
CA GLY A 209 -12.76 18.45 -32.77
C GLY A 209 -12.84 19.95 -32.77
N SER A 210 -12.50 20.58 -33.90
CA SER A 210 -12.54 22.03 -33.98
C SER A 210 -13.96 22.57 -33.86
N GLU A 211 -14.97 21.72 -34.04
CA GLU A 211 -16.36 22.17 -33.98
C GLU A 211 -17.17 21.49 -32.88
N ILE A 212 -16.94 20.21 -32.63
CA ILE A 212 -17.69 19.53 -31.57
C ILE A 212 -16.88 19.40 -30.29
N GLY A 213 -15.58 19.69 -30.33
CA GLY A 213 -14.73 19.42 -29.19
C GLY A 213 -15.02 20.30 -28.00
N ASP A 214 -15.12 21.61 -28.21
CA ASP A 214 -15.38 22.53 -27.11
C ASP A 214 -16.74 22.28 -26.47
N TYR A 215 -17.75 21.95 -27.26
CA TYR A 215 -19.08 21.71 -26.72
C TYR A 215 -19.09 20.53 -25.75
N ILE A 216 -18.41 19.44 -26.12
CA ILE A 216 -18.39 18.26 -25.26
C ILE A 216 -17.39 18.40 -24.12
N ILE A 217 -16.36 19.23 -24.28
CA ILE A 217 -15.44 19.48 -23.17
C ILE A 217 -16.11 20.30 -22.09
N GLU A 218 -16.86 21.34 -22.49
CA GLU A 218 -17.54 22.21 -21.54
C GLU A 218 -18.90 21.68 -21.13
N HIS A 219 -19.23 20.44 -21.50
CA HIS A 219 -20.57 19.93 -21.26
C HIS A 219 -20.85 19.80 -19.77
N LYS A 220 -22.14 19.89 -19.45
CA LYS A 220 -22.65 19.81 -18.08
C LYS A 220 -22.40 18.45 -17.46
N GLU A 221 -22.58 17.38 -18.22
CA GLU A 221 -22.57 16.03 -17.67
C GLU A 221 -21.16 15.47 -17.51
N VAL A 222 -20.20 15.91 -18.31
CA VAL A 222 -18.85 15.39 -18.27
C VAL A 222 -18.27 15.61 -16.88
N ASN A 223 -17.90 14.52 -16.21
CA ASN A 223 -17.32 14.57 -14.87
C ASN A 223 -15.82 14.38 -14.87
N PHE A 224 -15.24 14.02 -16.00
CA PHE A 224 -13.81 13.74 -16.11
C PHE A 224 -13.42 13.79 -17.58
N ILE A 225 -12.29 14.42 -17.89
CA ILE A 225 -11.81 14.53 -19.26
C ILE A 225 -10.46 13.85 -19.36
N ASN A 226 -10.38 12.79 -20.13
CA ASN A 226 -9.13 12.09 -20.41
C ASN A 226 -8.76 12.38 -21.85
N PHE A 227 -7.76 13.24 -22.04
CA PHE A 227 -7.41 13.76 -23.36
C PHE A 227 -5.97 13.39 -23.68
N THR A 228 -5.75 12.90 -24.90
CA THR A 228 -4.41 12.66 -25.42
C THR A 228 -4.29 13.35 -26.76
N GLY A 229 -3.35 14.28 -26.87
CA GLY A 229 -3.25 15.06 -28.08
C GLY A 229 -2.15 16.08 -27.96
N SER A 230 -2.21 17.10 -28.81
CA SER A 230 -1.17 18.11 -28.84
C SER A 230 -1.27 19.04 -27.64
N THR A 231 -0.14 19.64 -27.29
CA THR A 231 -0.11 20.60 -26.20
C THR A 231 -1.00 21.82 -26.43
N PRO A 232 -1.07 22.42 -27.62
CA PRO A 232 -1.99 23.56 -27.79
C PRO A 232 -3.43 23.22 -27.47
N ILE A 233 -3.90 22.03 -27.82
CA ILE A 233 -5.28 21.66 -27.52
C ILE A 233 -5.41 21.23 -26.06
N GLY A 234 -4.36 20.62 -25.51
CA GLY A 234 -4.41 20.22 -24.11
C GLY A 234 -4.46 21.41 -23.17
N GLU A 235 -3.74 22.48 -23.48
CA GLU A 235 -3.80 23.68 -22.67
C GLU A 235 -5.21 24.29 -22.69
N ARG A 236 -5.80 24.37 -23.89
CA ARG A 236 -7.16 24.86 -24.03
C ARG A 236 -8.15 24.00 -23.26
N ILE A 237 -8.01 22.68 -23.32
CA ILE A 237 -8.94 21.79 -22.63
C ILE A 237 -8.80 21.93 -21.13
N GLY A 238 -7.56 21.94 -20.62
CA GLY A 238 -7.37 22.15 -19.19
C GLY A 238 -7.83 23.50 -18.71
N ARG A 239 -7.81 24.49 -19.58
CA ARG A 239 -8.33 25.82 -19.26
C ARG A 239 -9.85 25.91 -19.33
N LEU A 240 -10.48 25.16 -20.22
CA LEU A 240 -11.93 25.13 -20.36
C LEU A 240 -12.62 24.22 -19.35
N ALA A 241 -11.95 23.15 -18.93
CA ALA A 241 -12.50 22.25 -17.93
C ALA A 241 -12.67 22.95 -16.60
N GLY A 242 -11.80 23.91 -16.30
CA GLY A 242 -11.90 24.64 -15.07
C GLY A 242 -11.53 23.81 -13.86
N MET A 243 -12.54 23.43 -13.08
CA MET A 243 -12.34 22.74 -11.82
C MET A 243 -12.51 21.23 -11.95
N ARG A 244 -13.08 20.74 -13.04
CA ARG A 244 -13.32 19.31 -13.20
C ARG A 244 -12.00 18.57 -13.36
N PRO A 245 -11.92 17.32 -12.91
CA PRO A 245 -10.67 16.56 -13.04
C PRO A 245 -10.36 16.29 -14.50
N ILE A 246 -9.07 16.31 -14.83
CA ILE A 246 -8.61 16.03 -16.18
C ILE A 246 -7.35 15.19 -16.12
N MET A 247 -7.16 14.37 -17.14
CA MET A 247 -5.85 13.86 -17.50
C MET A 247 -5.49 14.41 -18.85
N LEU A 248 -4.26 14.86 -19.00
CA LEU A 248 -3.75 15.31 -20.28
C LEU A 248 -2.49 14.54 -20.58
N GLU A 249 -2.41 14.00 -21.80
CA GLU A 249 -1.21 13.37 -22.32
C GLU A 249 -0.84 14.19 -23.55
N LEU A 250 -0.01 15.19 -23.35
CA LEU A 250 0.27 16.17 -24.38
C LEU A 250 1.58 15.82 -25.09
N GLY A 251 2.11 16.78 -25.85
CA GLY A 251 3.29 16.52 -26.64
C GLY A 251 4.51 16.25 -25.79
N GLY A 252 5.50 15.65 -26.42
CA GLY A 252 6.76 15.41 -25.75
C GLY A 252 7.94 15.39 -26.69
N LYS A 253 8.96 16.19 -26.38
CA LYS A 253 10.20 16.18 -27.13
C LYS A 253 11.26 15.42 -26.32
N ASP A 254 11.11 14.10 -26.29
CA ASP A 254 11.94 13.27 -25.44
C ASP A 254 13.39 13.29 -25.91
N ALA A 255 14.30 13.33 -24.96
CA ALA A 255 15.74 13.41 -25.23
C ALA A 255 16.39 12.07 -24.96
N ALA A 256 17.54 11.86 -25.60
CA ALA A 256 18.37 10.68 -25.40
C ALA A 256 19.76 11.18 -25.00
N LEU A 257 19.97 11.33 -23.71
CA LEU A 257 21.26 11.79 -23.20
C LEU A 257 22.28 10.67 -23.31
N VAL A 258 23.21 10.81 -24.24
CA VAL A 258 24.28 9.83 -24.44
C VAL A 258 25.55 10.38 -23.83
N LEU A 259 26.09 9.67 -22.85
CA LEU A 259 27.28 10.12 -22.16
C LEU A 259 28.52 9.46 -22.76
N GLU A 260 29.69 9.81 -22.21
CA GLU A 260 30.93 9.31 -22.78
C GLU A 260 31.11 7.81 -22.52
N ASP A 261 30.84 7.37 -21.29
CA ASP A 261 30.94 5.95 -20.95
C ASP A 261 29.61 5.24 -21.24
N ALA A 262 29.27 5.20 -22.53
CA ALA A 262 28.04 4.60 -22.99
C ALA A 262 28.33 3.58 -24.07
N ASP A 263 27.47 2.57 -24.18
CA ASP A 263 27.54 1.58 -25.25
C ASP A 263 26.93 2.22 -26.48
N LEU A 264 27.77 2.80 -27.33
CA LEU A 264 27.27 3.61 -28.43
C LEU A 264 26.52 2.79 -29.46
N GLU A 265 26.88 1.52 -29.65
CA GLU A 265 26.14 0.69 -30.59
C GLU A 265 24.73 0.42 -30.09
N HIS A 266 24.61 -0.01 -28.84
CA HIS A 266 23.30 -0.21 -28.24
C HIS A 266 22.54 1.10 -28.14
N ALA A 267 23.22 2.19 -27.78
CA ALA A 267 22.57 3.48 -27.71
C ALA A 267 22.01 3.89 -29.05
N ALA A 268 22.78 3.72 -30.12
CA ALA A 268 22.32 4.08 -31.45
C ALA A 268 21.17 3.20 -31.90
N LYS A 269 21.25 1.89 -31.65
CA LYS A 269 20.16 1.00 -32.01
C LYS A 269 18.86 1.42 -31.31
N GLN A 270 18.94 1.67 -30.01
CA GLN A 270 17.76 2.06 -29.24
C GLN A 270 17.24 3.41 -29.69
N ILE A 271 18.12 4.37 -29.95
CA ILE A 271 17.70 5.71 -30.33
C ILE A 271 16.99 5.69 -31.67
N VAL A 272 17.52 4.94 -32.63
CA VAL A 272 16.86 4.89 -33.94
C VAL A 272 15.56 4.11 -33.86
N ALA A 273 15.53 3.04 -33.07
CA ALA A 273 14.29 2.27 -32.92
C ALA A 273 13.19 3.12 -32.30
N GLY A 274 13.54 3.92 -31.29
CA GLY A 274 12.53 4.77 -30.67
C GLY A 274 12.17 5.97 -31.51
N ALA A 275 13.15 6.58 -32.17
CA ALA A 275 12.94 7.86 -32.83
C ALA A 275 12.14 7.73 -34.10
N PHE A 276 12.38 6.69 -34.89
CA PHE A 276 11.77 6.56 -36.20
C PHE A 276 10.73 5.45 -36.27
N SER A 277 10.25 4.98 -35.13
CA SER A 277 9.17 4.00 -35.13
C SER A 277 7.87 4.71 -35.47
N TYR A 278 7.14 4.16 -36.44
CA TYR A 278 5.93 4.80 -36.97
C TYR A 278 6.23 6.19 -37.50
N SER A 279 7.33 6.31 -38.25
CA SER A 279 7.73 7.55 -38.91
C SER A 279 7.88 8.69 -37.90
N GLY A 280 8.35 8.35 -36.70
CA GLY A 280 8.47 9.35 -35.66
C GLY A 280 7.16 9.82 -35.11
N GLN A 281 6.06 9.18 -35.47
CA GLN A 281 4.72 9.60 -35.09
C GLN A 281 4.25 8.94 -33.80
N ARG A 282 5.15 8.71 -32.86
CA ARG A 282 4.77 8.44 -31.49
C ARG A 282 5.23 9.60 -30.63
N CYS A 283 4.41 9.98 -29.65
CA CYS A 283 4.79 11.09 -28.79
C CYS A 283 5.82 10.69 -27.75
N THR A 284 5.78 9.44 -27.26
CA THR A 284 6.84 8.92 -26.41
C THR A 284 7.88 8.26 -27.31
N ALA A 285 8.72 9.11 -27.88
CA ALA A 285 9.78 8.69 -28.78
C ALA A 285 10.94 9.65 -28.64
N ILE A 286 12.15 9.13 -28.83
CA ILE A 286 13.33 10.00 -28.82
C ILE A 286 13.21 11.02 -29.93
N LYS A 287 13.11 12.29 -29.57
CA LYS A 287 13.05 13.37 -30.54
C LYS A 287 14.29 14.25 -30.51
N ARG A 288 15.14 14.10 -29.50
CA ARG A 288 16.42 14.80 -29.42
C ARG A 288 17.49 13.80 -29.05
N VAL A 289 18.69 14.00 -29.58
CA VAL A 289 19.87 13.29 -29.14
C VAL A 289 20.84 14.32 -28.59
N ILE A 290 21.08 14.27 -27.28
CA ILE A 290 22.00 15.17 -26.60
C ILE A 290 23.22 14.33 -26.23
N VAL A 291 24.30 14.50 -26.98
CA VAL A 291 25.47 13.65 -26.87
C VAL A 291 26.67 14.52 -26.57
N LEU A 292 27.57 14.01 -25.72
CA LEU A 292 28.75 14.77 -25.34
C LEU A 292 29.71 14.92 -26.51
N GLU A 293 30.73 15.74 -26.30
CA GLU A 293 31.72 16.04 -27.33
C GLU A 293 32.52 14.81 -27.73
N SER A 294 32.89 13.98 -26.76
CA SER A 294 33.84 12.89 -27.00
C SER A 294 33.26 11.82 -27.91
N VAL A 295 32.04 11.38 -27.64
CA VAL A 295 31.43 10.26 -28.34
C VAL A 295 30.46 10.72 -29.43
N ALA A 296 30.41 12.02 -29.69
CA ALA A 296 29.40 12.55 -30.62
C ALA A 296 29.62 12.02 -32.02
N ASP A 297 30.87 11.95 -32.48
CA ASP A 297 31.14 11.54 -33.85
C ASP A 297 30.83 10.07 -34.07
N LYS A 298 31.26 9.21 -33.14
CA LYS A 298 30.95 7.79 -33.23
C LYS A 298 29.45 7.55 -33.15
N LEU A 299 28.77 8.23 -32.24
CA LEU A 299 27.33 8.07 -32.13
C LEU A 299 26.63 8.55 -33.39
N ALA A 300 27.12 9.66 -33.98
CA ALA A 300 26.51 10.16 -35.20
C ALA A 300 26.68 9.18 -36.35
N THR A 301 27.86 8.55 -36.45
CA THR A 301 28.08 7.55 -37.50
C THR A 301 27.15 6.35 -37.31
N LEU A 302 27.07 5.84 -36.08
CA LEU A 302 26.21 4.68 -35.83
C LEU A 302 24.74 5.02 -36.06
N LEU A 303 24.31 6.19 -35.59
CA LEU A 303 22.93 6.62 -35.81
C LEU A 303 22.64 6.75 -37.30
N GLN A 304 23.57 7.32 -38.06
CA GLN A 304 23.33 7.54 -39.47
C GLN A 304 23.22 6.22 -40.23
N GLU A 305 24.06 5.24 -39.88
CA GLU A 305 23.94 3.96 -40.58
C GLU A 305 22.67 3.23 -40.18
N GLU A 306 22.26 3.36 -38.91
CA GLU A 306 21.01 2.72 -38.49
C GLU A 306 19.81 3.35 -39.19
N VAL A 307 19.81 4.67 -39.34
CA VAL A 307 18.74 5.32 -40.10
C VAL A 307 18.80 4.91 -41.57
N SER A 308 20.01 4.71 -42.10
CA SER A 308 20.13 4.24 -43.48
C SER A 308 19.56 2.84 -43.66
N LYS A 309 19.54 2.04 -42.60
CA LYS A 309 18.92 0.72 -42.68
C LYS A 309 17.40 0.76 -42.82
N LEU A 310 16.77 1.89 -42.55
CA LEU A 310 15.31 1.92 -42.48
C LEU A 310 14.69 1.83 -43.87
N THR A 311 13.59 1.08 -43.97
CA THR A 311 12.85 0.91 -45.21
C THR A 311 11.71 1.93 -45.25
N VAL A 312 11.58 2.62 -46.37
CA VAL A 312 10.63 3.71 -46.54
C VAL A 312 9.66 3.34 -47.66
N GLY A 313 8.37 3.33 -47.35
CA GLY A 313 7.39 2.98 -48.36
C GLY A 313 5.98 2.76 -47.86
N ASP A 314 5.32 1.73 -48.39
CA ASP A 314 3.92 1.45 -48.13
C ASP A 314 3.73 0.80 -46.76
N PRO A 315 2.67 1.16 -46.03
CA PRO A 315 2.38 0.48 -44.77
C PRO A 315 2.15 -1.01 -44.92
N PHE A 316 1.56 -1.46 -46.04
CA PHE A 316 1.27 -2.88 -46.20
C PHE A 316 2.48 -3.68 -46.68
N ASP A 317 3.58 -3.00 -47.00
CA ASP A 317 4.88 -3.64 -47.14
C ASP A 317 5.66 -3.61 -45.84
N ASN A 318 5.02 -3.20 -44.74
CA ASN A 318 5.63 -3.15 -43.40
C ASN A 318 6.90 -2.30 -43.40
N ALA A 319 6.85 -1.18 -44.12
CA ALA A 319 7.98 -0.25 -44.15
C ALA A 319 8.16 0.40 -42.78
N ASP A 320 9.42 0.59 -42.40
CA ASP A 320 9.70 1.26 -41.14
C ASP A 320 9.22 2.71 -41.17
N ILE A 321 9.40 3.38 -42.29
CA ILE A 321 8.95 4.76 -42.47
C ILE A 321 7.76 4.74 -43.41
N THR A 322 6.63 5.21 -42.93
CA THR A 322 5.37 5.27 -43.64
C THR A 322 4.96 6.72 -43.84
N PRO A 323 3.99 6.98 -44.72
CA PRO A 323 3.54 8.37 -44.91
C PRO A 323 3.03 8.97 -43.61
N VAL A 324 3.31 10.26 -43.42
CA VAL A 324 2.79 10.99 -42.27
C VAL A 324 1.30 11.17 -42.46
N ILE A 325 0.61 11.60 -41.40
CA ILE A 325 -0.84 11.44 -41.35
C ILE A 325 -1.54 12.28 -42.42
N ASP A 326 -1.08 13.49 -42.66
CA ASP A 326 -1.76 14.35 -43.62
C ASP A 326 -0.76 15.34 -44.19
N ASN A 327 -1.25 16.16 -45.13
CA ASN A 327 -0.36 17.09 -45.84
C ASN A 327 0.13 18.21 -44.92
N ALA A 328 -0.70 18.65 -43.98
CA ALA A 328 -0.28 19.71 -43.08
C ALA A 328 0.87 19.28 -42.19
N SER A 329 0.83 18.04 -41.69
CA SER A 329 1.94 17.54 -40.88
C SER A 329 3.21 17.44 -41.70
N ALA A 330 3.10 16.98 -42.94
CA ALA A 330 4.27 16.92 -43.82
C ALA A 330 4.83 18.30 -44.08
N ASP A 331 3.95 19.29 -44.29
CA ASP A 331 4.42 20.66 -44.51
C ASP A 331 5.14 21.20 -43.28
N PHE A 332 4.61 20.92 -42.09
CA PHE A 332 5.25 21.38 -40.86
C PHE A 332 6.62 20.74 -40.68
N ILE A 333 6.71 19.43 -40.90
CA ILE A 333 7.98 18.74 -40.76
C ILE A 333 8.98 19.26 -41.79
N TRP A 334 8.51 19.49 -43.02
CA TRP A 334 9.38 20.03 -44.06
C TRP A 334 9.86 21.43 -43.69
N GLY A 335 9.00 22.24 -43.09
CA GLY A 335 9.43 23.55 -42.64
C GLY A 335 10.51 23.48 -41.59
N LEU A 336 10.38 22.55 -40.65
CA LEU A 336 11.43 22.37 -39.65
C LEU A 336 12.73 21.92 -40.30
N ILE A 337 12.65 21.01 -41.27
CA ILE A 337 13.85 20.56 -41.98
C ILE A 337 14.49 21.71 -42.74
N GLU A 338 13.67 22.55 -43.38
CA GLU A 338 14.19 23.69 -44.12
C GLU A 338 14.86 24.69 -43.19
N ASP A 339 14.28 24.92 -42.01
CA ASP A 339 14.94 25.78 -41.03
C ASP A 339 16.28 25.22 -40.61
N ALA A 340 16.33 23.91 -40.34
CA ALA A 340 17.60 23.31 -39.93
C ALA A 340 18.65 23.43 -41.02
N GLN A 341 18.25 23.22 -42.28
CA GLN A 341 19.17 23.39 -43.39
C GLN A 341 19.62 24.84 -43.53
N GLU A 342 18.69 25.78 -43.29
CA GLU A 342 19.03 27.20 -43.30
C GLU A 342 20.14 27.52 -42.33
N LYS A 343 20.06 26.99 -41.11
CA LYS A 343 21.01 27.31 -40.05
C LYS A 343 22.18 26.34 -39.99
N GLU A 344 22.52 25.73 -41.13
CA GLU A 344 23.76 24.95 -41.30
C GLU A 344 23.78 23.70 -40.42
N ALA A 345 22.73 22.90 -40.54
CA ALA A 345 22.67 21.61 -39.86
C ALA A 345 23.14 20.52 -40.81
N GLN A 346 24.02 19.66 -40.33
CA GLN A 346 24.61 18.61 -41.13
C GLN A 346 23.58 17.50 -41.33
N ALA A 347 22.90 17.52 -42.47
CA ALA A 347 21.94 16.47 -42.80
C ALA A 347 22.69 15.18 -43.06
N LEU A 348 22.57 14.22 -42.15
CA LEU A 348 23.33 12.98 -42.24
C LEU A 348 22.65 11.93 -43.10
N THR A 349 21.41 12.14 -43.51
CA THR A 349 20.66 11.22 -44.33
C THR A 349 19.99 11.97 -45.47
N PRO A 350 19.63 11.28 -46.56
CA PRO A 350 18.95 11.96 -47.67
C PRO A 350 17.68 12.64 -47.23
N ILE A 351 17.43 13.82 -47.81
CA ILE A 351 16.23 14.60 -47.52
C ILE A 351 15.35 14.61 -48.75
N LYS A 352 14.40 13.67 -48.83
CA LYS A 352 13.50 13.57 -49.97
C LYS A 352 12.07 13.50 -49.48
N ARG A 353 11.16 14.10 -50.26
CA ARG A 353 9.74 14.12 -49.93
C ARG A 353 8.94 13.73 -51.15
N GLU A 354 7.95 12.84 -50.96
CA GLU A 354 7.03 12.46 -52.02
C GLU A 354 5.61 12.77 -51.61
N GLY A 355 5.38 13.96 -51.07
CA GLY A 355 4.07 14.31 -50.53
C GLY A 355 3.99 14.02 -49.03
N ASN A 356 3.13 13.06 -48.66
CA ASN A 356 3.07 12.61 -47.28
C ASN A 356 4.24 11.72 -46.91
N LEU A 357 4.91 11.10 -47.89
CA LEU A 357 5.93 10.10 -47.61
C LEU A 357 7.28 10.81 -47.53
N LEU A 358 7.63 11.19 -46.30
CA LEU A 358 8.90 11.84 -46.03
C LEU A 358 9.97 10.82 -45.71
N TRP A 359 11.18 11.15 -46.00
CA TRP A 359 12.20 10.16 -45.70
C TRP A 359 12.93 10.52 -44.42
N PRO A 360 13.39 9.52 -43.66
CA PRO A 360 14.00 9.79 -42.36
C PRO A 360 15.20 10.71 -42.47
N VAL A 361 15.16 11.82 -41.74
CA VAL A 361 16.20 12.83 -41.78
C VAL A 361 16.91 12.83 -40.42
N LEU A 362 18.22 12.64 -40.45
CA LEU A 362 19.06 12.74 -39.26
C LEU A 362 19.91 13.99 -39.38
N PHE A 363 19.77 14.90 -38.43
CA PHE A 363 20.48 16.17 -38.43
C PHE A 363 21.57 16.15 -37.37
N ASP A 364 22.75 16.62 -37.73
CA ASP A 364 23.82 16.81 -36.77
C ASP A 364 24.16 18.29 -36.67
N GLN A 365 24.96 18.63 -35.66
CA GLN A 365 25.40 19.99 -35.42
C GLN A 365 24.20 20.92 -35.21
N VAL A 366 23.24 20.47 -34.41
CA VAL A 366 22.04 21.24 -34.15
C VAL A 366 22.26 22.15 -32.94
N THR A 367 21.89 23.41 -33.07
CA THR A 367 22.04 24.42 -32.03
C THR A 367 20.67 24.78 -31.46
N LYS A 368 20.65 25.80 -30.59
CA LYS A 368 19.39 26.26 -30.03
C LYS A 368 18.49 26.88 -31.08
N ASP A 369 19.08 27.47 -32.12
CA ASP A 369 18.35 28.37 -33.00
C ASP A 369 17.48 27.66 -34.02
N MET A 370 17.74 26.39 -34.29
CA MET A 370 16.90 25.64 -35.20
C MET A 370 15.64 25.18 -34.50
N LYS A 371 14.50 25.34 -35.17
CA LYS A 371 13.22 24.98 -34.57
C LYS A 371 13.12 23.49 -34.33
N VAL A 372 13.88 22.68 -35.06
CA VAL A 372 13.84 21.24 -34.87
C VAL A 372 14.42 20.85 -33.51
N ALA A 373 15.23 21.71 -32.90
CA ALA A 373 15.76 21.41 -31.58
C ALA A 373 14.70 21.54 -30.50
N TRP A 374 13.66 22.32 -30.74
CA TRP A 374 12.61 22.60 -29.76
C TRP A 374 11.26 22.07 -30.17
N GLU A 375 10.76 22.46 -31.34
CA GLU A 375 9.43 22.06 -31.75
C GLU A 375 9.37 20.56 -31.98
N GLU A 376 8.25 19.97 -31.58
CA GLU A 376 8.03 18.55 -31.81
C GLU A 376 7.63 18.35 -33.26
N PRO A 377 8.54 17.85 -34.11
CA PRO A 377 8.18 17.70 -35.52
C PRO A 377 7.10 16.66 -35.72
N PHE A 378 7.05 15.70 -34.81
CA PHE A 378 6.09 14.61 -34.85
C PHE A 378 6.26 13.83 -36.16
N GLY A 379 7.49 13.75 -36.64
CA GLY A 379 7.78 13.12 -37.91
C GLY A 379 9.19 12.55 -37.94
N PRO A 380 9.58 12.01 -39.09
CA PRO A 380 10.86 11.30 -39.20
C PRO A 380 12.06 12.24 -39.29
N VAL A 381 12.25 13.05 -38.25
CA VAL A 381 13.40 13.94 -38.12
C VAL A 381 13.98 13.76 -36.73
N LEU A 382 15.29 13.56 -36.65
CA LEU A 382 15.98 13.38 -35.38
C LEU A 382 17.20 14.29 -35.32
N PRO A 383 17.12 15.42 -34.61
CA PRO A 383 18.30 16.27 -34.43
C PRO A 383 19.27 15.67 -33.42
N ILE A 384 20.56 15.86 -33.69
CA ILE A 384 21.63 15.46 -32.80
C ILE A 384 22.27 16.74 -32.27
N ILE A 385 22.26 16.91 -30.95
CA ILE A 385 22.86 18.06 -30.30
C ILE A 385 24.13 17.62 -29.59
N ARG A 386 25.18 18.42 -29.71
CA ARG A 386 26.44 18.16 -29.03
C ARG A 386 26.60 19.15 -27.89
N VAL A 387 26.94 18.64 -26.70
CA VAL A 387 27.17 19.46 -25.53
C VAL A 387 28.51 19.08 -24.93
N ALA A 388 29.05 19.97 -24.11
CA ALA A 388 30.41 19.80 -23.61
C ALA A 388 30.47 19.02 -22.31
N SER A 389 29.46 19.10 -21.46
CA SER A 389 29.47 18.45 -20.17
C SER A 389 28.11 17.84 -19.88
N VAL A 390 28.05 17.03 -18.83
CA VAL A 390 26.78 16.50 -18.37
C VAL A 390 25.87 17.61 -17.86
N GLU A 391 26.45 18.63 -17.24
CA GLU A 391 25.66 19.75 -16.77
C GLU A 391 24.96 20.46 -17.93
N GLU A 392 25.66 20.67 -19.04
CA GLU A 392 25.03 21.27 -20.21
C GLU A 392 23.98 20.34 -20.81
N ALA A 393 24.23 19.04 -20.78
CA ALA A 393 23.24 18.09 -21.29
C ALA A 393 21.95 18.16 -20.48
N ILE A 394 22.06 18.18 -19.15
CA ILE A 394 20.88 18.27 -18.30
C ILE A 394 20.19 19.61 -18.50
N ALA A 395 20.97 20.68 -18.59
CA ALA A 395 20.36 22.00 -18.79
C ALA A 395 19.59 22.05 -20.11
N PHE A 396 20.17 21.52 -21.18
CA PHE A 396 19.52 21.57 -22.48
C PHE A 396 18.29 20.68 -22.51
N ALA A 397 18.35 19.53 -21.84
CA ALA A 397 17.17 18.68 -21.75
C ALA A 397 16.06 19.37 -20.95
N ASN A 398 16.43 20.15 -19.94
CA ASN A 398 15.43 20.82 -19.12
C ASN A 398 14.93 22.13 -19.72
N GLU A 399 15.60 22.68 -20.72
CA GLU A 399 15.10 23.90 -21.34
C GLU A 399 13.89 23.66 -22.23
N SER A 400 13.53 22.41 -22.50
CA SER A 400 12.40 22.14 -23.36
C SER A 400 11.09 22.53 -22.68
N GLU A 401 10.07 22.74 -23.52
CA GLU A 401 8.72 23.03 -23.06
C GLU A 401 7.95 21.77 -22.75
N PHE A 402 8.66 20.65 -22.57
CA PHE A 402 8.07 19.33 -22.51
C PHE A 402 8.76 18.50 -21.44
N GLY A 403 8.03 17.57 -20.86
CA GLY A 403 8.59 16.76 -19.80
C GLY A 403 8.10 15.33 -19.80
N LEU A 404 7.77 14.77 -20.95
CA LEU A 404 7.21 13.42 -20.99
C LEU A 404 8.17 12.37 -20.47
N GLN A 405 9.24 12.12 -21.21
CA GLN A 405 10.18 11.05 -20.89
C GLN A 405 11.55 11.45 -21.39
N SER A 406 12.55 10.74 -20.91
CA SER A 406 13.90 10.90 -21.39
C SER A 406 14.63 9.60 -21.16
N SER A 407 15.71 9.41 -21.90
CA SER A 407 16.52 8.21 -21.77
C SER A 407 17.97 8.61 -21.61
N VAL A 408 18.65 7.98 -20.65
CA VAL A 408 20.05 8.26 -20.36
C VAL A 408 20.85 7.02 -20.72
N PHE A 409 21.82 7.17 -21.61
CA PHE A 409 22.68 6.07 -22.03
C PHE A 409 24.04 6.25 -21.41
N THR A 410 24.39 5.37 -20.48
CA THR A 410 25.70 5.39 -19.83
C THR A 410 25.93 4.03 -19.20
N ASN A 411 27.17 3.78 -18.81
CA ASN A 411 27.54 2.54 -18.14
C ASN A 411 27.54 2.66 -16.63
N ASP A 412 27.87 3.83 -16.10
CA ASP A 412 27.81 4.08 -14.67
C ASP A 412 26.36 4.38 -14.28
N PHE A 413 25.64 3.40 -13.75
CA PHE A 413 24.25 3.64 -13.39
C PHE A 413 24.10 4.56 -12.20
N LYS A 414 25.09 4.68 -11.31
CA LYS A 414 24.94 5.68 -10.26
C LYS A 414 24.87 7.09 -10.82
N LYS A 415 25.67 7.42 -11.83
CA LYS A 415 25.54 8.68 -12.53
C LYS A 415 24.22 8.76 -13.30
N ALA A 416 23.74 7.63 -13.81
CA ALA A 416 22.47 7.60 -14.51
C ALA A 416 21.31 7.95 -13.58
N PHE A 417 21.30 7.40 -12.36
CA PHE A 417 20.29 7.80 -11.40
C PHE A 417 20.40 9.28 -11.04
N GLU A 418 21.62 9.78 -10.86
CA GLU A 418 21.79 11.21 -10.55
C GLU A 418 21.17 12.08 -11.64
N ILE A 419 21.50 11.80 -12.90
CA ILE A 419 20.92 12.54 -14.01
C ILE A 419 19.41 12.34 -14.02
N ALA A 420 18.95 11.14 -13.68
CA ALA A 420 17.53 10.84 -13.76
C ALA A 420 16.71 11.71 -12.82
N GLU A 421 17.16 11.90 -11.58
CA GLU A 421 16.40 12.85 -10.77
C GLU A 421 16.80 14.30 -11.01
N LYS A 422 17.82 14.58 -11.81
CA LYS A 422 17.99 15.95 -12.28
C LYS A 422 17.15 16.29 -13.50
N LEU A 423 16.61 15.30 -14.20
CA LEU A 423 15.84 15.54 -15.41
C LEU A 423 14.40 15.85 -15.06
N GLU A 424 13.86 16.92 -15.65
CA GLU A 424 12.50 17.36 -15.36
C GLU A 424 11.51 16.67 -16.28
N VAL A 425 11.48 15.34 -16.18
CA VAL A 425 10.58 14.51 -16.97
C VAL A 425 9.80 13.61 -16.03
N GLY A 426 8.83 12.90 -16.59
CA GLY A 426 8.02 11.99 -15.81
C GLY A 426 8.63 10.61 -15.69
N THR A 427 9.36 10.17 -16.70
CA THR A 427 9.99 8.86 -16.72
C THR A 427 11.37 8.97 -17.33
N VAL A 428 12.36 8.34 -16.71
CA VAL A 428 13.71 8.25 -17.26
C VAL A 428 14.02 6.78 -17.50
N HIS A 429 14.38 6.46 -18.73
CA HIS A 429 14.81 5.11 -19.09
C HIS A 429 16.33 5.10 -19.11
N ILE A 430 16.91 4.12 -18.43
CA ILE A 430 18.36 4.01 -18.33
C ILE A 430 18.81 2.94 -19.31
N ASN A 431 19.57 3.36 -20.32
CA ASN A 431 20.12 2.49 -21.37
C ASN A 431 19.02 1.85 -22.20
N ASN A 432 17.91 2.55 -22.39
CA ASN A 432 16.81 2.04 -23.19
C ASN A 432 16.05 3.20 -23.80
N LYS A 433 15.42 2.94 -24.93
CA LYS A 433 14.62 3.95 -25.58
C LYS A 433 13.36 4.23 -24.76
N THR A 434 12.87 5.46 -24.87
CA THR A 434 11.65 5.83 -24.17
C THR A 434 10.46 5.15 -24.81
N GLN A 435 9.50 4.75 -23.98
CA GLN A 435 8.28 4.10 -24.43
C GLN A 435 7.26 4.17 -23.31
N ARG A 436 5.98 4.00 -23.67
CA ARG A 436 4.97 3.84 -22.64
C ARG A 436 5.20 2.58 -21.82
N GLY A 437 5.97 1.65 -22.35
CA GLY A 437 6.44 0.51 -21.60
C GLY A 437 5.31 -0.43 -21.27
N PRO A 438 5.54 -1.34 -20.35
CA PRO A 438 4.43 -2.14 -19.82
C PRO A 438 3.38 -1.21 -19.24
N ASP A 439 2.15 -1.39 -19.69
CA ASP A 439 1.09 -0.44 -19.33
C ASP A 439 0.72 -0.51 -17.85
N ASN A 440 1.40 -1.30 -17.04
CA ASN A 440 1.26 -1.15 -15.60
C ASN A 440 2.20 -0.07 -15.06
N PHE A 441 3.27 0.24 -15.78
CA PHE A 441 4.20 1.27 -15.35
C PHE A 441 3.51 2.62 -15.40
N PRO A 442 3.82 3.53 -14.47
CA PRO A 442 3.26 4.87 -14.56
C PRO A 442 3.74 5.58 -15.81
N PHE A 443 2.85 6.36 -16.39
CA PHE A 443 3.16 7.16 -17.58
C PHE A 443 2.65 8.56 -17.35
N LEU A 444 3.56 9.53 -17.34
CA LEU A 444 3.18 10.91 -17.11
C LEU A 444 4.18 11.85 -17.76
N GLY A 445 3.73 13.07 -17.98
CA GLY A 445 4.61 14.17 -18.36
C GLY A 445 4.37 15.31 -17.40
N VAL A 446 5.29 16.27 -17.35
CA VAL A 446 5.24 17.28 -16.31
C VAL A 446 5.16 18.69 -16.90
N LYS A 447 6.19 19.14 -17.60
CA LYS A 447 6.30 20.55 -17.99
C LYS A 447 5.57 20.79 -19.30
N GLY A 448 4.25 20.72 -19.26
CA GLY A 448 3.50 20.90 -20.48
C GLY A 448 3.42 19.68 -21.35
N SER A 449 3.90 18.54 -20.89
CA SER A 449 3.68 17.27 -21.56
C SER A 449 2.49 16.52 -20.98
N GLY A 450 1.78 17.11 -20.04
CA GLY A 450 0.60 16.48 -19.50
C GLY A 450 0.23 17.03 -18.14
N ALA A 451 -0.80 16.43 -17.57
CA ALA A 451 -1.31 16.80 -16.25
C ALA A 451 -1.99 15.57 -15.68
N GLY A 452 -1.32 14.88 -14.77
CA GLY A 452 -1.83 13.65 -14.19
C GLY A 452 -0.91 12.48 -14.47
N VAL A 453 -1.13 11.41 -13.71
CA VAL A 453 -0.36 10.18 -13.83
C VAL A 453 -1.29 9.13 -14.41
N GLN A 454 -0.81 8.43 -15.43
CA GLN A 454 -1.60 7.41 -16.08
C GLN A 454 -0.79 6.12 -16.12
N GLY A 455 -1.27 5.13 -16.85
CA GLY A 455 -0.93 3.76 -16.53
C GLY A 455 -2.10 3.12 -15.83
N ILE A 456 -2.22 1.81 -15.97
CA ILE A 456 -3.51 1.17 -15.75
C ILE A 456 -3.99 1.36 -14.32
N LYS A 457 -3.15 1.05 -13.34
CA LYS A 457 -3.50 1.31 -11.95
C LYS A 457 -3.79 2.77 -11.70
N TYR A 458 -2.90 3.65 -12.16
CA TYR A 458 -3.02 5.07 -11.88
C TYR A 458 -4.22 5.68 -12.59
N SER A 459 -4.52 5.24 -13.80
CA SER A 459 -5.69 5.74 -14.50
C SER A 459 -6.98 5.20 -13.90
N ILE A 460 -6.99 3.96 -13.42
CA ILE A 460 -8.16 3.44 -12.72
C ILE A 460 -8.42 4.25 -11.46
N GLU A 461 -7.37 4.54 -10.70
CA GLU A 461 -7.55 5.27 -9.45
C GLU A 461 -7.88 6.74 -9.67
N ALA A 462 -7.36 7.35 -10.73
CA ALA A 462 -7.55 8.78 -10.92
C ALA A 462 -8.88 9.14 -11.55
N MET A 463 -9.60 8.17 -12.10
CA MET A 463 -10.95 8.40 -12.60
C MET A 463 -12.01 8.01 -11.57
N THR A 464 -11.67 8.08 -10.29
CA THR A 464 -12.59 7.75 -9.22
C THR A 464 -12.50 8.80 -8.13
N ASN A 465 -13.61 9.01 -7.43
CA ASN A 465 -13.66 9.89 -6.28
C ASN A 465 -13.42 9.08 -5.01
N VAL A 466 -12.59 9.61 -4.12
CA VAL A 466 -12.47 9.07 -2.78
C VAL A 466 -13.75 9.37 -2.01
N LYS A 467 -14.26 8.37 -1.30
CA LYS A 467 -15.36 8.58 -0.36
C LYS A 467 -15.01 7.95 0.97
N SER A 468 -14.89 8.79 1.99
CA SER A 468 -14.62 8.36 3.35
C SER A 468 -15.93 8.25 4.10
N ILE A 469 -16.10 7.17 4.86
CA ILE A 469 -17.22 6.99 5.76
C ILE A 469 -16.67 6.84 7.15
N VAL A 470 -17.00 7.78 8.04
CA VAL A 470 -16.43 7.87 9.38
C VAL A 470 -17.51 7.51 10.38
N PHE A 471 -17.24 6.51 11.21
CA PHE A 471 -18.17 6.11 12.26
C PHE A 471 -17.38 5.80 13.53
N ASP A 472 -18.10 5.53 14.61
CA ASP A 472 -17.48 5.23 15.90
C ASP A 472 -17.45 3.73 16.09
N VAL A 473 -16.33 3.22 16.58
CA VAL A 473 -16.16 1.79 16.84
C VAL A 473 -16.33 1.45 18.32
N LYS A 474 -16.24 2.42 19.22
CA LYS A 474 -16.48 2.15 20.64
C LYS A 474 -17.34 3.25 21.24
N MET B 1 -0.96 50.80 15.01
CA MET B 1 0.41 51.18 15.35
C MET B 1 1.43 50.19 14.81
N THR B 2 1.24 48.91 15.14
CA THR B 2 2.26 47.90 14.93
C THR B 2 2.41 47.58 13.44
N ARG B 3 3.61 47.78 12.92
CA ARG B 3 3.91 47.50 11.52
C ARG B 3 4.20 46.01 11.38
N TYR B 4 3.53 45.35 10.44
CA TYR B 4 3.85 43.97 10.11
C TYR B 4 4.46 43.89 8.72
N GLN B 5 5.35 42.92 8.54
CA GLN B 5 6.13 42.78 7.34
C GLN B 5 6.02 41.35 6.82
N ASN B 6 6.25 41.20 5.52
CA ASN B 6 6.19 39.91 4.87
C ASN B 6 7.54 39.20 4.92
N LEU B 7 7.51 37.89 5.12
CA LEU B 7 8.72 37.08 5.05
C LEU B 7 9.03 36.83 3.59
N VAL B 8 10.04 37.51 3.06
CA VAL B 8 10.47 37.31 1.68
C VAL B 8 11.97 37.07 1.70
N ASN B 9 12.39 35.92 1.17
CA ASN B 9 13.80 35.55 1.08
C ASN B 9 14.46 35.54 2.47
N GLY B 10 13.69 35.14 3.47
CA GLY B 10 14.20 34.98 4.81
C GLY B 10 14.36 36.25 5.60
N LYS B 11 14.10 37.41 5.00
CA LYS B 11 14.13 38.69 5.68
C LYS B 11 12.81 39.42 5.53
N TRP B 12 12.53 40.30 6.48
CA TRP B 12 11.23 40.93 6.64
C TRP B 12 11.19 42.20 5.77
N LYS B 13 10.15 42.31 4.94
CA LYS B 13 9.99 43.41 4.01
C LYS B 13 8.64 44.08 4.23
N SER B 14 8.65 45.41 4.27
CA SER B 14 7.44 46.22 4.26
C SER B 14 7.16 46.69 2.84
N SER B 15 5.96 47.22 2.64
CA SER B 15 5.54 47.70 1.34
C SER B 15 5.11 49.16 1.45
N GLU B 16 5.10 49.85 0.30
CA GLU B 16 4.65 51.23 0.28
C GLU B 16 3.17 51.33 0.65
N GLN B 17 2.32 50.59 -0.07
CA GLN B 17 0.91 50.50 0.25
C GLN B 17 0.73 49.61 1.48
N GLU B 18 -0.34 49.86 2.24
CA GLU B 18 -0.58 49.11 3.46
C GLU B 18 -2.08 48.87 3.64
N ILE B 19 -2.40 47.78 4.34
CA ILE B 19 -3.76 47.44 4.70
C ILE B 19 -3.87 47.47 6.21
N THR B 20 -4.85 48.20 6.73
CA THR B 20 -5.09 48.26 8.16
C THR B 20 -6.10 47.18 8.55
N ILE B 21 -5.80 46.45 9.61
CA ILE B 21 -6.64 45.35 10.06
C ILE B 21 -7.42 45.82 11.28
N TYR B 22 -8.74 45.70 11.21
CA TYR B 22 -9.63 46.15 12.27
C TYR B 22 -10.31 44.93 12.88
N SER B 23 -10.36 44.91 14.21
CA SER B 23 -10.97 43.78 14.90
C SER B 23 -12.46 43.72 14.58
N PRO B 24 -12.97 42.56 14.14
CA PRO B 24 -14.42 42.43 13.94
C PRO B 24 -15.21 42.62 15.21
N ILE B 25 -14.58 42.47 16.37
CA ILE B 25 -15.29 42.61 17.64
C ILE B 25 -15.75 44.05 17.84
N ASN B 26 -14.80 45.00 17.78
CA ASN B 26 -15.11 46.39 18.09
C ASN B 26 -14.41 47.38 17.16
N GLN B 27 -14.02 46.95 15.95
CA GLN B 27 -13.34 47.81 14.98
C GLN B 27 -12.07 48.42 15.58
N GLU B 28 -11.36 47.63 16.38
CA GLU B 28 -10.08 48.02 16.94
C GLU B 28 -8.98 47.78 15.92
N GLU B 29 -8.17 48.81 15.68
CA GLU B 29 -7.02 48.65 14.81
C GLU B 29 -6.01 47.69 15.43
N LEU B 30 -5.81 46.54 14.79
CA LEU B 30 -4.88 45.55 15.29
C LEU B 30 -3.48 45.69 14.73
N GLY B 31 -3.34 46.33 13.58
CA GLY B 31 -2.05 46.51 12.97
C GLY B 31 -2.21 46.83 11.50
N THR B 32 -1.10 46.73 10.78
CA THR B 32 -1.07 46.98 9.34
C THR B 32 -0.22 45.92 8.67
N VAL B 33 -0.76 45.32 7.62
CA VAL B 33 -0.01 44.34 6.84
C VAL B 33 0.35 44.98 5.50
N PRO B 34 1.49 44.61 4.90
CA PRO B 34 1.88 45.24 3.64
C PRO B 34 0.97 44.79 2.50
N ALA B 35 0.61 45.72 1.64
CA ALA B 35 -0.11 45.40 0.40
C ALA B 35 0.94 45.29 -0.70
N MET B 36 1.46 44.08 -0.87
CA MET B 36 2.56 43.88 -1.81
C MET B 36 2.13 44.21 -3.22
N THR B 37 3.04 44.84 -3.95
CA THR B 37 2.83 45.14 -5.36
C THR B 37 3.17 43.91 -6.20
N GLN B 38 2.93 44.02 -7.50
CA GLN B 38 3.19 42.90 -8.39
C GLN B 38 4.68 42.58 -8.44
N THR B 39 5.53 43.61 -8.45
CA THR B 39 6.97 43.37 -8.51
C THR B 39 7.50 42.74 -7.23
N GLU B 40 6.91 43.08 -6.08
CA GLU B 40 7.32 42.43 -4.85
C GLU B 40 6.92 40.96 -4.85
N ALA B 41 5.76 40.64 -5.42
CA ALA B 41 5.38 39.25 -5.59
C ALA B 41 6.33 38.53 -6.54
N ASP B 42 6.77 39.21 -7.60
CA ASP B 42 7.79 38.64 -8.48
C ASP B 42 9.09 38.35 -7.73
N GLU B 43 9.51 39.28 -6.87
CA GLU B 43 10.73 39.08 -6.10
C GLU B 43 10.57 37.90 -5.15
N ALA B 44 9.41 37.77 -4.52
CA ALA B 44 9.17 36.65 -3.63
C ALA B 44 9.19 35.31 -4.37
N MET B 45 8.60 35.27 -5.57
CA MET B 45 8.67 34.06 -6.38
C MET B 45 10.10 33.77 -6.82
N GLN B 46 10.86 34.80 -7.15
CA GLN B 46 12.28 34.65 -7.44
C GLN B 46 13.01 33.98 -6.30
N ALA B 47 12.78 34.47 -5.08
CA ALA B 47 13.43 33.90 -3.91
C ALA B 47 13.04 32.45 -3.71
N ALA B 48 11.75 32.13 -3.87
CA ALA B 48 11.32 30.74 -3.73
C ALA B 48 11.97 29.84 -4.77
N ARG B 49 12.02 30.30 -6.03
CA ARG B 49 12.62 29.48 -7.08
C ARG B 49 14.11 29.28 -6.82
N ALA B 50 14.79 30.30 -6.29
CA ALA B 50 16.21 30.17 -6.00
C ALA B 50 16.46 29.25 -4.82
N ALA B 51 15.59 29.26 -3.83
CA ALA B 51 15.76 28.42 -2.65
C ALA B 51 15.27 27.00 -2.84
N LEU B 52 14.52 26.73 -3.90
CA LEU B 52 14.02 25.37 -4.12
C LEU B 52 15.12 24.32 -4.22
N PRO B 53 16.21 24.51 -4.98
CA PRO B 53 17.18 23.41 -5.11
C PRO B 53 17.82 22.96 -3.80
N ALA B 54 18.26 23.91 -2.97
CA ALA B 54 18.90 23.54 -1.71
C ALA B 54 17.92 22.91 -0.73
N TRP B 55 16.67 23.38 -0.72
CA TRP B 55 15.64 22.78 0.12
C TRP B 55 15.36 21.35 -0.31
N ARG B 56 15.20 21.15 -1.61
CA ARG B 56 14.90 19.83 -2.14
C ARG B 56 16.07 18.87 -1.97
N ALA B 57 17.30 19.40 -1.91
CA ALA B 57 18.48 18.55 -1.76
C ALA B 57 18.72 18.12 -0.33
N LEU B 58 17.98 18.65 0.64
CA LEU B 58 18.11 18.20 2.02
C LEU B 58 17.53 16.81 2.20
N SER B 59 17.88 16.19 3.31
CA SER B 59 17.21 14.96 3.69
C SER B 59 15.79 15.25 4.14
N ALA B 60 14.94 14.24 4.07
CA ALA B 60 13.59 14.40 4.58
C ALA B 60 13.62 14.69 6.07
N ILE B 61 14.55 14.08 6.80
CA ILE B 61 14.63 14.29 8.24
C ILE B 61 15.16 15.68 8.57
N GLU B 62 16.11 16.18 7.78
CA GLU B 62 16.58 17.54 7.96
C GLU B 62 15.46 18.54 7.67
N ARG B 63 14.63 18.25 6.67
CA ARG B 63 13.48 19.09 6.39
C ARG B 63 12.47 19.04 7.53
N ALA B 64 12.26 17.87 8.11
CA ALA B 64 11.29 17.73 9.19
C ALA B 64 11.76 18.34 10.50
N ALA B 65 13.07 18.49 10.68
CA ALA B 65 13.57 19.15 11.88
C ALA B 65 13.06 20.58 11.97
N TYR B 66 13.04 21.29 10.84
CA TYR B 66 12.54 22.66 10.82
C TYR B 66 11.06 22.71 11.17
N LEU B 67 10.28 21.75 10.66
CA LEU B 67 8.86 21.72 10.97
C LEU B 67 8.62 21.42 12.44
N HIS B 68 9.42 20.52 13.02
CA HIS B 68 9.29 20.26 14.45
C HIS B 68 9.65 21.48 15.29
N LYS B 69 10.70 22.21 14.89
CA LYS B 69 11.04 23.43 15.61
C LYS B 69 9.95 24.49 15.47
N THR B 70 9.36 24.60 14.28
CA THR B 70 8.24 25.52 14.09
C THR B 70 7.07 25.15 14.99
N ALA B 71 6.76 23.87 15.08
CA ALA B 71 5.66 23.42 15.93
C ALA B 71 5.95 23.74 17.40
N ALA B 72 7.21 23.57 17.83
CA ALA B 72 7.58 23.90 19.20
C ALA B 72 7.42 25.39 19.47
N ILE B 73 7.82 26.23 18.53
CA ILE B 73 7.69 27.68 18.72
C ILE B 73 6.22 28.08 18.72
N LEU B 74 5.40 27.45 17.86
CA LEU B 74 3.97 27.72 17.87
C LEU B 74 3.35 27.34 19.22
N GLU B 75 3.71 26.17 19.74
CA GLU B 75 3.25 25.77 21.06
C GLU B 75 3.66 26.75 22.13
N ARG B 76 4.90 27.25 22.04
CA ARG B 76 5.39 28.22 23.01
C ARG B 76 4.64 29.53 22.95
N ASP B 77 4.32 30.01 21.75
CA ASP B 77 3.67 31.31 21.58
C ASP B 77 2.18 31.17 21.32
N LYS B 78 1.57 30.04 21.69
CA LYS B 78 0.16 29.82 21.43
C LYS B 78 -0.72 30.90 22.06
N GLU B 79 -0.36 31.38 23.26
CA GLU B 79 -1.21 32.37 23.92
C GLU B 79 -1.25 33.69 23.15
N LYS B 80 -0.08 34.21 22.77
CA LYS B 80 -0.02 35.45 22.02
C LYS B 80 -0.66 35.32 20.64
N ILE B 81 -0.33 34.24 19.92
CA ILE B 81 -0.89 34.04 18.59
C ILE B 81 -2.40 33.88 18.68
N GLY B 82 -2.88 33.12 19.65
CA GLY B 82 -4.32 32.93 19.80
C GLY B 82 -5.03 34.19 20.21
N THR B 83 -4.41 35.03 21.05
CA THR B 83 -5.03 36.30 21.42
C THR B 83 -5.20 37.19 20.20
N ILE B 84 -4.15 37.32 19.39
CA ILE B 84 -4.27 38.18 18.20
C ILE B 84 -5.23 37.56 17.20
N LEU B 85 -5.22 36.23 17.07
CA LEU B 85 -6.16 35.54 16.18
C LEU B 85 -7.60 35.75 16.61
N ALA B 86 -7.87 35.66 17.91
CA ALA B 86 -9.20 35.89 18.43
C ALA B 86 -9.64 37.32 18.17
N LYS B 87 -8.72 38.28 18.35
CA LYS B 87 -9.05 39.66 18.04
C LYS B 87 -9.31 39.86 16.56
N GLU B 88 -8.65 39.09 15.69
CA GLU B 88 -8.66 39.39 14.27
C GLU B 88 -9.77 38.69 13.50
N VAL B 89 -10.15 37.47 13.87
CA VAL B 89 -11.24 36.81 13.16
C VAL B 89 -12.46 36.61 14.07
N ALA B 90 -12.49 37.30 15.21
CA ALA B 90 -13.60 37.24 16.15
C ALA B 90 -13.89 35.80 16.57
N LYS B 91 -12.83 35.04 16.79
CA LYS B 91 -12.91 33.67 17.26
C LYS B 91 -12.78 33.65 18.77
N GLY B 92 -13.42 32.66 19.40
CA GLY B 92 -13.30 32.51 20.84
C GLY B 92 -11.85 32.39 21.26
N ILE B 93 -11.47 33.07 22.34
CA ILE B 93 -10.05 33.13 22.71
C ILE B 93 -9.52 31.73 23.00
N LYS B 94 -10.26 30.93 23.75
CA LYS B 94 -9.79 29.58 24.05
C LYS B 94 -9.88 28.70 22.82
N ALA B 95 -10.88 28.92 21.97
CA ALA B 95 -10.94 28.24 20.68
C ALA B 95 -9.78 28.65 19.78
N ALA B 96 -9.38 29.92 19.82
CA ALA B 96 -8.24 30.36 19.02
C ALA B 96 -6.95 29.72 19.50
N ILE B 97 -6.74 29.66 20.82
CA ILE B 97 -5.56 28.99 21.35
C ILE B 97 -5.59 27.51 20.99
N GLY B 98 -6.78 26.90 21.03
CA GLY B 98 -6.92 25.52 20.58
C GLY B 98 -6.58 25.35 19.11
N GLU B 99 -6.91 26.35 18.28
CA GLU B 99 -6.52 26.30 16.88
C GLU B 99 -5.01 26.34 16.74
N VAL B 100 -4.34 27.18 17.52
CA VAL B 100 -2.88 27.25 17.44
C VAL B 100 -2.26 25.92 17.88
N VAL B 101 -2.82 25.31 18.92
CA VAL B 101 -2.31 24.01 19.38
C VAL B 101 -2.53 22.93 18.32
N ARG B 102 -3.72 22.90 17.70
CA ARG B 102 -3.97 21.93 16.65
C ARG B 102 -3.08 22.18 15.45
N THR B 103 -2.75 23.44 15.18
CA THR B 103 -1.80 23.76 14.12
C THR B 103 -0.44 23.17 14.41
N ALA B 104 0.03 23.33 15.64
CA ALA B 104 1.32 22.73 15.99
C ALA B 104 1.28 21.21 15.84
N ASP B 105 0.19 20.58 16.28
CA ASP B 105 0.06 19.13 16.15
C ASP B 105 0.00 18.70 14.69
N LEU B 106 -0.68 19.48 13.85
CA LEU B 106 -0.73 19.17 12.42
C LEU B 106 0.66 19.29 11.79
N ILE B 107 1.42 20.32 12.16
CA ILE B 107 2.76 20.47 11.62
C ILE B 107 3.63 19.30 12.02
N ARG B 108 3.54 18.87 13.28
CA ARG B 108 4.29 17.71 13.72
C ARG B 108 3.90 16.44 12.96
N TYR B 109 2.60 16.20 12.81
CA TYR B 109 2.15 15.00 12.12
C TYR B 109 2.56 15.02 10.65
N ALA B 110 2.47 16.17 10.00
CA ALA B 110 2.89 16.26 8.60
C ALA B 110 4.39 16.05 8.47
N ALA B 111 5.17 16.59 9.40
CA ALA B 111 6.61 16.38 9.36
C ALA B 111 6.96 14.91 9.50
N GLU B 112 6.28 14.20 10.41
CA GLU B 112 6.58 12.79 10.60
C GLU B 112 5.95 11.90 9.53
N GLU B 113 4.95 12.40 8.79
CA GLU B 113 4.32 11.63 7.74
C GLU B 113 5.06 11.78 6.41
N GLY B 114 5.69 12.92 6.17
CA GLY B 114 6.49 13.07 4.98
C GLY B 114 7.81 12.36 5.00
N LEU B 115 8.21 11.82 6.15
CA LEU B 115 9.42 11.01 6.25
C LEU B 115 9.21 9.60 5.74
N ARG B 116 7.97 9.17 5.58
CA ARG B 116 7.65 7.76 5.34
C ARG B 116 7.00 7.54 3.98
N ILE B 117 7.12 8.51 3.07
CA ILE B 117 6.59 8.36 1.73
C ILE B 117 7.49 7.37 0.99
N THR B 118 6.98 6.16 0.77
CA THR B 118 7.73 5.09 0.14
C THR B 118 7.28 4.92 -1.30
N GLY B 119 8.24 4.78 -2.20
CA GLY B 119 7.95 4.57 -3.60
C GLY B 119 7.63 3.12 -3.90
N GLN B 120 7.63 2.80 -5.19
CA GLN B 120 7.35 1.45 -5.66
C GLN B 120 8.45 0.98 -6.60
N ALA B 121 8.60 -0.33 -6.68
CA ALA B 121 9.57 -0.98 -7.56
C ALA B 121 8.77 -2.00 -8.38
N MET B 122 8.32 -1.58 -9.55
CA MET B 122 7.40 -2.37 -10.35
C MET B 122 8.16 -3.21 -11.37
N GLU B 123 7.60 -4.37 -11.69
CA GLU B 123 8.19 -5.26 -12.67
C GLU B 123 7.25 -5.40 -13.87
N GLY B 124 7.82 -5.48 -15.05
CA GLY B 124 7.01 -5.59 -16.23
C GLY B 124 6.53 -6.97 -16.58
N GLY B 125 6.95 -7.98 -15.83
CA GLY B 125 6.65 -9.36 -16.18
C GLY B 125 5.21 -9.75 -16.02
N GLY B 126 4.47 -9.06 -15.14
CA GLY B 126 3.06 -9.35 -14.99
C GLY B 126 2.20 -8.83 -16.12
N PHE B 127 2.67 -7.83 -16.86
CA PHE B 127 1.92 -7.30 -17.97
C PHE B 127 2.25 -8.00 -19.28
N GLU B 128 3.53 -8.25 -19.54
CA GLU B 128 3.94 -8.94 -20.75
C GLU B 128 5.27 -9.63 -20.50
N ALA B 129 5.48 -10.75 -21.17
CA ALA B 129 6.70 -11.53 -20.95
C ALA B 129 7.92 -10.87 -21.57
N ALA B 130 7.70 -10.00 -22.57
CA ALA B 130 8.83 -9.31 -23.20
C ALA B 130 9.48 -8.34 -22.24
N SER B 131 8.72 -7.81 -21.29
CA SER B 131 9.20 -6.83 -20.34
C SER B 131 9.50 -7.41 -18.97
N LYS B 132 9.77 -8.71 -18.89
CA LYS B 132 9.98 -9.35 -17.60
C LYS B 132 11.20 -8.80 -16.88
N ASN B 133 12.15 -8.20 -17.61
CA ASN B 133 13.41 -7.75 -17.05
C ASN B 133 13.44 -6.24 -16.83
N LYS B 134 12.32 -5.56 -16.98
CA LYS B 134 12.23 -4.13 -16.73
C LYS B 134 11.81 -3.89 -15.30
N LEU B 135 12.48 -2.94 -14.65
CA LEU B 135 12.14 -2.53 -13.30
C LEU B 135 11.93 -1.02 -13.29
N ALA B 136 10.75 -0.58 -12.88
CA ALA B 136 10.46 0.84 -12.71
C ALA B 136 10.55 1.17 -11.23
N VAL B 137 11.45 2.08 -10.88
CA VAL B 137 11.58 2.59 -9.53
C VAL B 137 10.79 3.88 -9.47
N VAL B 138 9.55 3.80 -9.01
CA VAL B 138 8.63 4.92 -9.01
C VAL B 138 8.74 5.64 -7.67
N ARG B 139 8.97 6.93 -7.70
CA ARG B 139 9.12 7.72 -6.49
C ARG B 139 8.42 9.06 -6.68
N ARG B 140 8.48 9.89 -5.65
CA ARG B 140 7.80 11.18 -5.62
C ARG B 140 8.84 12.30 -5.57
N GLU B 141 8.59 13.36 -6.30
CA GLU B 141 9.47 14.51 -6.32
C GLU B 141 8.64 15.79 -6.21
N PRO B 142 9.20 16.84 -5.61
CA PRO B 142 8.43 18.07 -5.40
C PRO B 142 7.93 18.65 -6.72
N VAL B 143 6.73 19.22 -6.67
CA VAL B 143 6.23 19.96 -7.83
C VAL B 143 7.03 21.24 -8.04
N GLY B 144 7.54 21.82 -6.96
CA GLY B 144 8.28 23.05 -7.06
C GLY B 144 7.81 24.10 -6.08
N ILE B 145 7.26 25.19 -6.58
CA ILE B 145 6.71 26.25 -5.75
C ILE B 145 5.23 25.99 -5.53
N VAL B 146 4.82 25.84 -4.28
CA VAL B 146 3.43 25.65 -3.91
C VAL B 146 2.90 26.99 -3.43
N LEU B 147 1.83 27.46 -4.05
CA LEU B 147 1.16 28.69 -3.63
C LEU B 147 -0.03 28.31 -2.77
N ALA B 148 0.06 28.58 -1.47
CA ALA B 148 -1.00 28.30 -0.53
C ALA B 148 -1.81 29.56 -0.28
N ILE B 149 -3.12 29.47 -0.43
CA ILE B 149 -4.02 30.58 -0.17
C ILE B 149 -5.04 30.13 0.87
N ALA B 150 -5.15 30.89 1.95
CA ALA B 150 -5.91 30.47 3.11
C ALA B 150 -7.17 31.29 3.28
N PRO B 151 -8.21 30.74 3.90
CA PRO B 151 -9.41 31.51 4.20
C PRO B 151 -9.32 32.15 5.57
N PHE B 152 -10.28 33.03 5.85
CA PHE B 152 -10.21 33.84 7.06
C PHE B 152 -10.45 33.04 8.34
N ASN B 153 -11.33 32.02 8.30
CA ASN B 153 -11.79 31.42 9.53
C ASN B 153 -10.70 30.62 10.22
N TYR B 154 -9.79 30.02 9.46
CA TYR B 154 -8.64 29.32 10.01
C TYR B 154 -7.40 29.80 9.27
N PRO B 155 -6.92 31.00 9.56
CA PRO B 155 -5.75 31.52 8.86
C PRO B 155 -4.44 30.92 9.32
N VAL B 156 -4.43 30.22 10.46
CA VAL B 156 -3.26 29.52 10.96
C VAL B 156 -3.33 28.04 10.65
N ASN B 157 -4.45 27.40 10.99
CA ASN B 157 -4.57 25.97 10.81
C ASN B 157 -4.65 25.60 9.34
N LEU B 158 -5.46 26.33 8.57
CA LEU B 158 -5.58 26.04 7.15
C LEU B 158 -4.45 26.66 6.33
N SER B 159 -3.58 27.45 6.95
CA SER B 159 -2.31 27.78 6.30
C SER B 159 -1.28 26.69 6.52
N ALA B 160 -1.17 26.21 7.75
CA ALA B 160 -0.22 25.14 8.04
C ALA B 160 -0.59 23.85 7.35
N SER B 161 -1.89 23.58 7.17
CA SER B 161 -2.31 22.37 6.48
C SER B 161 -1.90 22.36 5.02
N LYS B 162 -1.49 23.49 4.47
CA LYS B 162 -0.90 23.56 3.14
C LYS B 162 0.61 23.72 3.17
N ILE B 163 1.15 24.38 4.19
CA ILE B 163 2.57 24.63 4.26
C ILE B 163 3.33 23.38 4.68
N ALA B 164 2.94 22.77 5.79
CA ALA B 164 3.71 21.62 6.30
C ALA B 164 3.71 20.44 5.34
N PRO B 165 2.57 20.01 4.77
CA PRO B 165 2.63 18.95 3.75
C PRO B 165 3.44 19.34 2.53
N ALA B 166 3.47 20.61 2.15
CA ALA B 166 4.29 21.04 1.03
C ALA B 166 5.76 21.10 1.41
N LEU B 167 6.07 21.58 2.60
CA LEU B 167 7.47 21.76 2.97
C LEU B 167 8.16 20.42 3.20
N ILE B 168 7.46 19.46 3.82
CA ILE B 168 8.11 18.18 4.09
C ILE B 168 8.34 17.40 2.80
N ALA B 169 7.53 17.65 1.78
CA ALA B 169 7.70 16.96 0.50
C ALA B 169 8.87 17.47 -0.31
N GLY B 170 9.46 18.60 0.07
CA GLY B 170 10.54 19.20 -0.66
C GLY B 170 10.17 20.43 -1.45
N ASN B 171 8.91 20.84 -1.42
CA ASN B 171 8.47 22.06 -2.09
C ASN B 171 8.82 23.28 -1.25
N VAL B 172 8.90 24.41 -1.92
CA VAL B 172 8.94 25.70 -1.24
C VAL B 172 7.54 26.29 -1.33
N VAL B 173 7.16 27.05 -0.32
CA VAL B 173 5.78 27.48 -0.14
C VAL B 173 5.70 28.99 -0.26
N MET B 174 4.69 29.46 -0.98
CA MET B 174 4.33 30.87 -1.05
C MET B 174 2.98 30.99 -0.35
N LEU B 175 2.95 31.65 0.80
CA LEU B 175 1.72 31.74 1.57
C LEU B 175 1.03 33.06 1.27
N LYS B 176 -0.25 32.98 0.95
CA LYS B 176 -1.12 34.15 0.79
C LYS B 176 -2.19 34.06 1.87
N PRO B 177 -1.98 34.71 3.02
CA PRO B 177 -2.99 34.66 4.07
C PRO B 177 -4.15 35.59 3.75
N PRO B 178 -5.34 35.33 4.28
CA PRO B 178 -6.47 36.22 4.02
C PRO B 178 -6.19 37.59 4.64
N THR B 179 -6.79 38.64 4.05
CA THR B 179 -6.54 39.98 4.56
C THR B 179 -7.03 40.12 6.00
N GLN B 180 -8.20 39.55 6.31
CA GLN B 180 -8.67 39.47 7.68
C GLN B 180 -8.18 38.15 8.26
N GLY B 181 -6.92 38.16 8.68
CA GLY B 181 -6.25 36.93 9.06
C GLY B 181 -4.80 36.98 8.64
N SER B 182 -4.42 38.03 7.90
CA SER B 182 -3.03 38.18 7.46
C SER B 182 -2.11 38.37 8.65
N ILE B 183 -2.60 38.97 9.73
CA ILE B 183 -1.77 39.10 10.93
C ILE B 183 -1.42 37.73 11.48
N SER B 184 -2.39 36.83 11.54
CA SER B 184 -2.12 35.49 12.04
C SER B 184 -1.25 34.70 11.08
N GLY B 185 -1.42 34.89 9.78
CA GLY B 185 -0.52 34.26 8.83
C GLY B 185 0.90 34.75 8.97
N LEU B 186 1.07 36.05 9.24
CA LEU B 186 2.41 36.57 9.46
C LEU B 186 2.98 36.15 10.80
N LEU B 187 2.14 35.82 11.77
CA LEU B 187 2.66 35.23 13.00
C LEU B 187 3.09 33.78 12.80
N LEU B 188 2.36 33.04 11.97
CA LEU B 188 2.83 31.72 11.56
C LEU B 188 4.16 31.82 10.82
N ALA B 189 4.30 32.84 9.97
CA ALA B 189 5.59 33.09 9.33
C ALA B 189 6.65 33.49 10.35
N LYS B 190 6.26 34.26 11.37
CA LYS B 190 7.16 34.61 12.47
C LYS B 190 7.76 33.35 13.06
N ALA B 191 6.90 32.38 13.37
CA ALA B 191 7.37 31.11 13.95
C ALA B 191 8.23 30.32 12.96
N PHE B 192 7.83 30.28 11.69
CA PHE B 192 8.59 29.54 10.69
C PHE B 192 9.99 30.12 10.52
N GLU B 193 10.11 31.44 10.57
CA GLU B 193 11.41 32.08 10.46
C GLU B 193 12.24 31.88 11.72
N GLU B 194 11.61 31.96 12.90
CA GLU B 194 12.35 31.72 14.12
C GLU B 194 12.86 30.29 14.21
N ALA B 195 12.14 29.35 13.63
CA ALA B 195 12.59 27.96 13.62
C ALA B 195 13.84 27.77 12.78
N GLY B 196 14.22 28.77 11.99
CA GLY B 196 15.40 28.69 11.17
C GLY B 196 15.18 28.18 9.77
N ILE B 197 13.95 28.27 9.25
CA ILE B 197 13.68 27.78 7.89
C ILE B 197 14.60 28.51 6.93
N PRO B 198 15.18 27.83 5.94
CA PRO B 198 16.14 28.51 5.06
C PRO B 198 15.48 29.65 4.30
N ALA B 199 16.30 30.66 3.98
CA ALA B 199 15.80 31.85 3.31
C ALA B 199 15.20 31.49 1.96
N GLY B 200 13.97 31.92 1.73
CA GLY B 200 13.28 31.66 0.48
C GLY B 200 12.48 30.39 0.45
N VAL B 201 12.65 29.51 1.43
CA VAL B 201 11.88 28.27 1.46
C VAL B 201 10.42 28.55 1.77
N PHE B 202 10.15 29.49 2.67
CA PHE B 202 8.79 29.87 3.03
C PHE B 202 8.67 31.38 2.94
N ASN B 203 7.78 31.86 2.08
CA ASN B 203 7.54 33.28 1.88
C ASN B 203 6.06 33.57 2.05
N THR B 204 5.74 34.81 2.39
CA THR B 204 4.37 35.27 2.52
C THR B 204 4.10 36.42 1.57
N ILE B 205 2.90 36.43 1.00
CA ILE B 205 2.42 37.51 0.15
C ILE B 205 1.14 38.02 0.79
N THR B 206 1.16 39.26 1.24
CA THR B 206 -0.03 39.89 1.78
C THR B 206 -0.54 40.94 0.80
N GLY B 207 -1.84 41.16 0.83
CA GLY B 207 -2.50 42.09 -0.05
C GLY B 207 -3.91 41.63 -0.34
N ARG B 208 -4.69 42.51 -0.96
CA ARG B 208 -6.05 42.15 -1.30
C ARG B 208 -6.03 41.06 -2.35
N GLY B 209 -6.80 40.00 -2.14
CA GLY B 209 -6.92 38.99 -3.17
C GLY B 209 -7.54 39.53 -4.44
N SER B 210 -8.44 40.50 -4.31
CA SER B 210 -9.09 41.06 -5.49
C SER B 210 -8.11 41.79 -6.40
N GLU B 211 -6.91 42.11 -5.90
CA GLU B 211 -5.93 42.85 -6.69
C GLU B 211 -4.63 42.08 -6.89
N ILE B 212 -4.16 41.35 -5.87
CA ILE B 212 -2.92 40.59 -6.02
C ILE B 212 -3.18 39.13 -6.32
N GLY B 213 -4.42 38.67 -6.17
CA GLY B 213 -4.68 37.25 -6.26
C GLY B 213 -4.49 36.67 -7.64
N ASP B 214 -5.06 37.32 -8.66
CA ASP B 214 -4.94 36.82 -10.02
C ASP B 214 -3.51 36.82 -10.50
N TYR B 215 -2.72 37.84 -10.13
CA TYR B 215 -1.34 37.91 -10.58
C TYR B 215 -0.53 36.74 -10.06
N ILE B 216 -0.70 36.37 -8.79
CA ILE B 216 0.07 35.27 -8.23
C ILE B 216 -0.53 33.92 -8.59
N ILE B 217 -1.82 33.85 -8.91
CA ILE B 217 -2.40 32.60 -9.40
C ILE B 217 -1.89 32.28 -10.80
N GLU B 218 -1.83 33.28 -11.67
CA GLU B 218 -1.38 33.09 -13.04
C GLU B 218 0.12 33.20 -13.19
N HIS B 219 0.85 33.24 -12.08
CA HIS B 219 2.28 33.50 -12.14
C HIS B 219 3.01 32.35 -12.83
N LYS B 220 4.14 32.70 -13.43
CA LYS B 220 5.00 31.78 -14.16
C LYS B 220 5.59 30.70 -13.27
N GLU B 221 6.00 31.06 -12.06
CA GLU B 221 6.77 30.17 -11.19
C GLU B 221 5.89 29.21 -10.42
N VAL B 222 4.65 29.59 -10.13
CA VAL B 222 3.75 28.75 -9.33
C VAL B 222 3.55 27.41 -10.02
N ASN B 223 3.93 26.34 -9.34
CA ASN B 223 3.80 24.99 -9.87
C ASN B 223 2.62 24.24 -9.28
N PHE B 224 1.97 24.80 -8.26
CA PHE B 224 0.87 24.14 -7.58
C PHE B 224 0.09 25.19 -6.81
N ILE B 225 -1.24 25.14 -6.85
CA ILE B 225 -2.08 26.09 -6.15
C ILE B 225 -2.94 25.33 -5.16
N ASN B 226 -2.76 25.59 -3.88
CA ASN B 226 -3.57 25.02 -2.82
C ASN B 226 -4.43 26.15 -2.27
N PHE B 227 -5.71 26.13 -2.60
CA PHE B 227 -6.63 27.22 -2.29
C PHE B 227 -7.76 26.72 -1.43
N THR B 228 -8.07 27.46 -0.37
CA THR B 228 -9.25 27.20 0.47
C THR B 228 -10.04 28.48 0.56
N GLY B 229 -11.29 28.45 0.12
CA GLY B 229 -12.07 29.67 0.07
C GLY B 229 -13.43 29.40 -0.52
N SER B 230 -14.08 30.47 -0.98
CA SER B 230 -15.44 30.34 -1.50
C SER B 230 -15.43 29.69 -2.88
N THR B 231 -16.56 29.08 -3.22
CA THR B 231 -16.69 28.48 -4.54
C THR B 231 -16.56 29.48 -5.69
N PRO B 232 -17.13 30.69 -5.64
CA PRO B 232 -16.91 31.62 -6.76
C PRO B 232 -15.44 31.90 -7.04
N ILE B 233 -14.61 32.02 -6.01
CA ILE B 233 -13.20 32.27 -6.24
C ILE B 233 -12.48 30.99 -6.62
N GLY B 234 -12.92 29.85 -6.09
CA GLY B 234 -12.30 28.59 -6.45
C GLY B 234 -12.53 28.21 -7.90
N GLU B 235 -13.71 28.50 -8.42
CA GLU B 235 -13.97 28.25 -9.84
C GLU B 235 -13.07 29.10 -10.72
N ARG B 236 -12.95 30.38 -10.39
CA ARG B 236 -12.07 31.28 -11.11
C ARG B 236 -10.62 30.81 -11.05
N ILE B 237 -10.15 30.37 -9.89
CA ILE B 237 -8.77 29.94 -9.74
C ILE B 237 -8.52 28.67 -10.54
N GLY B 238 -9.42 27.69 -10.44
CA GLY B 238 -9.27 26.48 -11.24
C GLY B 238 -9.35 26.74 -12.73
N ARG B 239 -10.07 27.78 -13.13
CA ARG B 239 -10.15 28.17 -14.53
C ARG B 239 -8.92 28.96 -15.01
N LEU B 240 -8.31 29.75 -14.13
CA LEU B 240 -7.11 30.51 -14.45
C LEU B 240 -5.83 29.69 -14.37
N ALA B 241 -5.79 28.69 -13.50
CA ALA B 241 -4.62 27.82 -13.40
C ALA B 241 -4.42 27.02 -14.67
N GLY B 242 -5.50 26.68 -15.35
CA GLY B 242 -5.40 25.95 -16.58
C GLY B 242 -4.99 24.51 -16.37
N MET B 243 -3.75 24.20 -16.71
CA MET B 243 -3.23 22.85 -16.69
C MET B 243 -2.44 22.53 -15.43
N ARG B 244 -2.04 23.54 -14.66
CA ARG B 244 -1.25 23.32 -13.47
C ARG B 244 -2.08 22.60 -12.40
N PRO B 245 -1.44 21.79 -11.56
CA PRO B 245 -2.18 21.08 -10.52
C PRO B 245 -2.74 22.06 -9.50
N ILE B 246 -3.93 21.75 -8.99
CA ILE B 246 -4.58 22.57 -7.98
C ILE B 246 -5.25 21.66 -6.96
N MET B 247 -5.33 22.16 -5.73
CA MET B 247 -6.31 21.69 -4.77
C MET B 247 -7.25 22.84 -4.46
N LEU B 248 -8.54 22.54 -4.42
CA LEU B 248 -9.54 23.51 -4.04
C LEU B 248 -10.34 22.94 -2.89
N GLU B 249 -10.50 23.73 -1.84
CA GLU B 249 -11.38 23.42 -0.72
C GLU B 249 -12.42 24.53 -0.70
N LEU B 250 -13.52 24.32 -1.40
CA LEU B 250 -14.50 25.37 -1.63
C LEU B 250 -15.64 25.24 -0.63
N GLY B 251 -16.74 25.93 -0.91
CA GLY B 251 -17.84 25.97 0.02
C GLY B 251 -18.50 24.61 0.18
N GLY B 252 -19.26 24.50 1.26
CA GLY B 252 -20.01 23.28 1.49
C GLY B 252 -21.27 23.52 2.29
N LYS B 253 -22.40 23.06 1.78
CA LYS B 253 -23.66 23.11 2.50
C LYS B 253 -23.98 21.71 3.03
N ASP B 254 -23.25 21.33 4.07
CA ASP B 254 -23.33 19.97 4.58
C ASP B 254 -24.70 19.71 5.19
N ALA B 255 -25.22 18.50 4.97
CA ALA B 255 -26.53 18.11 5.44
C ALA B 255 -26.41 17.15 6.61
N ALA B 256 -27.46 17.09 7.41
CA ALA B 256 -27.56 16.17 8.54
C ALA B 256 -28.84 15.36 8.32
N LEU B 257 -28.73 14.24 7.63
CA LEU B 257 -29.88 13.38 7.36
C LEU B 257 -30.26 12.65 8.64
N VAL B 258 -31.38 13.04 9.24
CA VAL B 258 -31.89 12.39 10.45
C VAL B 258 -33.04 11.49 10.05
N LEU B 259 -32.90 10.20 10.33
CA LEU B 259 -33.90 9.23 9.95
C LEU B 259 -34.82 8.95 11.14
N GLU B 260 -35.81 8.07 10.93
CA GLU B 260 -36.79 7.81 11.97
C GLU B 260 -36.18 7.03 13.12
N ASP B 261 -35.41 6.00 12.83
CA ASP B 261 -34.74 5.20 13.86
C ASP B 261 -33.40 5.83 14.22
N ALA B 262 -33.46 7.03 14.78
CA ALA B 262 -32.27 7.77 15.15
C ALA B 262 -32.36 8.21 16.61
N ASP B 263 -31.21 8.36 17.24
CA ASP B 263 -31.13 8.88 18.60
C ASP B 263 -31.25 10.40 18.49
N LEU B 264 -32.48 10.90 18.66
CA LEU B 264 -32.73 12.30 18.37
C LEU B 264 -32.03 13.24 19.33
N GLU B 265 -31.80 12.82 20.59
CA GLU B 265 -31.08 13.68 21.51
C GLU B 265 -29.61 13.81 21.10
N HIS B 266 -28.96 12.68 20.82
CA HIS B 266 -27.59 12.72 20.32
C HIS B 266 -27.51 13.42 18.98
N ALA B 267 -28.48 13.16 18.10
CA ALA B 267 -28.50 13.81 16.80
C ALA B 267 -28.59 15.32 16.95
N ALA B 268 -29.48 15.79 17.83
CA ALA B 268 -29.63 17.22 18.04
C ALA B 268 -28.39 17.84 18.66
N LYS B 269 -27.80 17.17 19.65
CA LYS B 269 -26.57 17.67 20.25
C LYS B 269 -25.48 17.82 19.20
N GLN B 270 -25.27 16.78 18.39
CA GLN B 270 -24.24 16.81 17.36
C GLN B 270 -24.53 17.87 16.30
N ILE B 271 -25.80 17.98 15.89
CA ILE B 271 -26.15 18.93 14.84
C ILE B 271 -25.93 20.36 15.30
N VAL B 272 -26.31 20.67 16.54
CA VAL B 272 -26.11 22.04 17.02
C VAL B 272 -24.63 22.31 17.26
N ALA B 273 -23.89 21.32 17.76
CA ALA B 273 -22.46 21.51 17.98
C ALA B 273 -21.74 21.77 16.66
N GLY B 274 -22.10 21.04 15.61
CA GLY B 274 -21.46 21.26 14.32
C GLY B 274 -21.95 22.52 13.63
N ALA B 275 -23.24 22.81 13.72
CA ALA B 275 -23.83 23.87 12.91
C ALA B 275 -23.45 25.25 13.40
N PHE B 276 -23.40 25.45 14.72
CA PHE B 276 -23.22 26.78 15.28
C PHE B 276 -21.86 26.95 15.94
N SER B 277 -20.91 26.06 15.66
CA SER B 277 -19.56 26.24 16.16
C SER B 277 -18.88 27.34 15.37
N TYR B 278 -18.30 28.31 16.07
CA TYR B 278 -17.70 29.50 15.47
C TYR B 278 -18.75 30.26 14.65
N SER B 279 -19.94 30.42 15.23
CA SER B 279 -21.02 31.19 14.62
C SER B 279 -21.39 30.65 13.23
N GLY B 280 -21.29 29.34 13.07
CA GLY B 280 -21.55 28.74 11.78
C GLY B 280 -20.49 29.03 10.74
N GLN B 281 -19.37 29.64 11.15
CA GLN B 281 -18.33 30.06 10.24
C GLN B 281 -17.26 29.00 10.03
N ARG B 282 -17.65 27.73 10.02
CA ARG B 282 -16.81 26.68 9.47
C ARG B 282 -17.49 26.14 8.23
N CYS B 283 -16.69 25.82 7.21
CA CYS B 283 -17.26 25.29 5.98
C CYS B 283 -17.66 23.83 6.11
N THR B 284 -16.90 23.05 6.89
CA THR B 284 -17.31 21.69 7.22
C THR B 284 -18.16 21.74 8.49
N ALA B 285 -19.42 22.11 8.30
CA ALA B 285 -20.38 22.24 9.39
C ALA B 285 -21.75 21.90 8.84
N ILE B 286 -22.61 21.33 9.71
CA ILE B 286 -23.97 21.07 9.31
C ILE B 286 -24.66 22.38 8.98
N LYS B 287 -25.05 22.54 7.71
CA LYS B 287 -25.77 23.72 7.26
C LYS B 287 -27.21 23.41 6.87
N ARG B 288 -27.56 22.14 6.75
CA ARG B 288 -28.93 21.72 6.50
C ARG B 288 -29.28 20.60 7.46
N VAL B 289 -30.54 20.56 7.87
CA VAL B 289 -31.09 19.42 8.59
C VAL B 289 -32.21 18.86 7.73
N ILE B 290 -32.01 17.65 7.23
CA ILE B 290 -33.00 16.96 6.42
C ILE B 290 -33.55 15.83 7.26
N VAL B 291 -34.74 16.01 7.80
CA VAL B 291 -35.32 15.11 8.79
C VAL B 291 -36.64 14.59 8.25
N LEU B 292 -36.93 13.32 8.51
CA LEU B 292 -38.16 12.71 8.04
C LEU B 292 -39.38 13.29 8.76
N GLU B 293 -40.55 12.91 8.26
CA GLU B 293 -41.81 13.43 8.79
C GLU B 293 -42.05 12.98 10.23
N SER B 294 -41.71 11.74 10.56
CA SER B 294 -42.08 11.15 11.84
C SER B 294 -41.36 11.82 13.00
N VAL B 295 -40.05 12.01 12.90
CA VAL B 295 -39.23 12.50 14.00
C VAL B 295 -38.94 13.99 13.86
N ALA B 296 -39.56 14.67 12.89
CA ALA B 296 -39.21 16.06 12.61
C ALA B 296 -39.56 16.95 13.79
N ASP B 297 -40.71 16.73 14.43
CA ASP B 297 -41.15 17.62 15.49
C ASP B 297 -40.27 17.45 16.73
N LYS B 298 -39.99 16.21 17.12
CA LYS B 298 -39.12 15.97 18.26
C LYS B 298 -37.72 16.51 18.00
N LEU B 299 -37.19 16.28 16.79
CA LEU B 299 -35.87 16.80 16.47
C LEU B 299 -35.86 18.32 16.48
N ALA B 300 -36.93 18.94 15.99
CA ALA B 300 -37.00 20.40 15.98
C ALA B 300 -37.04 20.95 17.40
N THR B 301 -37.77 20.29 18.31
CA THR B 301 -37.79 20.74 19.70
C THR B 301 -36.42 20.62 20.34
N LEU B 302 -35.76 19.47 20.15
CA LEU B 302 -34.44 19.27 20.74
C LEU B 302 -33.43 20.24 20.16
N LEU B 303 -33.44 20.43 18.84
CA LEU B 303 -32.56 21.38 18.21
C LEU B 303 -32.79 22.79 18.72
N GLN B 304 -34.05 23.18 18.89
CA GLN B 304 -34.36 24.53 19.32
C GLN B 304 -33.89 24.78 20.75
N GLU B 305 -34.04 23.79 21.63
CA GLU B 305 -33.56 24.01 22.99
C GLU B 305 -32.03 24.03 23.04
N GLU B 306 -31.38 23.19 22.21
CA GLU B 306 -29.93 23.20 22.18
C GLU B 306 -29.40 24.54 21.67
N VAL B 307 -30.04 25.10 20.64
CA VAL B 307 -29.65 26.43 20.16
C VAL B 307 -29.94 27.48 21.23
N SER B 308 -31.02 27.31 21.99
CA SER B 308 -31.31 28.23 23.08
C SER B 308 -30.24 28.19 24.17
N LYS B 309 -29.55 27.06 24.32
CA LYS B 309 -28.45 26.98 25.27
C LYS B 309 -27.23 27.80 24.88
N LEU B 310 -27.13 28.24 23.63
CA LEU B 310 -25.90 28.86 23.16
C LEU B 310 -25.73 30.26 23.73
N THR B 311 -24.49 30.60 24.08
CA THR B 311 -24.14 31.91 24.61
C THR B 311 -23.65 32.79 23.46
N VAL B 312 -24.17 34.01 23.40
CA VAL B 312 -23.91 34.93 22.30
C VAL B 312 -23.26 36.18 22.88
N GLY B 313 -22.08 36.52 22.37
CA GLY B 313 -21.37 37.69 22.87
C GLY B 313 -19.94 37.83 22.41
N ASP B 314 -19.08 38.24 23.33
CA ASP B 314 -17.68 38.58 23.05
C ASP B 314 -16.85 37.30 22.87
N PRO B 315 -15.90 37.32 21.92
CA PRO B 315 -14.98 36.19 21.80
C PRO B 315 -14.15 35.92 23.05
N PHE B 316 -13.78 36.97 23.79
CA PHE B 316 -12.94 36.78 24.96
C PHE B 316 -13.73 36.35 26.19
N ASP B 317 -15.06 36.35 26.10
CA ASP B 317 -15.91 35.66 27.06
C ASP B 317 -16.21 34.23 26.64
N ASN B 318 -15.54 33.75 25.58
CA ASN B 318 -15.69 32.38 25.07
C ASN B 318 -17.15 32.07 24.72
N ALA B 319 -17.82 33.06 24.13
CA ALA B 319 -19.20 32.88 23.69
C ALA B 319 -19.26 31.87 22.55
N ASP B 320 -20.30 31.04 22.56
CA ASP B 320 -20.49 30.08 21.47
C ASP B 320 -20.74 30.80 20.16
N ILE B 321 -21.52 31.87 20.18
CA ILE B 321 -21.82 32.66 19.00
C ILE B 321 -21.07 33.99 19.14
N THR B 322 -20.20 34.25 18.19
CA THR B 322 -19.36 35.43 18.13
C THR B 322 -19.73 36.26 16.90
N PRO B 323 -19.28 37.52 16.83
CA PRO B 323 -19.58 38.33 15.65
C PRO B 323 -19.05 37.69 14.37
N VAL B 324 -19.83 37.82 13.30
CA VAL B 324 -19.38 37.34 12.00
C VAL B 324 -18.27 38.24 11.50
N ILE B 325 -17.57 37.82 10.45
CA ILE B 325 -16.26 38.38 10.15
C ILE B 325 -16.36 39.86 9.78
N ASP B 326 -17.37 40.25 9.01
CA ASP B 326 -17.45 41.63 8.57
C ASP B 326 -18.91 41.98 8.31
N ASN B 327 -19.16 43.24 7.94
CA ASN B 327 -20.52 43.72 7.76
C ASN B 327 -21.18 43.10 6.54
N ALA B 328 -20.41 42.84 5.48
CA ALA B 328 -20.98 42.25 4.28
C ALA B 328 -21.51 40.85 4.54
N SER B 329 -20.76 40.05 5.31
CA SER B 329 -21.23 38.72 5.66
C SER B 329 -22.51 38.77 6.49
N ALA B 330 -22.56 39.71 7.44
CA ALA B 330 -23.77 39.88 8.24
C ALA B 330 -24.95 40.29 7.37
N ASP B 331 -24.72 41.19 6.41
CA ASP B 331 -25.79 41.59 5.51
C ASP B 331 -26.28 40.43 4.67
N PHE B 332 -25.37 39.59 4.18
CA PHE B 332 -25.78 38.44 3.39
C PHE B 332 -26.59 37.45 4.22
N ILE B 333 -26.13 37.16 5.43
CA ILE B 333 -26.85 36.24 6.31
C ILE B 333 -28.22 36.81 6.65
N TRP B 334 -28.28 38.11 6.92
CA TRP B 334 -29.56 38.76 7.22
C TRP B 334 -30.50 38.70 6.01
N GLY B 335 -29.96 38.85 4.81
CA GLY B 335 -30.80 38.71 3.63
C GLY B 335 -31.38 37.32 3.49
N LEU B 336 -30.57 36.30 3.77
CA LEU B 336 -31.09 34.94 3.74
C LEU B 336 -32.18 34.73 4.79
N ILE B 337 -31.97 35.28 5.99
CA ILE B 337 -32.97 35.17 7.04
C ILE B 337 -34.26 35.89 6.63
N GLU B 338 -34.13 37.06 6.02
CA GLU B 338 -35.30 37.81 5.58
C GLU B 338 -36.05 37.06 4.49
N ASP B 339 -35.33 36.42 3.56
CA ASP B 339 -35.99 35.60 2.56
C ASP B 339 -36.75 34.44 3.21
N ALA B 340 -36.13 33.77 4.18
CA ALA B 340 -36.79 32.66 4.84
C ALA B 340 -38.05 33.13 5.56
N GLN B 341 -37.98 34.29 6.23
CA GLN B 341 -39.16 34.83 6.88
C GLN B 341 -40.22 35.22 5.86
N GLU B 342 -39.81 35.75 4.71
CA GLU B 342 -40.73 36.07 3.64
C GLU B 342 -41.55 34.85 3.23
N LYS B 343 -40.88 33.71 3.05
CA LYS B 343 -41.54 32.51 2.53
C LYS B 343 -42.06 31.61 3.66
N GLU B 344 -42.39 32.19 4.80
CA GLU B 344 -43.13 31.52 5.87
C GLU B 344 -42.34 30.38 6.48
N ALA B 345 -41.12 30.69 6.92
CA ALA B 345 -40.30 29.74 7.64
C ALA B 345 -40.47 29.95 9.14
N GLN B 346 -40.68 28.86 9.87
CA GLN B 346 -40.93 28.93 11.30
C GLN B 346 -39.62 29.20 12.02
N ALA B 347 -39.38 30.47 12.36
CA ALA B 347 -38.19 30.83 13.11
C ALA B 347 -38.31 30.28 14.54
N LEU B 348 -37.51 29.27 14.85
CA LEU B 348 -37.61 28.60 16.14
C LEU B 348 -36.81 29.27 17.23
N THR B 349 -35.98 30.25 16.90
CA THR B 349 -35.15 30.98 17.85
C THR B 349 -35.26 32.47 17.59
N PRO B 350 -34.95 33.31 18.58
CA PRO B 350 -35.02 34.76 18.36
C PRO B 350 -34.12 35.19 17.21
N ILE B 351 -34.61 36.17 16.46
CA ILE B 351 -33.87 36.73 15.33
C ILE B 351 -33.48 38.17 15.66
N LYS B 352 -32.28 38.36 16.20
CA LYS B 352 -31.80 39.66 16.59
C LYS B 352 -30.41 39.90 16.00
N ARG B 353 -30.14 41.14 15.63
CA ARG B 353 -28.86 41.53 15.05
C ARG B 353 -28.36 42.79 15.74
N GLU B 354 -27.08 42.79 16.10
CA GLU B 354 -26.43 43.97 16.66
C GLU B 354 -25.24 44.37 15.81
N GLY B 355 -25.43 44.41 14.50
CA GLY B 355 -24.34 44.67 13.57
C GLY B 355 -23.70 43.37 13.07
N ASN B 356 -22.44 43.14 13.45
CA ASN B 356 -21.78 41.89 13.15
C ASN B 356 -22.27 40.76 14.03
N LEU B 357 -22.82 41.07 15.21
CA LEU B 357 -23.16 40.04 16.19
C LEU B 357 -24.59 39.60 15.93
N LEU B 358 -24.71 38.54 15.14
CA LEU B 358 -26.00 37.96 14.83
C LEU B 358 -26.34 36.86 15.83
N TRP B 359 -27.61 36.66 16.03
CA TRP B 359 -27.93 35.62 16.99
C TRP B 359 -28.35 34.34 16.28
N PRO B 360 -28.06 33.18 16.88
CA PRO B 360 -28.33 31.91 16.20
C PRO B 360 -29.79 31.75 15.83
N VAL B 361 -30.05 31.54 14.55
CA VAL B 361 -31.40 31.42 14.02
C VAL B 361 -31.61 29.98 13.57
N LEU B 362 -32.63 29.34 14.11
CA LEU B 362 -33.04 28.00 13.69
C LEU B 362 -34.36 28.12 12.96
N PHE B 363 -34.39 27.69 11.70
CA PHE B 363 -35.56 27.78 10.86
C PHE B 363 -36.16 26.40 10.67
N ASP B 364 -37.48 26.31 10.78
CA ASP B 364 -38.20 25.09 10.46
C ASP B 364 -39.13 25.33 9.29
N GLN B 365 -39.67 24.25 8.75
CA GLN B 365 -40.59 24.29 7.62
C GLN B 365 -39.94 24.96 6.41
N VAL B 366 -38.70 24.59 6.13
CA VAL B 366 -37.95 25.18 5.01
C VAL B 366 -38.21 24.36 3.76
N THR B 367 -38.50 25.06 2.66
CA THR B 367 -38.79 24.45 1.37
C THR B 367 -37.64 24.72 0.40
N LYS B 368 -37.84 24.34 -0.87
CA LYS B 368 -36.82 24.60 -1.88
C LYS B 368 -36.64 26.08 -2.14
N ASP B 369 -37.70 26.87 -1.96
CA ASP B 369 -37.75 28.23 -2.50
C ASP B 369 -36.99 29.24 -1.66
N MET B 370 -36.70 28.92 -0.40
CA MET B 370 -35.91 29.82 0.43
C MET B 370 -34.43 29.66 0.11
N LYS B 371 -33.74 30.79 -0.01
CA LYS B 371 -32.34 30.76 -0.37
C LYS B 371 -31.49 30.12 0.72
N VAL B 372 -31.98 30.12 1.96
CA VAL B 372 -31.24 29.51 3.05
C VAL B 372 -31.17 27.99 2.89
N ALA B 373 -32.07 27.40 2.12
CA ALA B 373 -32.00 25.97 1.88
C ALA B 373 -30.86 25.59 0.94
N TRP B 374 -30.40 26.53 0.12
CA TRP B 374 -29.37 26.28 -0.88
C TRP B 374 -28.10 27.07 -0.63
N GLU B 375 -28.20 28.38 -0.52
CA GLU B 375 -27.01 29.21 -0.38
C GLU B 375 -26.34 28.94 0.96
N GLU B 376 -25.01 28.92 0.94
CA GLU B 376 -24.24 28.75 2.17
C GLU B 376 -24.24 30.07 2.92
N PRO B 377 -25.01 30.19 4.00
CA PRO B 377 -25.04 31.48 4.70
C PRO B 377 -23.72 31.80 5.35
N PHE B 378 -22.98 30.75 5.70
CA PHE B 378 -21.69 30.86 6.34
C PHE B 378 -21.85 31.62 7.67
N GLY B 379 -22.99 31.43 8.33
CA GLY B 379 -23.32 32.13 9.54
C GLY B 379 -24.25 31.35 10.42
N PRO B 380 -24.67 31.94 11.53
CA PRO B 380 -25.47 31.22 12.54
C PRO B 380 -26.92 31.05 12.15
N VAL B 381 -27.15 30.38 11.03
CA VAL B 381 -28.49 30.03 10.55
C VAL B 381 -28.50 28.56 10.19
N LEU B 382 -29.49 27.82 10.68
CA LEU B 382 -29.63 26.40 10.41
C LEU B 382 -31.06 26.09 9.98
N PRO B 383 -31.29 25.90 8.68
CA PRO B 383 -32.63 25.49 8.23
C PRO B 383 -32.88 24.01 8.51
N ILE B 384 -34.13 23.72 8.85
CA ILE B 384 -34.60 22.36 9.05
C ILE B 384 -35.58 22.04 7.93
N ILE B 385 -35.26 21.02 7.14
CA ILE B 385 -36.11 20.58 6.04
C ILE B 385 -36.77 19.26 6.42
N ARG B 386 -38.05 19.15 6.12
CA ARG B 386 -38.82 17.92 6.35
C ARG B 386 -39.06 17.22 5.03
N VAL B 387 -38.78 15.92 4.98
CA VAL B 387 -39.01 15.12 3.80
C VAL B 387 -39.80 13.88 4.21
N ALA B 388 -40.42 13.25 3.22
CA ALA B 388 -41.35 12.16 3.51
C ALA B 388 -40.68 10.80 3.55
N SER B 389 -39.61 10.59 2.79
CA SER B 389 -38.96 9.30 2.71
C SER B 389 -37.45 9.49 2.69
N VAL B 390 -36.74 8.37 2.83
CA VAL B 390 -35.28 8.40 2.70
C VAL B 390 -34.88 8.75 1.28
N GLU B 391 -35.67 8.31 0.29
CA GLU B 391 -35.36 8.65 -1.10
C GLU B 391 -35.42 10.15 -1.32
N GLU B 392 -36.43 10.81 -0.76
CA GLU B 392 -36.50 12.27 -0.88
C GLU B 392 -35.37 12.94 -0.11
N ALA B 393 -34.97 12.38 1.03
CA ALA B 393 -33.86 12.95 1.78
C ALA B 393 -32.57 12.90 0.97
N ILE B 394 -32.30 11.74 0.35
CA ILE B 394 -31.10 11.60 -0.47
C ILE B 394 -31.17 12.52 -1.68
N ALA B 395 -32.35 12.60 -2.31
CA ALA B 395 -32.49 13.47 -3.48
C ALA B 395 -32.25 14.92 -3.12
N PHE B 396 -32.80 15.37 -1.98
CA PHE B 396 -32.64 16.77 -1.59
C PHE B 396 -31.20 17.06 -1.17
N ALA B 397 -30.54 16.10 -0.53
CA ALA B 397 -29.13 16.29 -0.20
C ALA B 397 -28.28 16.36 -1.47
N ASN B 398 -28.66 15.61 -2.50
CA ASN B 398 -27.88 15.60 -3.73
C ASN B 398 -28.22 16.74 -4.68
N GLU B 399 -29.33 17.45 -4.46
CA GLU B 399 -29.64 18.60 -5.32
C GLU B 399 -28.77 19.81 -5.03
N SER B 400 -27.97 19.78 -3.97
CA SER B 400 -27.14 20.92 -3.64
C SER B 400 -26.02 21.09 -4.66
N GLU B 401 -25.50 22.31 -4.73
CA GLU B 401 -24.36 22.64 -5.57
C GLU B 401 -23.04 22.33 -4.88
N PHE B 402 -23.08 21.49 -3.85
CA PHE B 402 -21.97 21.28 -2.94
C PHE B 402 -21.88 19.80 -2.58
N GLY B 403 -20.66 19.35 -2.30
CA GLY B 403 -20.46 17.97 -1.97
C GLY B 403 -19.40 17.71 -0.93
N LEU B 404 -19.20 18.63 0.01
CA LEU B 404 -18.13 18.49 0.98
C LEU B 404 -18.31 17.28 1.88
N GLN B 405 -19.32 17.32 2.75
CA GLN B 405 -19.53 16.28 3.73
C GLN B 405 -21.01 16.20 4.04
N SER B 406 -21.39 15.11 4.67
CA SER B 406 -22.75 14.95 5.15
C SER B 406 -22.71 14.00 6.33
N SER B 407 -23.74 14.06 7.15
CA SER B 407 -23.84 13.20 8.31
C SER B 407 -25.21 12.52 8.31
N VAL B 408 -25.22 11.22 8.56
CA VAL B 408 -26.45 10.43 8.58
C VAL B 408 -26.65 9.96 10.01
N PHE B 409 -27.80 10.30 10.59
CA PHE B 409 -28.13 9.90 11.94
C PHE B 409 -29.20 8.82 11.89
N THR B 410 -28.83 7.61 12.28
CA THR B 410 -29.75 6.49 12.31
C THR B 410 -29.15 5.41 13.20
N ASN B 411 -29.98 4.45 13.57
CA ASN B 411 -29.53 3.32 14.38
C ASN B 411 -29.16 2.10 13.55
N ASP B 412 -29.80 1.90 12.42
CA ASP B 412 -29.45 0.82 11.51
C ASP B 412 -28.28 1.26 10.66
N PHE B 413 -27.06 0.83 11.02
CA PHE B 413 -25.89 1.24 10.25
C PHE B 413 -25.84 0.61 8.86
N LYS B 414 -26.47 -0.52 8.63
CA LYS B 414 -26.51 -1.01 7.25
C LYS B 414 -27.24 -0.04 6.32
N LYS B 415 -28.36 0.52 6.77
CA LYS B 415 -29.02 1.58 6.01
C LYS B 415 -28.17 2.84 5.94
N ALA B 416 -27.39 3.11 6.99
CA ALA B 416 -26.51 4.27 7.00
C ALA B 416 -25.42 4.14 5.94
N PHE B 417 -24.82 2.96 5.80
CA PHE B 417 -23.86 2.74 4.72
C PHE B 417 -24.53 2.89 3.36
N GLU B 418 -25.74 2.35 3.19
CA GLU B 418 -26.43 2.47 1.91
C GLU B 418 -26.63 3.94 1.54
N ILE B 419 -27.14 4.74 2.47
CA ILE B 419 -27.29 6.16 2.23
C ILE B 419 -25.94 6.81 1.96
N ALA B 420 -24.90 6.34 2.67
CA ALA B 420 -23.59 6.95 2.56
C ALA B 420 -23.02 6.83 1.15
N GLU B 421 -23.13 5.66 0.52
CA GLU B 421 -22.70 5.64 -0.87
C GLU B 421 -23.76 6.14 -1.85
N LYS B 422 -24.98 6.42 -1.40
CA LYS B 422 -25.88 7.18 -2.27
C LYS B 422 -25.68 8.68 -2.19
N LEU B 423 -24.97 9.19 -1.19
CA LEU B 423 -24.77 10.62 -1.03
C LEU B 423 -23.60 11.09 -1.86
N GLU B 424 -23.80 12.17 -2.62
CA GLU B 424 -22.77 12.70 -3.51
C GLU B 424 -21.88 13.69 -2.76
N VAL B 425 -21.22 13.18 -1.72
CA VAL B 425 -20.32 13.98 -0.91
C VAL B 425 -18.98 13.25 -0.83
N GLY B 426 -18.00 13.94 -0.24
CA GLY B 426 -16.68 13.35 -0.10
C GLY B 426 -16.52 12.54 1.16
N THR B 427 -17.24 12.90 2.21
CA THR B 427 -17.18 12.20 3.49
C THR B 427 -18.57 12.11 4.09
N VAL B 428 -18.94 10.94 4.59
CA VAL B 428 -20.20 10.75 5.30
C VAL B 428 -19.87 10.33 6.73
N HIS B 429 -20.37 11.09 7.70
CA HIS B 429 -20.23 10.75 9.10
C HIS B 429 -21.50 10.06 9.56
N ILE B 430 -21.36 8.91 10.20
CA ILE B 430 -22.50 8.14 10.66
C ILE B 430 -22.68 8.40 12.14
N ASN B 431 -23.80 9.03 12.50
CA ASN B 431 -24.17 9.36 13.88
C ASN B 431 -23.19 10.34 14.50
N ASN B 432 -22.63 11.24 13.70
CA ASN B 432 -21.69 12.23 14.20
C ASN B 432 -21.76 13.46 13.31
N LYS B 433 -21.44 14.60 13.89
CA LYS B 433 -21.40 15.84 13.14
C LYS B 433 -20.23 15.81 12.16
N THR B 434 -20.40 16.53 11.04
CA THR B 434 -19.33 16.62 10.06
C THR B 434 -18.20 17.48 10.59
N GLN B 435 -16.98 17.10 10.25
CA GLN B 435 -15.79 17.82 10.67
C GLN B 435 -14.64 17.38 9.79
N ARG B 436 -13.58 18.20 9.74
CA ARG B 436 -12.36 17.76 9.09
C ARG B 436 -11.75 16.57 9.80
N GLY B 437 -12.13 16.35 11.05
CA GLY B 437 -11.79 15.14 11.77
C GLY B 437 -10.31 15.09 12.07
N PRO B 438 -9.83 13.91 12.44
CA PRO B 438 -8.38 13.71 12.53
C PRO B 438 -7.75 14.02 11.19
N ASP B 439 -6.76 14.90 11.20
CA ASP B 439 -6.21 15.39 9.95
C ASP B 439 -5.43 14.32 9.18
N ASN B 440 -5.41 13.07 9.64
CA ASN B 440 -4.95 12.00 8.77
C ASN B 440 -6.08 11.48 7.89
N PHE B 441 -7.33 11.67 8.30
CA PHE B 441 -8.46 11.23 7.50
C PHE B 441 -8.50 12.02 6.20
N PRO B 442 -8.91 11.41 5.09
CA PRO B 442 -9.07 12.18 3.85
C PRO B 442 -10.15 13.23 4.01
N PHE B 443 -9.93 14.38 3.38
CA PHE B 443 -10.89 15.47 3.39
C PHE B 443 -11.04 15.98 1.97
N LEU B 444 -12.24 15.87 1.41
CA LEU B 444 -12.47 16.30 0.05
C LEU B 444 -13.93 16.68 -0.12
N GLY B 445 -14.17 17.47 -1.16
CA GLY B 445 -15.51 17.74 -1.64
C GLY B 445 -15.55 17.42 -3.12
N VAL B 446 -16.75 17.27 -3.68
CA VAL B 446 -16.88 16.78 -5.04
C VAL B 446 -17.62 17.76 -5.95
N LYS B 447 -18.89 18.00 -5.69
CA LYS B 447 -19.74 18.73 -6.63
C LYS B 447 -19.61 20.24 -6.42
N GLY B 448 -18.45 20.78 -6.75
CA GLY B 448 -18.25 22.20 -6.53
C GLY B 448 -17.87 22.56 -5.11
N SER B 449 -17.64 21.58 -4.26
CA SER B 449 -17.06 21.82 -2.94
C SER B 449 -15.55 21.64 -2.93
N GLY B 450 -14.95 21.38 -4.08
CA GLY B 450 -13.52 21.27 -4.14
C GLY B 450 -13.06 20.49 -5.36
N ALA B 451 -11.75 20.30 -5.43
CA ALA B 451 -11.12 19.54 -6.51
C ALA B 451 -9.81 18.99 -5.95
N GLY B 452 -9.81 17.71 -5.64
CA GLY B 452 -8.66 17.05 -5.05
C GLY B 452 -8.98 16.49 -3.67
N VAL B 453 -8.09 15.61 -3.22
CA VAL B 453 -8.22 14.95 -1.93
C VAL B 453 -7.13 15.52 -1.04
N GLN B 454 -7.51 15.90 0.18
CA GLN B 454 -6.56 16.49 1.10
C GLN B 454 -6.67 15.72 2.43
N GLY B 455 -6.02 16.23 3.46
CA GLY B 455 -5.60 15.35 4.54
C GLY B 455 -4.12 15.10 4.40
N ILE B 456 -3.46 14.86 5.53
CA ILE B 456 -2.02 15.05 5.59
C ILE B 456 -1.29 14.15 4.60
N LYS B 457 -1.58 12.84 4.63
CA LYS B 457 -1.00 11.93 3.65
C LYS B 457 -1.36 12.34 2.23
N TYR B 458 -2.63 12.61 1.98
CA TYR B 458 -3.08 12.89 0.62
C TYR B 458 -2.57 14.22 0.12
N SER B 459 -2.46 15.22 0.98
CA SER B 459 -1.90 16.50 0.58
C SER B 459 -0.39 16.42 0.36
N ILE B 460 0.31 15.61 1.17
CA ILE B 460 1.74 15.40 0.93
C ILE B 460 1.96 14.74 -0.43
N GLU B 461 1.15 13.72 -0.73
CA GLU B 461 1.33 13.00 -2.00
C GLU B 461 0.88 13.82 -3.19
N ALA B 462 -0.14 14.65 -3.05
CA ALA B 462 -0.68 15.37 -4.19
C ALA B 462 0.09 16.61 -4.56
N MET B 463 0.99 17.08 -3.70
CA MET B 463 1.88 18.19 -4.03
C MET B 463 3.23 17.69 -4.50
N THR B 464 3.29 16.50 -5.09
CA THR B 464 4.53 15.92 -5.58
C THR B 464 4.29 15.33 -6.95
N ASN B 465 5.33 15.32 -7.78
CA ASN B 465 5.30 14.67 -9.08
C ASN B 465 5.83 13.24 -8.96
N VAL B 466 5.14 12.31 -9.59
CA VAL B 466 5.67 10.96 -9.74
C VAL B 466 6.83 11.00 -10.73
N LYS B 467 7.92 10.32 -10.40
CA LYS B 467 9.02 10.12 -11.32
C LYS B 467 9.39 8.65 -11.34
N SER B 468 9.20 8.02 -12.50
CA SER B 468 9.55 6.63 -12.71
C SER B 468 10.92 6.57 -13.36
N ILE B 469 11.77 5.67 -12.87
CA ILE B 469 13.07 5.39 -13.47
C ILE B 469 13.07 3.92 -13.87
N VAL B 470 13.18 3.65 -15.17
CA VAL B 470 13.04 2.31 -15.72
C VAL B 470 14.39 1.85 -16.22
N PHE B 471 14.86 0.72 -15.71
CA PHE B 471 16.12 0.14 -16.15
C PHE B 471 15.96 -1.37 -16.28
N ASP B 472 17.00 -2.03 -16.78
CA ASP B 472 16.99 -3.47 -16.97
C ASP B 472 17.70 -4.14 -15.82
N VAL B 473 17.10 -5.21 -15.30
CA VAL B 473 17.75 -6.08 -14.33
C VAL B 473 18.28 -7.35 -14.97
N LYS B 474 17.74 -7.76 -16.12
CA LYS B 474 18.22 -8.92 -16.88
C LYS B 474 18.50 -10.17 -16.05
N MET C 1 -10.85 -51.06 -8.78
CA MET C 1 -10.32 -51.39 -10.10
C MET C 1 -9.34 -50.36 -10.60
N THR C 2 -9.76 -49.09 -10.62
CA THR C 2 -9.02 -48.04 -11.31
C THR C 2 -7.74 -47.69 -10.55
N ARG C 3 -6.62 -47.84 -11.23
CA ARG C 3 -5.32 -47.52 -10.67
C ARG C 3 -5.09 -46.01 -10.79
N TYR C 4 -4.74 -45.36 -9.69
CA TYR C 4 -4.34 -43.96 -9.74
C TYR C 4 -2.86 -43.82 -9.42
N GLN C 5 -2.24 -42.82 -10.03
CA GLN C 5 -0.81 -42.63 -9.96
C GLN C 5 -0.50 -41.20 -9.55
N ASN C 6 0.68 -41.00 -8.99
CA ASN C 6 1.13 -39.70 -8.53
C ASN C 6 1.85 -38.95 -9.65
N LEU C 7 1.61 -37.65 -9.72
CA LEU C 7 2.33 -36.79 -10.65
C LEU C 7 3.70 -36.49 -10.05
N VAL C 8 4.74 -37.13 -10.57
CA VAL C 8 6.11 -36.89 -10.12
C VAL C 8 6.95 -36.59 -11.34
N ASN C 9 7.59 -35.42 -11.36
CA ASN C 9 8.45 -35.00 -12.45
C ASN C 9 7.72 -34.99 -13.78
N GLY C 10 6.44 -34.65 -13.74
CA GLY C 10 5.64 -34.49 -14.94
C GLY C 10 5.14 -35.78 -15.55
N LYS C 11 5.52 -36.92 -15.01
CA LYS C 11 5.03 -38.23 -15.45
C LYS C 11 4.42 -39.00 -14.29
N TRP C 12 3.51 -39.91 -14.64
CA TRP C 12 2.66 -40.59 -13.68
C TRP C 12 3.38 -41.82 -13.16
N LYS C 13 3.46 -41.95 -11.84
CA LYS C 13 4.16 -43.05 -11.19
C LYS C 13 3.23 -43.78 -10.23
N SER C 14 3.25 -45.10 -10.27
CA SER C 14 2.59 -45.94 -9.30
C SER C 14 3.60 -46.40 -8.24
N SER C 15 3.08 -46.97 -7.16
CA SER C 15 3.92 -47.44 -6.08
C SER C 15 3.63 -48.91 -5.81
N GLU C 16 4.59 -49.57 -5.14
CA GLU C 16 4.40 -50.97 -4.79
C GLU C 16 3.25 -51.13 -3.80
N GLN C 17 3.30 -50.40 -2.69
CA GLN C 17 2.21 -50.37 -1.72
C GLN C 17 1.08 -49.51 -2.28
N GLU C 18 -0.14 -49.81 -1.85
CA GLU C 18 -1.31 -49.10 -2.35
C GLU C 18 -2.33 -48.91 -1.23
N ILE C 19 -3.13 -47.85 -1.36
CA ILE C 19 -4.22 -47.57 -0.46
C ILE C 19 -5.52 -47.64 -1.26
N THR C 20 -6.48 -48.41 -0.76
CA THR C 20 -7.78 -48.51 -1.40
C THR C 20 -8.73 -47.48 -0.79
N ILE C 21 -9.44 -46.76 -1.63
CA ILE C 21 -10.33 -45.70 -1.20
C ILE C 21 -11.76 -46.22 -1.28
N TYR C 22 -12.48 -46.16 -0.16
CA TYR C 22 -13.84 -46.65 -0.06
C TYR C 22 -14.78 -45.47 0.15
N SER C 23 -15.88 -45.48 -0.58
CA SER C 23 -16.84 -44.39 -0.47
C SER C 23 -17.45 -44.36 0.93
N PRO C 24 -17.44 -43.22 1.62
CA PRO C 24 -18.11 -43.14 2.92
C PRO C 24 -19.60 -43.39 2.83
N ILE C 25 -20.19 -43.24 1.63
CA ILE C 25 -21.62 -43.43 1.47
C ILE C 25 -22.00 -44.89 1.71
N ASN C 26 -21.37 -45.80 0.97
CA ASN C 26 -21.74 -47.20 1.01
C ASN C 26 -20.54 -48.15 0.96
N GLN C 27 -19.35 -47.69 1.35
CA GLN C 27 -18.13 -48.51 1.34
C GLN C 27 -17.85 -49.08 -0.04
N GLU C 28 -18.13 -48.28 -1.07
CA GLU C 28 -17.83 -48.64 -2.44
C GLU C 28 -16.37 -48.34 -2.74
N GLU C 29 -15.66 -49.33 -3.28
CA GLU C 29 -14.29 -49.11 -3.70
C GLU C 29 -14.26 -48.13 -4.87
N LEU C 30 -13.65 -46.97 -4.64
CA LEU C 30 -13.56 -45.94 -5.68
C LEU C 30 -12.29 -46.04 -6.49
N GLY C 31 -11.24 -46.64 -5.94
CA GLY C 31 -9.99 -46.76 -6.65
C GLY C 31 -8.88 -47.06 -5.66
N THR C 32 -7.65 -46.90 -6.14
CA THR C 32 -6.46 -47.13 -5.34
C THR C 32 -5.46 -46.02 -5.62
N VAL C 33 -4.94 -45.41 -4.56
CA VAL C 33 -3.90 -44.38 -4.70
C VAL C 33 -2.58 -44.98 -4.23
N PRO C 34 -1.45 -44.57 -4.80
CA PRO C 34 -0.16 -45.15 -4.39
C PRO C 34 0.22 -44.71 -2.99
N ALA C 35 0.74 -45.64 -2.21
CA ALA C 35 1.31 -45.31 -0.91
C ALA C 35 2.81 -45.14 -1.11
N MET C 36 3.21 -43.91 -1.41
CA MET C 36 4.60 -43.65 -1.77
C MET C 36 5.52 -43.96 -0.60
N THR C 37 6.66 -44.55 -0.92
CA THR C 37 7.70 -44.82 0.07
C THR C 37 8.53 -43.57 0.30
N GLN C 38 9.45 -43.66 1.24
CA GLN C 38 10.29 -42.50 1.56
C GLN C 38 11.18 -42.13 0.39
N THR C 39 11.72 -43.14 -0.31
CA THR C 39 12.60 -42.84 -1.44
C THR C 39 11.84 -42.22 -2.61
N GLU C 40 10.58 -42.61 -2.81
CA GLU C 40 9.78 -41.97 -3.84
C GLU C 40 9.50 -40.51 -3.49
N ALA C 41 9.28 -40.22 -2.21
CA ALA C 41 9.15 -38.84 -1.78
C ALA C 41 10.44 -38.08 -1.99
N ASP C 42 11.58 -38.71 -1.75
CA ASP C 42 12.86 -38.09 -2.06
C ASP C 42 12.99 -37.77 -3.54
N GLU C 43 12.58 -38.71 -4.39
CA GLU C 43 12.66 -38.47 -5.83
C GLU C 43 11.75 -37.32 -6.24
N ALA C 44 10.56 -37.24 -5.65
CA ALA C 44 9.65 -36.16 -5.97
C ALA C 44 10.21 -34.80 -5.53
N MET C 45 10.85 -34.76 -4.35
CA MET C 45 11.51 -33.53 -3.92
C MET C 45 12.68 -33.17 -4.82
N GLN C 46 13.42 -34.18 -5.26
CA GLN C 46 14.48 -33.98 -6.25
C GLN C 46 13.95 -33.30 -7.50
N ALA C 47 12.84 -33.83 -8.02
CA ALA C 47 12.24 -33.26 -9.22
C ALA C 47 11.80 -31.82 -9.00
N ALA C 48 11.17 -31.54 -7.85
CA ALA C 48 10.75 -30.16 -7.57
C ALA C 48 11.94 -29.22 -7.46
N ARG C 49 13.00 -29.66 -6.79
CA ARG C 49 14.18 -28.80 -6.65
C ARG C 49 14.82 -28.55 -8.01
N ALA C 50 14.83 -29.57 -8.88
CA ALA C 50 15.42 -29.38 -10.21
C ALA C 50 14.57 -28.49 -11.09
N ALA C 51 13.25 -28.55 -10.96
CA ALA C 51 12.36 -27.73 -11.77
C ALA C 51 12.18 -26.32 -11.24
N LEU C 52 12.59 -26.05 -10.00
CA LEU C 52 12.44 -24.71 -9.44
C LEU C 52 13.12 -23.61 -10.26
N PRO C 53 14.37 -23.75 -10.72
CA PRO C 53 15.00 -22.61 -11.41
C PRO C 53 14.29 -22.18 -12.68
N ALA C 54 13.90 -23.12 -13.54
CA ALA C 54 13.24 -22.75 -14.78
C ALA C 54 11.84 -22.19 -14.55
N TRP C 55 11.12 -22.71 -13.55
CA TRP C 55 9.83 -22.15 -13.20
C TRP C 55 9.95 -20.73 -12.69
N ARG C 56 10.92 -20.50 -11.80
CA ARG C 56 11.12 -19.18 -11.23
C ARG C 56 11.62 -18.19 -12.26
N ALA C 57 12.31 -18.68 -13.30
CA ALA C 57 12.84 -17.80 -14.33
C ALA C 57 11.80 -17.39 -15.36
N LEU C 58 10.60 -17.95 -15.32
CA LEU C 58 9.55 -17.55 -16.24
C LEU C 58 9.01 -16.17 -15.84
N SER C 59 8.28 -15.56 -16.76
CA SER C 59 7.54 -14.36 -16.43
C SER C 59 6.35 -14.72 -15.53
N ALA C 60 5.89 -13.74 -14.77
CA ALA C 60 4.69 -13.95 -13.99
C ALA C 60 3.50 -14.28 -14.88
N ILE C 61 3.43 -13.65 -16.05
CA ILE C 61 2.31 -13.89 -16.95
C ILE C 61 2.41 -15.27 -17.60
N GLU C 62 3.63 -15.71 -17.92
CA GLU C 62 3.80 -17.06 -18.43
C GLU C 62 3.42 -18.09 -17.37
N ARG C 63 3.74 -17.80 -16.11
CA ARG C 63 3.33 -18.68 -15.02
C ARG C 63 1.82 -18.70 -14.86
N ALA C 64 1.17 -17.54 -15.00
CA ALA C 64 -0.27 -17.45 -14.84
C ALA C 64 -1.03 -18.07 -16.00
N ALA C 65 -0.42 -18.18 -17.17
CA ALA C 65 -1.08 -18.85 -18.28
C ALA C 65 -1.38 -20.30 -17.94
N TYR C 66 -0.45 -20.99 -17.29
CA TYR C 66 -0.68 -22.37 -16.88
C TYR C 66 -1.83 -22.48 -15.89
N LEU C 67 -1.90 -21.54 -14.94
CA LEU C 67 -2.97 -21.58 -13.96
C LEU C 67 -4.32 -21.31 -14.62
N HIS C 68 -4.37 -20.40 -15.59
CA HIS C 68 -5.61 -20.17 -16.32
C HIS C 68 -6.04 -21.40 -17.11
N LYS C 69 -5.08 -22.08 -17.74
CA LYS C 69 -5.41 -23.30 -18.46
C LYS C 69 -5.90 -24.39 -17.51
N THR C 70 -5.27 -24.50 -16.34
CA THR C 70 -5.73 -25.45 -15.33
C THR C 70 -7.14 -25.15 -14.90
N ALA C 71 -7.46 -23.87 -14.68
CA ALA C 71 -8.81 -23.50 -14.28
C ALA C 71 -9.81 -23.83 -15.37
N ALA C 72 -9.44 -23.61 -16.63
CA ALA C 72 -10.33 -23.97 -17.73
C ALA C 72 -10.59 -25.47 -17.79
N ILE C 73 -9.55 -26.29 -17.58
CA ILE C 73 -9.74 -27.73 -17.61
C ILE C 73 -10.57 -28.18 -16.42
N LEU C 74 -10.38 -27.57 -15.25
CA LEU C 74 -11.20 -27.89 -14.09
C LEU C 74 -12.66 -27.55 -14.36
N GLU C 75 -12.93 -26.39 -14.94
CA GLU C 75 -14.29 -26.02 -15.32
C GLU C 75 -14.88 -27.03 -16.31
N ARG C 76 -14.07 -27.48 -17.27
CA ARG C 76 -14.54 -28.45 -18.25
C ARG C 76 -14.88 -29.78 -17.62
N ASP C 77 -14.06 -30.25 -16.67
CA ASP C 77 -14.26 -31.56 -16.05
C ASP C 77 -14.91 -31.48 -14.69
N LYS C 78 -15.60 -30.37 -14.40
CA LYS C 78 -16.23 -30.20 -13.09
C LYS C 78 -17.20 -31.32 -12.77
N GLU C 79 -17.95 -31.82 -13.76
CA GLU C 79 -18.96 -32.84 -13.47
C GLU C 79 -18.30 -34.13 -13.01
N LYS C 80 -17.28 -34.61 -13.74
CA LYS C 80 -16.60 -35.84 -13.37
C LYS C 80 -15.85 -35.69 -12.06
N ILE C 81 -15.11 -34.60 -11.90
CA ILE C 81 -14.36 -34.39 -10.66
C ILE C 81 -15.32 -34.28 -9.47
N GLY C 82 -16.42 -33.56 -9.65
CA GLY C 82 -17.38 -33.43 -8.56
C GLY C 82 -18.09 -34.72 -8.23
N THR C 83 -18.37 -35.56 -9.24
CA THR C 83 -18.98 -36.84 -8.97
C THR C 83 -18.06 -37.72 -8.13
N ILE C 84 -16.79 -37.79 -8.51
CA ILE C 84 -15.86 -38.63 -7.75
C ILE C 84 -15.61 -38.02 -6.37
N LEU C 85 -15.57 -36.70 -6.28
CA LEU C 85 -15.40 -36.02 -5.00
C LEU C 85 -16.59 -36.28 -4.08
N ALA C 86 -17.80 -36.23 -4.62
CA ALA C 86 -18.99 -36.52 -3.83
C ALA C 86 -18.98 -37.97 -3.35
N LYS C 87 -18.56 -38.89 -4.21
CA LYS C 87 -18.44 -40.28 -3.78
C LYS C 87 -17.38 -40.45 -2.72
N GLU C 88 -16.32 -39.63 -2.74
CA GLU C 88 -15.16 -39.90 -1.91
C GLU C 88 -15.20 -39.24 -0.55
N VAL C 89 -15.77 -38.04 -0.43
CA VAL C 89 -15.86 -37.40 0.88
C VAL C 89 -17.30 -37.26 1.34
N ALA C 90 -18.22 -37.97 0.70
CA ALA C 90 -19.64 -37.97 1.06
C ALA C 90 -20.21 -36.55 1.07
N LYS C 91 -19.79 -35.76 0.09
CA LYS C 91 -20.28 -34.40 -0.10
C LYS C 91 -21.43 -34.41 -1.09
N GLY C 92 -22.35 -33.46 -0.91
CA GLY C 92 -23.45 -33.33 -1.85
C GLY C 92 -22.97 -33.17 -3.26
N ILE C 93 -23.59 -33.87 -4.22
CA ILE C 93 -23.07 -33.88 -5.58
C ILE C 93 -23.04 -32.48 -6.16
N LYS C 94 -24.12 -31.72 -5.98
CA LYS C 94 -24.14 -30.36 -6.51
C LYS C 94 -23.22 -29.45 -5.71
N ALA C 95 -23.10 -29.69 -4.41
CA ALA C 95 -22.12 -28.98 -3.61
C ALA C 95 -20.70 -29.33 -4.03
N ALA C 96 -20.45 -30.58 -4.39
CA ALA C 96 -19.13 -30.98 -4.86
C ALA C 96 -18.78 -30.30 -6.19
N ILE C 97 -19.74 -30.26 -7.11
CA ILE C 97 -19.52 -29.56 -8.37
C ILE C 97 -19.30 -28.07 -8.12
N GLY C 98 -20.04 -27.51 -7.17
CA GLY C 98 -19.80 -26.14 -6.78
C GLY C 98 -18.42 -25.92 -6.20
N GLU C 99 -17.90 -26.90 -5.46
CA GLU C 99 -16.54 -26.80 -4.96
C GLU C 99 -15.54 -26.79 -6.11
N VAL C 100 -15.76 -27.63 -7.12
CA VAL C 100 -14.85 -27.64 -8.27
C VAL C 100 -14.89 -26.30 -8.99
N VAL C 101 -16.09 -25.73 -9.13
CA VAL C 101 -16.21 -24.43 -9.79
C VAL C 101 -15.52 -23.34 -8.98
N ARG C 102 -15.71 -23.33 -7.67
CA ARG C 102 -15.03 -22.35 -6.83
C ARG C 102 -13.53 -22.54 -6.86
N THR C 103 -13.07 -23.79 -6.99
CA THR C 103 -11.64 -24.05 -7.15
C THR C 103 -11.11 -23.42 -8.41
N ALA C 104 -11.83 -23.58 -9.53
CA ALA C 104 -11.40 -22.95 -10.76
C ALA C 104 -11.36 -21.43 -10.62
N ASP C 105 -12.37 -20.86 -9.97
CA ASP C 105 -12.40 -19.41 -9.78
C ASP C 105 -11.26 -18.95 -8.87
N LEU C 106 -10.94 -19.73 -7.85
CA LEU C 106 -9.81 -19.39 -6.97
C LEU C 106 -8.50 -19.44 -7.72
N ILE C 107 -8.32 -20.46 -8.57
CA ILE C 107 -7.09 -20.55 -9.36
C ILE C 107 -6.96 -19.34 -10.28
N ARG C 108 -8.05 -18.96 -10.92
CA ARG C 108 -8.02 -17.78 -11.79
C ARG C 108 -7.67 -16.52 -11.00
N TYR C 109 -8.32 -16.32 -9.85
CA TYR C 109 -8.06 -15.12 -9.07
C TYR C 109 -6.63 -15.08 -8.54
N ALA C 110 -6.10 -16.23 -8.11
CA ALA C 110 -4.72 -16.27 -7.64
C ALA C 110 -3.75 -16.00 -8.77
N ALA C 111 -4.04 -16.54 -9.97
CA ALA C 111 -3.18 -16.28 -11.11
C ALA C 111 -3.15 -14.80 -11.45
N GLU C 112 -4.30 -14.14 -11.42
CA GLU C 112 -4.33 -12.72 -11.75
C GLU C 112 -3.87 -11.83 -10.60
N GLU C 113 -3.83 -12.34 -9.38
CA GLU C 113 -3.36 -11.57 -8.23
C GLU C 113 -1.86 -11.67 -8.06
N GLY C 114 -1.25 -12.78 -8.46
CA GLY C 114 0.19 -12.88 -8.41
C GLY C 114 0.92 -12.13 -9.49
N LEU C 115 0.20 -11.60 -10.48
CA LEU C 115 0.78 -10.74 -11.50
C LEU C 115 1.02 -9.33 -11.02
N ARG C 116 0.41 -8.94 -9.91
CA ARG C 116 0.37 -7.54 -9.48
C ARG C 116 1.09 -7.32 -8.17
N ILE C 117 1.94 -8.25 -7.75
CA ILE C 117 2.72 -8.10 -6.53
C ILE C 117 3.80 -7.06 -6.81
N THR C 118 3.63 -5.86 -6.26
CA THR C 118 4.54 -4.76 -6.48
C THR C 118 5.45 -4.57 -5.28
N GLY C 119 6.73 -4.38 -5.53
CA GLY C 119 7.69 -4.15 -4.48
C GLY C 119 7.70 -2.70 -4.03
N GLN C 120 8.73 -2.35 -3.27
CA GLN C 120 8.90 -1.00 -2.75
C GLN C 120 10.28 -0.48 -3.09
N ALA C 121 10.40 0.84 -3.14
CA ALA C 121 11.65 1.54 -3.41
C ALA C 121 11.81 2.54 -2.26
N MET C 122 12.51 2.14 -1.22
CA MET C 122 12.60 2.91 0.00
C MET C 122 13.84 3.80 -0.02
N GLU C 123 13.74 4.94 0.64
CA GLU C 123 14.84 5.88 0.75
C GLU C 123 15.26 6.01 2.21
N GLY C 124 16.55 6.13 2.44
CA GLY C 124 17.04 6.23 3.79
C GLY C 124 16.99 7.61 4.39
N GLY C 125 16.59 8.63 3.63
CA GLY C 125 16.65 10.00 4.11
C GLY C 125 15.66 10.34 5.19
N GLY C 126 14.55 9.60 5.27
CA GLY C 126 13.59 9.84 6.34
C GLY C 126 14.03 9.32 7.68
N PHE C 127 14.95 8.35 7.71
CA PHE C 127 15.44 7.81 8.97
C PHE C 127 16.67 8.56 9.47
N GLU C 128 17.61 8.85 8.58
CA GLU C 128 18.81 9.59 8.96
C GLU C 128 19.35 10.32 7.75
N ALA C 129 19.97 11.47 7.99
CA ALA C 129 20.47 12.27 6.87
C ALA C 129 21.71 11.66 6.24
N ALA C 130 22.43 10.81 6.98
CA ALA C 130 23.61 10.18 6.42
C ALA C 130 23.26 9.20 5.31
N SER C 131 22.05 8.64 5.37
CA SER C 131 21.60 7.64 4.41
C SER C 131 20.64 8.21 3.38
N LYS C 132 20.68 9.51 3.14
CA LYS C 132 19.73 10.14 2.23
C LYS C 132 19.88 9.62 0.80
N ASN C 133 21.04 9.06 0.45
CA ASN C 133 21.33 8.64 -0.91
C ASN C 133 21.24 7.13 -1.09
N LYS C 134 20.72 6.41 -0.09
CA LYS C 134 20.53 4.97 -0.18
C LYS C 134 19.13 4.69 -0.69
N LEU C 135 19.03 3.76 -1.62
CA LEU C 135 17.74 3.30 -2.13
C LEU C 135 17.68 1.79 -1.99
N ALA C 136 16.67 1.30 -1.29
CA ALA C 136 16.41 -0.12 -1.17
C ALA C 136 15.28 -0.49 -2.11
N VAL C 137 15.56 -1.38 -3.05
CA VAL C 137 14.55 -1.90 -3.96
C VAL C 137 14.10 -3.23 -3.37
N VAL C 138 13.00 -3.20 -2.63
CA VAL C 138 12.50 -4.35 -1.90
C VAL C 138 11.50 -5.10 -2.77
N ARG C 139 11.71 -6.39 -2.97
CA ARG C 139 10.84 -7.20 -3.80
C ARG C 139 10.64 -8.56 -3.15
N ARG C 140 9.87 -9.40 -3.80
CA ARG C 140 9.50 -10.72 -3.29
C ARG C 140 10.10 -11.79 -4.19
N GLU C 141 10.60 -12.85 -3.57
CA GLU C 141 11.17 -13.98 -4.29
C GLU C 141 10.64 -15.27 -3.71
N PRO C 142 10.52 -16.32 -4.53
CA PRO C 142 9.95 -17.57 -4.04
C PRO C 142 10.75 -18.14 -2.87
N VAL C 143 10.03 -18.77 -1.93
CA VAL C 143 10.72 -19.49 -0.86
C VAL C 143 11.39 -20.73 -1.41
N GLY C 144 10.85 -21.32 -2.47
CA GLY C 144 11.41 -22.52 -3.03
C GLY C 144 10.37 -23.61 -3.23
N ILE C 145 10.50 -24.71 -2.51
CA ILE C 145 9.54 -25.81 -2.57
C ILE C 145 8.50 -25.60 -1.48
N VAL C 146 7.24 -25.50 -1.87
CA VAL C 146 6.12 -25.37 -0.95
C VAL C 146 5.47 -26.73 -0.82
N LEU C 147 5.37 -27.23 0.40
CA LEU C 147 4.69 -28.48 0.68
C LEU C 147 3.28 -28.16 1.15
N ALA C 148 2.29 -28.46 0.32
CA ALA C 148 0.90 -28.23 0.65
C ALA C 148 0.29 -29.53 1.13
N ILE C 149 -0.36 -29.48 2.29
CA ILE C 149 -1.06 -30.63 2.86
C ILE C 149 -2.51 -30.24 3.08
N ALA C 150 -3.42 -31.02 2.53
CA ALA C 150 -4.82 -30.65 2.48
C ALA C 150 -5.66 -31.52 3.40
N PRO C 151 -6.79 -31.02 3.88
CA PRO C 151 -7.70 -31.84 4.68
C PRO C 151 -8.74 -32.52 3.79
N PHE C 152 -9.50 -33.42 4.40
CA PHE C 152 -10.41 -34.26 3.63
C PHE C 152 -11.62 -33.49 3.10
N ASN C 153 -12.13 -32.51 3.85
CA ASN C 153 -13.43 -31.95 3.52
C ASN C 153 -13.39 -31.13 2.24
N TYR C 154 -12.26 -30.48 1.95
CA TYR C 154 -12.06 -29.75 0.70
C TYR C 154 -10.73 -30.17 0.12
N PRO C 155 -10.64 -31.36 -0.46
CA PRO C 155 -9.36 -31.82 -1.01
C PRO C 155 -9.01 -31.19 -2.34
N VAL C 156 -9.95 -30.52 -2.98
CA VAL C 156 -9.70 -29.79 -4.22
C VAL C 156 -9.55 -28.30 -3.96
N ASN C 157 -10.50 -27.71 -3.24
CA ASN C 157 -10.48 -26.28 -3.02
C ASN C 157 -9.35 -25.88 -2.09
N LEU C 158 -9.16 -26.62 -1.00
CA LEU C 158 -8.08 -26.32 -0.07
C LEU C 158 -6.74 -26.86 -0.52
N SER C 159 -6.71 -27.63 -1.61
CA SER C 159 -5.44 -27.92 -2.25
C SER C 159 -5.06 -26.79 -3.20
N ALA C 160 -6.01 -26.33 -4.01
CA ALA C 160 -5.73 -25.25 -4.93
C ALA C 160 -5.43 -23.95 -4.20
N SER C 161 -6.05 -23.72 -3.04
CA SER C 161 -5.78 -22.50 -2.29
C SER C 161 -4.35 -22.45 -1.77
N LYS C 162 -3.63 -23.56 -1.80
CA LYS C 162 -2.21 -23.58 -1.51
C LYS C 162 -1.34 -23.69 -2.75
N ILE C 163 -1.84 -24.36 -3.78
CA ILE C 163 -1.05 -24.55 -5.00
C ILE C 163 -1.00 -23.28 -5.83
N ALA C 164 -2.16 -22.71 -6.16
CA ALA C 164 -2.17 -21.55 -7.05
C ALA C 164 -1.44 -20.35 -6.47
N PRO C 165 -1.65 -19.95 -5.21
CA PRO C 165 -0.82 -18.87 -4.66
C PRO C 165 0.66 -19.19 -4.61
N ALA C 166 1.02 -20.46 -4.43
CA ALA C 166 2.42 -20.84 -4.46
C ALA C 166 2.98 -20.84 -5.87
N LEU C 167 2.21 -21.35 -6.83
CA LEU C 167 2.72 -21.47 -8.19
C LEU C 167 2.88 -20.12 -8.86
N ILE C 168 1.94 -19.20 -8.63
CA ILE C 168 2.05 -17.91 -9.30
C ILE C 168 3.20 -17.09 -8.72
N ALA C 169 3.59 -17.35 -7.48
CA ALA C 169 4.68 -16.63 -6.86
C ALA C 169 6.04 -17.08 -7.35
N GLY C 170 6.11 -18.19 -8.07
CA GLY C 170 7.38 -18.74 -8.53
C GLY C 170 7.84 -19.97 -7.78
N ASN C 171 7.09 -20.43 -6.78
CA ASN C 171 7.44 -21.64 -6.06
C ASN C 171 7.00 -22.87 -6.85
N VAL C 172 7.63 -23.98 -6.56
CA VAL C 172 7.15 -25.28 -6.99
C VAL C 172 6.44 -25.91 -5.82
N VAL C 173 5.42 -26.71 -6.10
CA VAL C 173 4.49 -27.19 -5.09
C VAL C 173 4.60 -28.70 -4.98
N MET C 174 4.62 -29.19 -3.75
CA MET C 174 4.51 -30.60 -3.44
C MET C 174 3.17 -30.79 -2.75
N LEU C 175 2.24 -31.47 -3.40
CA LEU C 175 0.91 -31.63 -2.85
C LEU C 175 0.80 -32.96 -2.13
N LYS C 176 0.30 -32.92 -0.90
CA LYS C 176 -0.01 -34.12 -0.12
C LYS C 176 -1.52 -34.09 0.11
N PRO C 177 -2.31 -34.75 -0.73
CA PRO C 177 -3.75 -34.76 -0.51
C PRO C 177 -4.12 -35.73 0.60
N PRO C 178 -5.27 -35.52 1.26
CA PRO C 178 -5.67 -36.45 2.31
C PRO C 178 -5.96 -37.81 1.71
N THR C 179 -5.79 -38.86 2.53
CA THR C 179 -6.01 -40.21 2.01
C THR C 179 -7.45 -40.40 1.56
N GLN C 180 -8.41 -39.88 2.35
CA GLN C 180 -9.81 -39.85 1.93
C GLN C 180 -10.03 -38.51 1.22
N GLY C 181 -9.65 -38.49 -0.06
CA GLY C 181 -9.61 -37.26 -0.80
C GLY C 181 -8.43 -37.25 -1.75
N SER C 182 -7.56 -38.26 -1.63
CA SER C 182 -6.40 -38.36 -2.51
C SER C 182 -6.82 -38.54 -3.95
N ILE C 183 -7.96 -39.17 -4.19
CA ILE C 183 -8.45 -39.31 -5.56
C ILE C 183 -8.75 -37.94 -6.15
N SER C 184 -9.40 -37.07 -5.38
CA SER C 184 -9.70 -35.73 -5.86
C SER C 184 -8.44 -34.89 -6.02
N GLY C 185 -7.48 -35.06 -5.11
CA GLY C 185 -6.20 -34.38 -5.29
C GLY C 185 -5.47 -34.82 -6.53
N LEU C 186 -5.55 -36.12 -6.85
CA LEU C 186 -4.92 -36.61 -8.07
C LEU C 186 -5.70 -36.19 -9.31
N LEU C 187 -6.99 -35.90 -9.18
CA LEU C 187 -7.72 -35.33 -10.32
C LEU C 187 -7.36 -33.87 -10.52
N LEU C 188 -7.13 -33.13 -9.43
CA LEU C 188 -6.57 -31.79 -9.55
C LEU C 188 -5.20 -31.82 -10.21
N ALA C 189 -4.39 -32.81 -9.85
CA ALA C 189 -3.11 -33.01 -10.53
C ALA C 189 -3.31 -33.39 -11.99
N LYS C 190 -4.32 -34.19 -12.28
CA LYS C 190 -4.69 -34.54 -13.65
C LYS C 190 -4.87 -33.27 -14.47
N ALA C 191 -5.65 -32.33 -13.93
CA ALA C 191 -5.90 -31.07 -14.62
C ALA C 191 -4.64 -30.22 -14.74
N PHE C 192 -3.84 -30.17 -13.68
CA PHE C 192 -2.61 -29.39 -13.71
C PHE C 192 -1.64 -29.92 -14.76
N GLU C 193 -1.56 -31.24 -14.91
CA GLU C 193 -0.68 -31.82 -15.91
C GLU C 193 -1.24 -31.62 -17.31
N GLU C 194 -2.56 -31.74 -17.48
CA GLU C 194 -3.13 -31.51 -18.79
C GLU C 194 -2.96 -30.07 -19.24
N ALA C 195 -2.94 -29.12 -18.29
CA ALA C 195 -2.72 -27.73 -18.64
C ALA C 195 -1.32 -27.47 -19.16
N GLY C 196 -0.43 -28.45 -19.03
CA GLY C 196 0.92 -28.30 -19.50
C GLY C 196 1.91 -27.78 -18.50
N ILE C 197 1.63 -27.89 -17.21
CA ILE C 197 2.55 -27.39 -16.19
C ILE C 197 3.90 -28.06 -16.38
N PRO C 198 5.02 -27.35 -16.28
CA PRO C 198 6.32 -27.97 -16.56
C PRO C 198 6.60 -29.12 -15.61
N ALA C 199 7.37 -30.09 -16.09
CA ALA C 199 7.66 -31.27 -15.31
C ALA C 199 8.40 -30.91 -14.04
N GLY C 200 7.89 -31.38 -12.91
CA GLY C 200 8.50 -31.12 -11.62
C GLY C 200 8.01 -29.87 -10.93
N VAL C 201 7.27 -29.01 -11.62
CA VAL C 201 6.77 -27.80 -10.99
C VAL C 201 5.67 -28.13 -9.99
N PHE C 202 4.82 -29.10 -10.31
CA PHE C 202 3.76 -29.54 -9.42
C PHE C 202 3.81 -31.06 -9.29
N ASN C 203 4.02 -31.55 -8.08
CA ASN C 203 4.09 -32.97 -7.79
C ASN C 203 3.11 -33.31 -6.68
N THR C 204 2.69 -34.57 -6.66
CA THR C 204 1.80 -35.08 -5.61
C THR C 204 2.46 -36.22 -4.86
N ILE C 205 2.23 -36.26 -3.55
CA ILE C 205 2.69 -37.33 -2.68
C ILE C 205 1.45 -37.90 -2.02
N THR C 206 1.13 -39.15 -2.32
CA THR C 206 0.03 -39.84 -1.68
C THR C 206 0.57 -40.88 -0.71
N GLY C 207 -0.19 -41.15 0.33
CA GLY C 207 0.16 -42.09 1.36
C GLY C 207 -0.43 -41.66 2.69
N ARG C 208 -0.34 -42.55 3.67
CA ARG C 208 -0.88 -42.23 4.98
C ARG C 208 -0.05 -41.13 5.59
N GLY C 209 -0.72 -40.10 6.12
CA GLY C 209 0.02 -39.06 6.82
C GLY C 209 0.71 -39.60 8.06
N SER C 210 0.13 -40.60 8.70
CA SER C 210 0.74 -41.16 9.91
C SER C 210 2.07 -41.83 9.61
N GLU C 211 2.36 -42.13 8.35
CA GLU C 211 3.60 -42.82 8.00
C GLU C 211 4.50 -42.00 7.06
N ILE C 212 3.92 -41.27 6.11
CA ILE C 212 4.73 -40.47 5.20
C ILE C 212 4.76 -39.00 5.60
N GLY C 213 3.90 -38.59 6.53
CA GLY C 213 3.76 -37.18 6.83
C GLY C 213 4.98 -36.57 7.48
N ASP C 214 5.50 -37.21 8.52
CA ASP C 214 6.65 -36.68 9.23
C ASP C 214 7.89 -36.63 8.34
N TYR C 215 8.08 -37.62 7.47
CA TYR C 215 9.24 -37.63 6.60
C TYR C 215 9.25 -36.45 5.66
N ILE C 216 8.10 -36.12 5.07
CA ILE C 216 8.05 -35.00 4.14
C ILE C 216 7.95 -33.66 4.85
N ILE C 217 7.47 -33.63 6.09
CA ILE C 217 7.47 -32.39 6.86
C ILE C 217 8.90 -32.02 7.27
N GLU C 218 9.68 -33.00 7.72
CA GLU C 218 11.04 -32.77 8.15
C GLU C 218 12.03 -32.82 7.00
N HIS C 219 11.56 -32.87 5.77
CA HIS C 219 12.46 -33.06 4.64
C HIS C 219 13.40 -31.89 4.46
N LYS C 220 14.55 -32.18 3.89
CA LYS C 220 15.60 -31.21 3.64
C LYS C 220 15.19 -30.13 2.65
N GLU C 221 14.45 -30.50 1.59
CA GLU C 221 14.16 -29.61 0.49
C GLU C 221 12.98 -28.68 0.77
N VAL C 222 12.04 -29.12 1.61
CA VAL C 222 10.84 -28.33 1.88
C VAL C 222 11.24 -26.98 2.47
N ASN C 223 10.86 -25.91 1.78
CA ASN C 223 11.16 -24.56 2.22
C ASN C 223 9.97 -23.86 2.84
N PHE C 224 8.79 -24.46 2.77
CA PHE C 224 7.56 -23.86 3.29
C PHE C 224 6.53 -24.95 3.45
N ILE C 225 5.79 -24.94 4.56
CA ILE C 225 4.76 -25.95 4.82
C ILE C 225 3.43 -25.23 4.96
N ASN C 226 2.51 -25.52 4.06
CA ASN C 226 1.15 -25.00 4.12
C ASN C 226 0.24 -26.16 4.47
N PHE C 227 -0.24 -26.19 5.71
CA PHE C 227 -0.97 -27.32 6.25
C PHE C 227 -2.35 -26.87 6.68
N THR C 228 -3.37 -27.65 6.32
CA THR C 228 -4.73 -27.45 6.79
C THR C 228 -5.22 -28.77 7.36
N GLY C 229 -5.59 -28.76 8.63
CA GLY C 229 -5.97 -30.00 9.28
C GLY C 229 -6.28 -29.77 10.73
N SER C 230 -6.25 -30.84 11.51
CA SER C 230 -6.60 -30.76 12.91
C SER C 230 -5.51 -30.09 13.73
N THR C 231 -5.91 -29.50 14.84
CA THR C 231 -4.93 -28.88 15.74
C THR C 231 -3.89 -29.84 16.28
N PRO C 232 -4.22 -31.08 16.68
CA PRO C 232 -3.14 -31.98 17.15
C PRO C 232 -2.04 -32.20 16.12
N ILE C 233 -2.39 -32.30 14.84
CA ILE C 233 -1.38 -32.51 13.82
C ILE C 233 -0.70 -31.19 13.47
N GLY C 234 -1.43 -30.08 13.55
CA GLY C 234 -0.83 -28.79 13.27
C GLY C 234 0.21 -28.39 14.30
N GLU C 235 -0.05 -28.70 15.57
CA GLU C 235 0.94 -28.43 16.60
C GLU C 235 2.22 -29.24 16.37
N ARG C 236 2.07 -30.52 16.06
CA ARG C 236 3.20 -31.37 15.74
C ARG C 236 3.97 -30.86 14.53
N ILE C 237 3.27 -30.42 13.49
CA ILE C 237 3.95 -29.94 12.30
C ILE C 237 4.69 -28.65 12.57
N GLY C 238 4.06 -27.70 13.26
CA GLY C 238 4.75 -26.48 13.63
C GLY C 238 5.92 -26.70 14.56
N ARG C 239 5.87 -27.75 15.36
CA ARG C 239 6.98 -28.13 16.23
C ARG C 239 8.10 -28.86 15.49
N LEU C 240 7.78 -29.65 14.47
CA LEU C 240 8.76 -30.35 13.66
C LEU C 240 9.42 -29.49 12.60
N ALA C 241 8.69 -28.51 12.07
CA ALA C 241 9.25 -27.60 11.07
C ALA C 241 10.37 -26.77 11.65
N GLY C 242 10.29 -26.46 12.94
CA GLY C 242 11.32 -25.69 13.59
C GLY C 242 11.33 -24.24 13.16
N MET C 243 12.32 -23.89 12.34
CA MET C 243 12.54 -22.52 11.94
C MET C 243 11.97 -22.20 10.56
N ARG C 244 11.61 -23.21 9.78
CA ARG C 244 11.08 -22.99 8.44
C ARG C 244 9.72 -22.32 8.51
N PRO C 245 9.37 -21.51 7.51
CA PRO C 245 8.07 -20.85 7.53
C PRO C 245 6.95 -21.87 7.36
N ILE C 246 5.84 -21.61 8.05
CA ILE C 246 4.66 -22.48 7.97
C ILE C 246 3.41 -21.62 7.94
N MET C 247 2.39 -22.14 7.28
CA MET C 247 1.01 -21.73 7.52
C MET C 247 0.27 -22.91 8.10
N LEU C 248 -0.53 -22.66 9.12
CA LEU C 248 -1.38 -23.68 9.70
C LEU C 248 -2.80 -23.16 9.69
N GLU C 249 -3.72 -23.98 9.20
CA GLU C 249 -5.15 -23.72 9.28
C GLU C 249 -5.72 -24.87 10.09
N LEU C 250 -5.81 -24.68 11.39
CA LEU C 250 -6.15 -25.74 12.31
C LEU C 250 -7.63 -25.69 12.66
N GLY C 251 -8.01 -26.42 13.69
CA GLY C 251 -9.41 -26.51 14.06
C GLY C 251 -9.98 -25.18 14.52
N GLY C 252 -11.30 -25.12 14.52
CA GLY C 252 -11.97 -23.93 15.00
C GLY C 252 -13.34 -24.23 15.55
N LYS C 253 -13.60 -23.81 16.79
CA LYS C 253 -14.91 -23.91 17.40
C LYS C 253 -15.58 -22.54 17.36
N ASP C 254 -16.02 -22.15 16.17
CA ASP C 254 -16.53 -20.80 15.97
C ASP C 254 -17.83 -20.60 16.72
N ALA C 255 -18.00 -19.42 17.30
CA ALA C 255 -19.16 -19.08 18.10
C ALA C 255 -20.08 -18.14 17.33
N ALA C 256 -21.35 -18.14 17.73
CA ALA C 256 -22.35 -17.23 17.17
C ALA C 256 -22.95 -16.48 18.35
N LEU C 257 -22.37 -15.33 18.67
CA LEU C 257 -22.84 -14.51 19.78
C LEU C 257 -24.13 -13.82 19.36
N VAL C 258 -25.26 -14.26 19.91
CA VAL C 258 -26.56 -13.66 19.64
C VAL C 258 -26.94 -12.79 20.82
N LEU C 259 -27.13 -11.50 20.56
CA LEU C 259 -27.44 -10.56 21.62
C LEU C 259 -28.96 -10.33 21.68
N GLU C 260 -29.39 -9.50 22.61
CA GLU C 260 -30.81 -9.29 22.82
C GLU C 260 -31.43 -8.51 21.66
N ASP C 261 -30.79 -7.44 21.22
CA ASP C 261 -31.27 -6.65 20.09
C ASP C 261 -30.76 -7.23 18.77
N ALA C 262 -31.20 -8.45 18.48
CA ALA C 262 -30.78 -9.17 17.28
C ALA C 262 -32.01 -9.63 16.51
N ASP C 263 -31.85 -9.75 15.20
CA ASP C 263 -32.89 -10.31 14.33
C ASP C 263 -32.81 -11.82 14.47
N LEU C 264 -33.63 -12.37 15.36
CA LEU C 264 -33.49 -13.78 15.72
C LEU C 264 -33.83 -14.71 14.57
N GLU C 265 -34.74 -14.30 13.67
CA GLU C 265 -35.04 -15.15 12.52
C GLU C 265 -33.86 -15.23 11.58
N HIS C 266 -33.28 -14.07 11.22
CA HIS C 266 -32.09 -14.05 10.39
C HIS C 266 -30.92 -14.72 11.10
N ALA C 267 -30.77 -14.47 12.40
CA ALA C 267 -29.71 -15.10 13.17
C ALA C 267 -29.82 -16.61 13.13
N ALA C 268 -31.04 -17.14 13.33
CA ALA C 268 -31.24 -18.58 13.31
C ALA C 268 -31.00 -19.16 11.93
N LYS C 269 -31.49 -18.49 10.89
CA LYS C 269 -31.24 -18.96 9.53
C LYS C 269 -29.75 -19.05 9.25
N GLN C 270 -29.01 -17.99 9.56
CA GLN C 270 -27.57 -17.96 9.33
C GLN C 270 -26.84 -19.00 10.17
N ILE C 271 -27.24 -19.16 11.43
CA ILE C 271 -26.55 -20.09 12.31
C ILE C 271 -26.75 -21.52 11.84
N VAL C 272 -27.97 -21.88 11.43
CA VAL C 272 -28.19 -23.24 10.96
C VAL C 272 -27.52 -23.47 9.61
N ALA C 273 -27.54 -22.46 8.74
CA ALA C 273 -26.86 -22.61 7.45
C ALA C 273 -25.37 -22.82 7.62
N GLY C 274 -24.75 -22.08 8.54
CA GLY C 274 -23.33 -22.25 8.76
C GLY C 274 -22.99 -23.50 9.54
N ALA C 275 -23.81 -23.84 10.53
CA ALA C 275 -23.45 -24.89 11.47
C ALA C 275 -23.58 -26.28 10.85
N PHE C 276 -24.61 -26.50 10.05
CA PHE C 276 -24.91 -27.83 9.54
C PHE C 276 -24.65 -27.97 8.05
N SER C 277 -23.90 -27.05 7.47
CA SER C 277 -23.52 -27.19 6.07
C SER C 277 -22.43 -28.26 5.96
N TYR C 278 -22.64 -29.21 5.06
CA TYR C 278 -21.76 -30.36 4.91
C TYR C 278 -21.67 -31.14 6.22
N SER C 279 -22.83 -31.36 6.85
CA SER C 279 -22.93 -32.15 8.08
C SER C 279 -22.04 -31.59 9.18
N GLY C 280 -21.90 -30.28 9.22
CA GLY C 280 -21.02 -29.66 10.19
C GLY C 280 -19.55 -29.90 9.93
N GLN C 281 -19.21 -30.47 8.77
CA GLN C 281 -17.84 -30.84 8.45
C GLN C 281 -17.09 -29.73 7.72
N ARG C 282 -17.36 -28.47 8.05
CA ARG C 282 -16.48 -27.38 7.71
C ARG C 282 -15.87 -26.84 9.00
N CYS C 283 -14.60 -26.47 8.94
CA CYS C 283 -13.94 -25.94 10.12
C CYS C 283 -14.34 -24.50 10.40
N THR C 284 -14.57 -23.71 9.35
CA THR C 284 -15.12 -22.37 9.51
C THR C 284 -16.64 -22.48 9.46
N ALA C 285 -17.20 -22.89 10.59
CA ALA C 285 -18.64 -23.07 10.74
C ALA C 285 -19.01 -22.76 12.17
N ILE C 286 -20.22 -22.26 12.37
CA ILE C 286 -20.72 -22.03 13.73
C ILE C 286 -20.78 -23.36 14.45
N LYS C 287 -19.99 -23.50 15.50
CA LYS C 287 -19.99 -24.69 16.33
C LYS C 287 -20.51 -24.43 17.73
N ARG C 288 -20.68 -23.17 18.11
CA ARG C 288 -21.28 -22.79 19.39
C ARG C 288 -22.30 -21.70 19.13
N VAL C 289 -23.37 -21.72 19.91
CA VAL C 289 -24.32 -20.62 19.95
C VAL C 289 -24.30 -20.07 21.37
N ILE C 290 -23.81 -18.84 21.53
CA ILE C 290 -23.76 -18.18 22.81
C ILE C 290 -24.81 -17.08 22.78
N VAL C 291 -25.93 -17.31 23.44
CA VAL C 291 -27.10 -16.46 23.35
C VAL C 291 -27.45 -15.97 24.75
N LEU C 292 -27.88 -14.72 24.84
CA LEU C 292 -28.23 -14.14 26.13
C LEU C 292 -29.50 -14.78 26.69
N GLU C 293 -29.79 -14.44 27.95
CA GLU C 293 -30.94 -15.00 28.66
C GLU C 293 -32.26 -14.60 28.02
N SER C 294 -32.37 -13.35 27.57
CA SER C 294 -33.65 -12.81 27.14
C SER C 294 -34.17 -13.48 25.86
N VAL C 295 -33.31 -13.61 24.86
CA VAL C 295 -33.71 -14.10 23.55
C VAL C 295 -33.37 -15.58 23.37
N ALA C 296 -32.90 -16.26 24.42
CA ALA C 296 -32.44 -17.62 24.28
C ALA C 296 -33.56 -18.57 23.86
N ASP C 297 -34.75 -18.39 24.44
CA ASP C 297 -35.84 -19.32 24.16
C ASP C 297 -36.35 -19.16 22.73
N LYS C 298 -36.54 -17.91 22.29
CA LYS C 298 -36.97 -17.66 20.92
C LYS C 298 -35.93 -18.15 19.93
N LEU C 299 -34.65 -17.87 20.20
CA LEU C 299 -33.61 -18.34 19.30
C LEU C 299 -33.54 -19.85 19.27
N ALA C 300 -33.75 -20.50 20.42
CA ALA C 300 -33.73 -21.97 20.45
C ALA C 300 -34.88 -22.54 19.64
N THR C 301 -36.06 -21.93 19.73
CA THR C 301 -37.20 -22.40 18.93
C THR C 301 -36.93 -22.25 17.44
N LEU C 302 -36.43 -21.08 17.04
CA LEU C 302 -36.16 -20.85 15.62
C LEU C 302 -35.06 -21.77 15.11
N LEU C 303 -33.99 -21.93 15.90
CA LEU C 303 -32.92 -22.84 15.53
C LEU C 303 -33.42 -24.26 15.39
N GLN C 304 -34.27 -24.70 16.32
CA GLN C 304 -34.74 -26.07 16.29
C GLN C 304 -35.62 -26.33 15.07
N GLU C 305 -36.47 -25.36 14.71
CA GLU C 305 -37.30 -25.59 13.52
C GLU C 305 -36.45 -25.56 12.25
N GLU C 306 -35.44 -24.69 12.21
CA GLU C 306 -34.55 -24.65 11.05
C GLU C 306 -33.77 -25.96 10.90
N VAL C 307 -33.29 -26.51 12.01
CA VAL C 307 -32.63 -27.82 11.95
C VAL C 307 -33.62 -28.90 11.55
N SER C 308 -34.87 -28.78 11.98
CA SER C 308 -35.89 -29.74 11.57
C SER C 308 -36.16 -29.68 10.07
N LYS C 309 -35.92 -28.53 9.44
CA LYS C 309 -36.07 -28.44 7.99
C LYS C 309 -35.01 -29.21 7.21
N LEU C 310 -33.92 -29.61 7.85
CA LEU C 310 -32.79 -30.18 7.11
C LEU C 310 -33.11 -31.59 6.62
N THR C 311 -32.66 -31.88 5.40
CA THR C 311 -32.84 -33.20 4.79
C THR C 311 -31.59 -34.03 5.05
N VAL C 312 -31.80 -35.27 5.50
CA VAL C 312 -30.72 -36.16 5.90
C VAL C 312 -30.76 -37.39 5.01
N GLY C 313 -29.65 -37.68 4.35
CA GLY C 313 -29.61 -38.83 3.45
C GLY C 313 -28.39 -38.92 2.56
N ASP C 314 -28.61 -39.32 1.31
CA ASP C 314 -27.57 -39.60 0.34
C ASP C 314 -26.98 -38.30 -0.22
N PRO C 315 -25.67 -38.26 -0.44
CA PRO C 315 -25.07 -37.09 -1.10
C PRO C 315 -25.62 -36.83 -2.49
N PHE C 316 -25.96 -37.87 -3.24
CA PHE C 316 -26.44 -37.68 -4.61
C PHE C 316 -27.92 -37.31 -4.67
N ASP C 317 -28.61 -37.35 -3.54
CA ASP C 317 -29.91 -36.71 -3.39
C ASP C 317 -29.79 -35.28 -2.87
N ASN C 318 -28.56 -34.76 -2.80
CA ASN C 318 -28.30 -33.39 -2.35
C ASN C 318 -28.86 -33.13 -0.96
N ALA C 319 -28.74 -34.12 -0.08
CA ALA C 319 -29.19 -33.97 1.29
C ALA C 319 -28.33 -32.94 2.01
N ASP C 320 -28.98 -32.14 2.87
CA ASP C 320 -28.24 -31.18 3.67
C ASP C 320 -27.28 -31.87 4.63
N ILE C 321 -27.71 -32.98 5.23
CA ILE C 321 -26.90 -33.75 6.15
C ILE C 321 -26.53 -35.05 5.45
N THR C 322 -25.24 -35.27 5.27
CA THR C 322 -24.66 -36.41 4.62
C THR C 322 -23.85 -37.23 5.61
N PRO C 323 -23.48 -38.46 5.27
CA PRO C 323 -22.66 -39.26 6.20
C PRO C 323 -21.34 -38.57 6.51
N VAL C 324 -20.91 -38.71 7.76
CA VAL C 324 -19.61 -38.17 8.17
C VAL C 324 -18.53 -39.03 7.52
N ILE C 325 -17.28 -38.56 7.59
CA ILE C 325 -16.26 -39.07 6.68
C ILE C 325 -15.95 -40.54 6.95
N ASP C 326 -15.90 -40.95 8.22
CA ASP C 326 -15.55 -42.33 8.53
C ASP C 326 -16.16 -42.71 9.86
N ASN C 327 -15.96 -43.98 10.25
CA ASN C 327 -16.57 -44.51 11.45
C ASN C 327 -15.99 -43.88 12.71
N ALA C 328 -14.70 -43.58 12.70
CA ALA C 328 -14.08 -42.98 13.88
C ALA C 328 -14.64 -41.60 14.18
N SER C 329 -14.87 -40.79 13.14
CA SER C 329 -15.48 -39.48 13.35
C SER C 329 -16.89 -39.61 13.88
N ALA C 330 -17.66 -40.57 13.37
CA ALA C 330 -19.01 -40.80 13.87
C ALA C 330 -18.97 -41.23 15.33
N ASP C 331 -18.02 -42.09 15.69
CA ASP C 331 -17.90 -42.52 17.08
C ASP C 331 -17.54 -41.35 17.99
N PHE C 332 -16.64 -40.47 17.55
CA PHE C 332 -16.28 -39.31 18.35
C PHE C 332 -17.46 -38.37 18.54
N ILE C 333 -18.20 -38.09 17.47
CA ILE C 333 -19.36 -37.22 17.57
C ILE C 333 -20.42 -37.84 18.47
N TRP C 334 -20.63 -39.16 18.34
CA TRP C 334 -21.58 -39.85 19.20
C TRP C 334 -21.15 -39.80 20.66
N GLY C 335 -19.85 -39.90 20.93
CA GLY C 335 -19.38 -39.77 22.29
C GLY C 335 -19.65 -38.40 22.87
N LEU C 336 -19.46 -37.36 22.06
CA LEU C 336 -19.78 -36.01 22.53
C LEU C 336 -21.28 -35.86 22.81
N ILE C 337 -22.11 -36.43 21.93
CA ILE C 337 -23.55 -36.39 22.14
C ILE C 337 -23.94 -37.13 23.41
N GLU C 338 -23.33 -38.29 23.65
CA GLU C 338 -23.61 -39.07 24.84
C GLU C 338 -23.19 -38.32 26.10
N ASP C 339 -22.05 -37.64 26.05
CA ASP C 339 -21.64 -36.82 27.19
C ASP C 339 -22.65 -35.70 27.46
N ALA C 340 -23.11 -35.04 26.39
CA ALA C 340 -24.08 -33.96 26.57
C ALA C 340 -25.38 -34.48 27.17
N GLN C 341 -25.84 -35.65 26.70
CA GLN C 341 -27.03 -36.26 27.27
C GLN C 341 -26.80 -36.66 28.72
N GLU C 342 -25.61 -37.15 29.05
CA GLU C 342 -25.26 -37.47 30.42
C GLU C 342 -25.43 -36.28 31.34
N LYS C 343 -24.96 -35.11 30.92
CA LYS C 343 -24.96 -33.92 31.76
C LYS C 343 -26.21 -33.07 31.56
N GLU C 344 -27.31 -33.69 31.16
CA GLU C 344 -28.65 -33.07 31.15
C GLU C 344 -28.72 -31.91 30.15
N ALA C 345 -28.35 -32.19 28.91
CA ALA C 345 -28.50 -31.22 27.83
C ALA C 345 -29.81 -31.48 27.11
N GLN C 346 -30.57 -30.41 26.87
CA GLN C 346 -31.87 -30.52 26.24
C GLN C 346 -31.69 -30.76 24.75
N ALA C 347 -31.77 -32.02 24.34
CA ALA C 347 -31.69 -32.36 22.92
C ALA C 347 -32.93 -31.85 22.21
N LEU C 348 -32.76 -30.82 21.38
CA LEU C 348 -33.89 -30.17 20.73
C LEU C 348 -34.29 -30.85 19.43
N THR C 349 -33.51 -31.79 18.93
CA THR C 349 -33.77 -32.51 17.69
C THR C 349 -33.56 -33.99 17.91
N PRO C 350 -34.15 -34.84 17.07
CA PRO C 350 -33.96 -36.29 17.22
C PRO C 350 -32.50 -36.67 17.15
N ILE C 351 -32.12 -37.65 17.98
CA ILE C 351 -30.75 -38.15 18.02
C ILE C 351 -30.74 -39.58 17.49
N LYS C 352 -30.49 -39.74 16.20
CA LYS C 352 -30.47 -41.05 15.56
C LYS C 352 -29.18 -41.21 14.77
N ARG C 353 -28.67 -42.44 14.74
CA ARG C 353 -27.44 -42.77 14.03
C ARG C 353 -27.67 -44.02 13.20
N GLU C 354 -27.21 -43.98 11.95
CA GLU C 354 -27.25 -45.15 11.08
C GLU C 354 -25.85 -45.50 10.61
N GLY C 355 -24.90 -45.52 11.52
CA GLY C 355 -23.49 -45.71 11.16
C GLY C 355 -22.77 -44.39 10.96
N ASN C 356 -22.35 -44.13 9.72
CA ASN C 356 -21.77 -42.84 9.39
C ASN C 356 -22.82 -41.74 9.28
N LEU C 357 -24.08 -42.10 9.05
CA LEU C 357 -25.11 -41.12 8.76
C LEU C 357 -25.76 -40.71 10.08
N LEU C 358 -25.21 -39.64 10.66
CA LEU C 358 -25.74 -39.09 11.90
C LEU C 358 -26.78 -38.03 11.61
N TRP C 359 -27.70 -37.88 12.53
CA TRP C 359 -28.71 -36.88 12.24
C TRP C 359 -28.41 -35.59 13.02
N PRO C 360 -28.78 -34.44 12.45
CA PRO C 360 -28.43 -33.16 13.09
C PRO C 360 -28.99 -33.05 14.49
N VAL C 361 -28.10 -32.81 15.46
CA VAL C 361 -28.46 -32.73 16.86
C VAL C 361 -28.26 -31.29 17.31
N LEU C 362 -29.33 -30.70 17.85
CA LEU C 362 -29.28 -29.37 18.45
C LEU C 362 -29.44 -29.51 19.95
N PHE C 363 -28.45 -29.06 20.70
CA PHE C 363 -28.44 -29.17 22.14
C PHE C 363 -28.68 -27.81 22.77
N ASP C 364 -29.55 -27.76 23.77
CA ASP C 364 -29.76 -26.57 24.56
C ASP C 364 -29.33 -26.82 26.00
N GLN C 365 -29.25 -25.73 26.77
CA GLN C 365 -28.85 -25.79 28.16
C GLN C 365 -27.47 -26.41 28.33
N VAL C 366 -26.53 -25.99 27.49
CA VAL C 366 -25.18 -26.52 27.52
C VAL C 366 -24.33 -25.71 28.48
N THR C 367 -23.59 -26.38 29.35
CA THR C 367 -22.72 -25.75 30.34
C THR C 367 -21.25 -25.96 29.96
N LYS C 368 -20.36 -25.56 30.86
CA LYS C 368 -18.94 -25.77 30.62
C LYS C 368 -18.57 -27.23 30.61
N ASP C 369 -19.29 -28.06 31.35
CA ASP C 369 -18.83 -29.40 31.68
C ASP C 369 -19.03 -30.40 30.55
N MET C 370 -19.91 -30.11 29.60
CA MET C 370 -20.09 -30.99 28.46
C MET C 370 -18.98 -30.78 27.44
N LYS C 371 -18.43 -31.89 26.95
CA LYS C 371 -17.33 -31.80 26.00
C LYS C 371 -17.74 -31.16 24.69
N VAL C 372 -19.04 -31.19 24.36
CA VAL C 372 -19.52 -30.58 23.14
C VAL C 372 -19.39 -29.06 23.19
N ALA C 373 -19.31 -28.48 24.39
CA ALA C 373 -19.13 -27.04 24.50
C ALA C 373 -17.73 -26.61 24.11
N TRP C 374 -16.75 -27.50 24.21
CA TRP C 374 -15.36 -27.20 23.95
C TRP C 374 -14.79 -27.95 22.76
N GLU C 375 -14.89 -29.27 22.75
CA GLU C 375 -14.28 -30.06 21.69
C GLU C 375 -14.99 -29.79 20.37
N GLU C 376 -14.22 -29.72 19.31
CA GLU C 376 -14.77 -29.55 17.98
C GLU C 376 -15.33 -30.89 17.51
N PRO C 377 -16.65 -31.07 17.51
CA PRO C 377 -17.19 -32.37 17.11
C PRO C 377 -16.94 -32.65 15.65
N PHE C 378 -16.83 -31.59 14.86
CA PHE C 378 -16.61 -31.67 13.43
C PHE C 378 -17.74 -32.46 12.79
N GLY C 379 -18.94 -32.32 13.34
CA GLY C 379 -20.09 -33.07 12.88
C GLY C 379 -21.39 -32.33 13.14
N PRO C 380 -22.51 -32.97 12.83
CA PRO C 380 -23.82 -32.29 12.90
C PRO C 380 -24.35 -32.17 14.32
N VAL C 381 -23.60 -31.47 15.16
CA VAL C 381 -24.01 -31.16 16.53
C VAL C 381 -23.77 -29.68 16.78
N LEU C 382 -24.78 -29.00 17.31
CA LEU C 382 -24.69 -27.58 17.61
C LEU C 382 -25.17 -27.31 19.02
N PRO C 383 -24.26 -27.10 19.97
CA PRO C 383 -24.68 -26.73 21.31
C PRO C 383 -25.12 -25.27 21.39
N ILE C 384 -26.14 -25.03 22.22
CA ILE C 384 -26.62 -23.69 22.50
C ILE C 384 -26.28 -23.38 23.95
N ILE C 385 -25.50 -22.32 24.16
CA ILE C 385 -25.12 -21.89 25.50
C ILE C 385 -25.85 -20.61 25.84
N ARG C 386 -26.36 -20.53 27.06
CA ARG C 386 -27.04 -19.35 27.56
C ARG C 386 -26.14 -18.63 28.55
N VAL C 387 -25.98 -17.32 28.36
CA VAL C 387 -25.17 -16.49 29.26
C VAL C 387 -26.03 -15.29 29.67
N ALA C 388 -25.60 -14.66 30.77
CA ALA C 388 -26.41 -13.61 31.37
C ALA C 388 -26.12 -12.22 30.82
N SER C 389 -24.88 -11.96 30.40
CA SER C 389 -24.49 -10.65 29.94
C SER C 389 -23.59 -10.78 28.72
N VAL C 390 -23.32 -9.65 28.07
CA VAL C 390 -22.38 -9.62 26.96
C VAL C 390 -20.98 -9.93 27.46
N GLU C 391 -20.65 -9.49 28.67
CA GLU C 391 -19.33 -9.79 29.24
C GLU C 391 -19.12 -11.29 29.38
N GLU C 392 -20.14 -12.00 29.87
CA GLU C 392 -20.03 -13.45 29.98
C GLU C 392 -19.98 -14.10 28.60
N ALA C 393 -20.69 -13.55 27.62
CA ALA C 393 -20.64 -14.09 26.27
C ALA C 393 -19.23 -13.98 25.69
N ILE C 394 -18.61 -12.81 25.85
CA ILE C 394 -17.26 -12.61 25.35
C ILE C 394 -16.27 -13.50 26.11
N ALA C 395 -16.44 -13.61 27.42
CA ALA C 395 -15.55 -14.45 28.21
C ALA C 395 -15.65 -15.90 27.77
N PHE C 396 -16.86 -16.40 27.55
CA PHE C 396 -17.04 -17.79 27.17
C PHE C 396 -16.54 -18.05 25.76
N ALA C 397 -16.71 -17.08 24.86
CA ALA C 397 -16.15 -17.23 23.53
C ALA C 397 -14.62 -17.24 23.57
N ASN C 398 -14.02 -16.48 24.48
CA ASN C 398 -12.58 -16.42 24.57
C ASN C 398 -11.96 -17.56 25.38
N GLU C 399 -12.76 -18.30 26.14
CA GLU C 399 -12.20 -19.44 26.87
C GLU C 399 -11.87 -20.63 25.98
N SER C 400 -12.28 -20.60 24.72
CA SER C 400 -12.03 -21.71 23.83
C SER C 400 -10.53 -21.81 23.51
N GLU C 401 -10.13 -23.02 23.10
CA GLU C 401 -8.77 -23.30 22.66
C GLU C 401 -8.58 -22.94 21.20
N PHE C 402 -9.47 -22.14 20.64
CA PHE C 402 -9.57 -21.90 19.21
C PHE C 402 -9.87 -20.44 18.95
N GLY C 403 -9.42 -19.95 17.80
CA GLY C 403 -9.62 -18.56 17.47
C GLY C 403 -9.87 -18.29 16.01
N LEU C 404 -10.47 -19.23 15.29
CA LEU C 404 -10.63 -19.07 13.85
C LEU C 404 -11.52 -17.88 13.49
N GLN C 405 -12.80 -17.98 13.81
CA GLN C 405 -13.77 -16.97 13.43
C GLN C 405 -14.88 -16.94 14.46
N SER C 406 -15.66 -15.88 14.41
CA SER C 406 -16.86 -15.79 15.24
C SER C 406 -17.82 -14.86 14.54
N SER C 407 -19.08 -14.97 14.90
CA SER C 407 -20.12 -14.14 14.33
C SER C 407 -20.93 -13.51 15.44
N VAL C 408 -21.20 -12.21 15.32
CA VAL C 408 -21.95 -11.47 16.32
C VAL C 408 -23.26 -11.04 15.67
N PHE C 409 -24.38 -11.44 16.25
CA PHE C 409 -25.70 -11.07 15.75
C PHE C 409 -26.30 -10.03 16.67
N THR C 410 -26.46 -8.82 16.16
CA THR C 410 -27.07 -7.73 16.91
C THR C 410 -27.47 -6.65 15.92
N ASN C 411 -28.30 -5.72 16.40
CA ASN C 411 -28.74 -4.60 15.57
C ASN C 411 -27.89 -3.36 15.76
N ASP C 412 -27.35 -3.15 16.96
CA ASP C 412 -26.45 -2.03 17.22
C ASP C 412 -25.05 -2.41 16.75
N PHE C 413 -24.66 -1.95 15.56
CA PHE C 413 -23.34 -2.31 15.05
C PHE C 413 -22.21 -1.65 15.83
N LYS C 414 -22.42 -0.53 16.50
CA LYS C 414 -21.34 -0.02 17.33
C LYS C 414 -20.98 -0.99 18.45
N LYS C 415 -21.97 -1.60 19.09
CA LYS C 415 -21.71 -2.66 20.04
C LYS C 415 -21.10 -3.89 19.37
N ALA C 416 -21.50 -4.16 18.12
CA ALA C 416 -20.94 -5.28 17.40
C ALA C 416 -19.45 -5.09 17.13
N PHE C 417 -19.04 -3.89 16.74
CA PHE C 417 -17.61 -3.62 16.60
C PHE C 417 -16.88 -3.76 17.92
N GLU C 418 -17.46 -3.25 19.01
CA GLU C 418 -16.82 -3.37 20.32
C GLU C 418 -16.58 -4.84 20.67
N ILE C 419 -17.60 -5.67 20.53
CA ILE C 419 -17.45 -7.10 20.77
C ILE C 419 -16.42 -7.68 19.81
N ALA C 420 -16.41 -7.20 18.57
CA ALA C 420 -15.53 -7.77 17.56
C ALA C 420 -14.07 -7.59 17.92
N GLU C 421 -13.66 -6.42 18.39
CA GLU C 421 -12.27 -6.35 18.85
C GLU C 421 -12.08 -6.86 20.27
N LYS C 422 -13.14 -7.19 21.01
CA LYS C 422 -12.93 -7.96 22.22
C LYS C 422 -12.81 -9.46 21.99
N LEU C 423 -13.20 -9.96 20.83
CA LEU C 423 -13.17 -11.40 20.55
C LEU C 423 -11.78 -11.81 20.07
N GLU C 424 -11.25 -12.87 20.66
CA GLU C 424 -9.89 -13.34 20.32
C GLU C 424 -9.95 -14.32 19.16
N VAL C 425 -10.44 -13.82 18.03
CA VAL C 425 -10.55 -14.59 16.80
C VAL C 425 -9.86 -13.83 15.68
N GLY C 426 -9.75 -14.49 14.54
CA GLY C 426 -9.12 -13.86 13.38
C GLY C 426 -10.08 -13.07 12.54
N THR C 427 -11.35 -13.48 12.49
CA THR C 427 -12.37 -12.80 11.71
C THR C 427 -13.67 -12.78 12.51
N VAL C 428 -14.33 -11.64 12.53
CA VAL C 428 -15.65 -11.50 13.14
C VAL C 428 -16.63 -11.10 12.05
N HIS C 429 -17.68 -11.89 11.89
CA HIS C 429 -18.76 -11.58 10.97
C HIS C 429 -19.90 -10.95 11.74
N ILE C 430 -20.38 -9.81 11.27
CA ILE C 430 -21.44 -9.09 11.94
C ILE C 430 -22.75 -9.39 11.22
N ASN C 431 -23.67 -10.06 11.93
CA ASN C 431 -24.98 -10.43 11.40
C ASN C 431 -24.88 -11.39 10.23
N ASN C 432 -23.87 -12.25 10.23
CA ASN C 432 -23.70 -13.22 9.17
C ASN C 432 -22.97 -14.43 9.72
N LYS C 433 -23.21 -15.58 9.09
CA LYS C 433 -22.52 -16.80 9.48
C LYS C 433 -21.06 -16.71 9.10
N THR C 434 -20.22 -17.40 9.88
CA THR C 434 -18.80 -17.44 9.59
C THR C 434 -18.54 -18.27 8.33
N GLN C 435 -17.57 -17.84 7.54
CA GLN C 435 -17.19 -18.53 6.33
C GLN C 435 -15.82 -18.03 5.91
N ARG C 436 -15.14 -18.81 5.07
CA ARG C 436 -13.91 -18.31 4.46
C ARG C 436 -14.18 -17.13 3.56
N GLY C 437 -15.43 -16.93 3.15
CA GLY C 437 -15.86 -15.74 2.48
C GLY C 437 -15.25 -15.64 1.11
N PRO C 438 -15.32 -14.45 0.51
CA PRO C 438 -14.56 -14.21 -0.72
C PRO C 438 -13.09 -14.47 -0.46
N ASP C 439 -12.49 -15.31 -1.29
CA ASP C 439 -11.13 -15.75 -1.02
C ASP C 439 -10.10 -14.63 -1.18
N ASN C 440 -10.51 -13.40 -1.44
CA ASN C 440 -9.59 -12.29 -1.30
C ASN C 440 -9.53 -11.79 0.14
N PHE C 441 -10.59 -12.04 0.92
CA PHE C 441 -10.60 -11.61 2.30
C PHE C 441 -9.54 -12.38 3.08
N PRO C 442 -8.90 -11.76 4.08
CA PRO C 442 -7.96 -12.51 4.92
C PRO C 442 -8.68 -13.60 5.69
N PHE C 443 -8.00 -14.73 5.85
CA PHE C 443 -8.52 -15.86 6.61
C PHE C 443 -7.42 -16.33 7.55
N LEU C 444 -7.68 -16.24 8.85
CA LEU C 444 -6.69 -16.66 9.82
C LEU C 444 -7.37 -17.10 11.10
N GLY C 445 -6.64 -17.87 11.90
CA GLY C 445 -7.02 -18.17 13.26
C GLY C 445 -5.86 -17.82 14.16
N VAL C 446 -6.09 -17.70 15.46
CA VAL C 446 -5.08 -17.17 16.36
C VAL C 446 -4.74 -18.16 17.47
N LYS C 447 -5.68 -18.46 18.36
CA LYS C 447 -5.38 -19.20 19.58
C LYS C 447 -5.41 -20.70 19.33
N GLY C 448 -4.45 -21.21 18.57
CA GLY C 448 -4.46 -22.61 18.25
C GLY C 448 -5.39 -23.00 17.12
N SER C 449 -5.98 -22.02 16.44
CA SER C 449 -6.70 -22.26 15.21
C SER C 449 -5.83 -22.04 13.98
N GLY C 450 -4.56 -21.73 14.16
CA GLY C 450 -3.68 -21.57 13.03
C GLY C 450 -2.47 -20.75 13.39
N ALA C 451 -1.66 -20.51 12.36
CA ALA C 451 -0.44 -19.71 12.49
C ALA C 451 -0.15 -19.13 11.11
N GLY C 452 -0.45 -17.85 10.94
CA GLY C 452 -0.30 -17.17 9.67
C GLY C 452 -1.62 -16.64 9.15
N VAL C 453 -1.51 -15.75 8.17
CA VAL C 453 -2.65 -15.13 7.53
C VAL C 453 -2.73 -15.67 6.12
N GLN C 454 -3.91 -16.10 5.72
CA GLN C 454 -4.10 -16.67 4.40
C GLN C 454 -5.28 -15.94 3.73
N GLY C 455 -5.72 -16.44 2.59
CA GLY C 455 -6.38 -15.57 1.65
C GLY C 455 -5.42 -15.26 0.51
N ILE C 456 -5.97 -15.02 -0.66
CA ILE C 456 -5.17 -15.18 -1.88
C ILE C 456 -3.98 -14.21 -1.88
N LYS C 457 -4.22 -12.93 -1.64
CA LYS C 457 -3.11 -11.99 -1.53
C LYS C 457 -2.15 -12.37 -0.43
N TYR C 458 -2.68 -12.67 0.76
CA TYR C 458 -1.83 -12.94 1.91
C TYR C 458 -1.06 -14.25 1.76
N SER C 459 -1.68 -15.25 1.15
CA SER C 459 -0.96 -16.50 0.91
C SER C 459 0.07 -16.35 -0.19
N ILE C 460 -0.20 -15.55 -1.21
CA ILE C 460 0.82 -15.29 -2.24
C ILE C 460 2.02 -14.59 -1.60
N GLU C 461 1.76 -13.59 -0.76
CA GLU C 461 2.87 -12.84 -0.16
C GLU C 461 3.61 -13.65 0.89
N ALA C 462 2.94 -14.52 1.62
CA ALA C 462 3.57 -15.22 2.72
C ALA C 462 4.38 -16.43 2.28
N MET C 463 4.21 -16.89 1.04
CA MET C 463 5.04 -17.96 0.49
C MET C 463 6.20 -17.40 -0.33
N THR C 464 6.64 -16.19 -0.02
CA THR C 464 7.75 -15.57 -0.73
C THR C 464 8.71 -14.95 0.28
N ASN C 465 9.98 -14.88 -0.09
CA ASN C 465 10.99 -14.21 0.70
C ASN C 465 11.15 -12.77 0.22
N VAL C 466 11.23 -11.85 1.16
CA VAL C 466 11.61 -10.48 0.84
C VAL C 466 13.09 -10.46 0.47
N LYS C 467 13.42 -9.74 -0.61
CA LYS C 467 14.81 -9.49 -0.95
C LYS C 467 14.99 -8.00 -1.21
N SER C 468 15.78 -7.36 -0.38
CA SER C 468 16.12 -5.95 -0.52
C SER C 468 17.44 -5.83 -1.26
N ILE C 469 17.50 -4.91 -2.22
CA ILE C 469 18.73 -4.57 -2.92
C ILE C 469 18.99 -3.10 -2.66
N VAL C 470 20.10 -2.80 -1.99
CA VAL C 470 20.42 -1.45 -1.54
C VAL C 470 21.60 -0.93 -2.34
N PHE C 471 21.42 0.21 -3.01
CA PHE C 471 22.48 0.83 -3.76
C PHE C 471 22.43 2.35 -3.54
N ASP C 472 23.41 3.04 -4.08
CA ASP C 472 23.51 4.49 -3.93
C ASP C 472 22.96 5.16 -5.17
N MET D 1 29.95 -4.29 43.45
CA MET D 1 29.28 -3.55 44.51
C MET D 1 27.83 -3.25 44.18
N THR D 2 27.60 -2.63 43.02
CA THR D 2 26.31 -2.06 42.69
C THR D 2 25.29 -3.16 42.40
N ARG D 3 24.21 -3.16 43.18
CA ARG D 3 23.14 -4.12 43.00
C ARG D 3 22.23 -3.64 41.88
N TYR D 4 21.94 -4.49 40.91
CA TYR D 4 20.96 -4.18 39.89
C TYR D 4 19.74 -5.08 40.04
N GLN D 5 18.58 -4.53 39.68
CA GLN D 5 17.30 -5.18 39.90
C GLN D 5 16.51 -5.20 38.59
N ASN D 6 15.59 -6.15 38.50
CA ASN D 6 14.75 -6.30 37.34
C ASN D 6 13.48 -5.47 37.46
N LEU D 7 13.06 -4.88 36.34
CA LEU D 7 11.80 -4.16 36.29
C LEU D 7 10.68 -5.19 36.14
N VAL D 8 9.95 -5.43 37.21
CA VAL D 8 8.82 -6.35 37.19
C VAL D 8 7.62 -5.63 37.77
N ASN D 9 6.55 -5.53 36.99
CA ASN D 9 5.30 -4.88 37.41
C ASN D 9 5.55 -3.44 37.84
N GLY D 10 6.48 -2.78 37.16
CA GLY D 10 6.73 -1.37 37.39
C GLY D 10 7.58 -1.06 38.60
N LYS D 11 7.93 -2.05 39.40
CA LYS D 11 8.80 -1.89 40.55
C LYS D 11 10.01 -2.82 40.46
N TRP D 12 11.09 -2.41 41.12
CA TRP D 12 12.40 -3.04 40.99
C TRP D 12 12.49 -4.20 41.97
N LYS D 13 12.87 -5.37 41.47
CA LYS D 13 12.96 -6.58 42.26
C LYS D 13 14.35 -7.18 42.13
N SER D 14 14.92 -7.58 43.26
CA SER D 14 16.15 -8.36 43.29
C SER D 14 15.81 -9.83 43.45
N SER D 15 16.81 -10.69 43.27
CA SER D 15 16.64 -12.12 43.37
C SER D 15 17.63 -12.69 44.37
N GLU D 16 17.31 -13.89 44.87
CA GLU D 16 18.22 -14.55 45.80
C GLU D 16 19.54 -14.90 45.13
N GLN D 17 19.48 -15.61 44.01
CA GLN D 17 20.66 -15.90 43.21
C GLN D 17 21.06 -14.64 42.44
N GLU D 18 22.35 -14.53 42.13
CA GLU D 18 22.86 -13.35 41.45
C GLU D 18 23.97 -13.74 40.47
N ILE D 19 24.11 -12.93 39.43
CA ILE D 19 25.17 -13.10 38.44
C ILE D 19 26.06 -11.86 38.52
N THR D 20 27.36 -12.08 38.64
CA THR D 20 28.32 -10.99 38.66
C THR D 20 28.82 -10.73 37.24
N ILE D 21 28.85 -9.47 36.85
CA ILE D 21 29.25 -9.07 35.51
C ILE D 21 30.66 -8.53 35.57
N TYR D 22 31.55 -9.10 34.77
CA TYR D 22 32.95 -8.73 34.74
C TYR D 22 33.27 -8.09 33.40
N SER D 23 34.00 -6.98 33.44
CA SER D 23 34.34 -6.29 32.22
C SER D 23 35.24 -7.16 31.35
N PRO D 24 34.91 -7.36 30.07
CA PRO D 24 35.82 -8.10 29.19
C PRO D 24 37.15 -7.41 29.01
N ILE D 25 37.23 -6.12 29.30
CA ILE D 25 38.48 -5.40 29.13
C ILE D 25 39.53 -5.88 30.11
N ASN D 26 39.20 -5.86 31.41
CA ASN D 26 40.18 -6.18 32.44
C ASN D 26 39.59 -6.99 33.59
N GLN D 27 38.49 -7.71 33.36
CA GLN D 27 37.83 -8.52 34.39
C GLN D 27 37.45 -7.69 35.61
N GLU D 28 37.02 -6.46 35.35
CA GLU D 28 36.54 -5.57 36.41
C GLU D 28 35.09 -5.89 36.73
N GLU D 29 34.79 -6.09 38.00
CA GLU D 29 33.42 -6.30 38.41
C GLU D 29 32.60 -5.04 38.18
N LEU D 30 31.63 -5.12 37.27
CA LEU D 30 30.80 -3.97 36.95
C LEU D 30 29.52 -3.91 37.78
N GLY D 31 29.08 -5.03 38.31
CA GLY D 31 27.87 -5.07 39.10
C GLY D 31 27.36 -6.49 39.20
N THR D 32 26.12 -6.60 39.64
CA THR D 32 25.45 -7.88 39.79
C THR D 32 24.02 -7.75 39.29
N VAL D 33 23.61 -8.67 38.43
CA VAL D 33 22.23 -8.70 37.94
C VAL D 33 21.52 -9.89 38.58
N PRO D 34 20.22 -9.79 38.84
CA PRO D 34 19.51 -10.91 39.48
C PRO D 34 19.39 -12.09 38.56
N ALA D 35 19.60 -13.29 39.11
CA ALA D 35 19.35 -14.52 38.37
C ALA D 35 17.95 -14.99 38.75
N MET D 36 16.96 -14.52 38.00
CA MET D 36 15.57 -14.77 38.34
C MET D 36 15.27 -16.27 38.30
N THR D 37 14.48 -16.72 39.28
CA THR D 37 14.02 -18.08 39.32
C THR D 37 12.82 -18.25 38.41
N GLN D 38 12.35 -19.49 38.28
CA GLN D 38 11.22 -19.76 37.41
C GLN D 38 9.95 -19.08 37.93
N THR D 39 9.75 -19.07 39.24
CA THR D 39 8.55 -18.44 39.79
C THR D 39 8.58 -16.92 39.62
N GLU D 40 9.76 -16.31 39.68
CA GLU D 40 9.84 -14.88 39.43
C GLU D 40 9.52 -14.58 37.97
N ALA D 41 9.95 -15.44 37.04
CA ALA D 41 9.55 -15.29 35.65
C ALA D 41 8.04 -15.46 35.49
N ASP D 42 7.45 -16.38 36.24
CA ASP D 42 5.99 -16.51 36.23
C ASP D 42 5.31 -15.24 36.72
N GLU D 43 5.84 -14.65 37.79
CA GLU D 43 5.25 -13.41 38.30
C GLU D 43 5.37 -12.28 37.29
N ALA D 44 6.52 -12.21 36.61
CA ALA D 44 6.70 -11.17 35.59
C ALA D 44 5.73 -11.36 34.43
N MET D 45 5.51 -12.62 34.00
CA MET D 45 4.52 -12.88 32.96
C MET D 45 3.11 -12.55 33.43
N GLN D 46 2.80 -12.85 34.69
CA GLN D 46 1.54 -12.45 35.29
C GLN D 46 1.33 -10.95 35.18
N ALA D 47 2.35 -10.18 35.56
CA ALA D 47 2.25 -8.73 35.50
C ALA D 47 2.03 -8.25 34.07
N ALA D 48 2.76 -8.81 33.11
CA ALA D 48 2.58 -8.42 31.72
C ALA D 48 1.17 -8.74 31.23
N ARG D 49 0.66 -9.93 31.55
CA ARG D 49 -0.68 -10.30 31.13
C ARG D 49 -1.72 -9.39 31.74
N ALA D 50 -1.52 -9.00 33.00
CA ALA D 50 -2.48 -8.12 33.66
C ALA D 50 -2.42 -6.70 33.10
N ALA D 51 -1.24 -6.24 32.71
CA ALA D 51 -1.10 -4.89 32.18
C ALA D 51 -1.44 -4.79 30.70
N LEU D 52 -1.55 -5.91 30.00
CA LEU D 52 -1.88 -5.87 28.58
C LEU D 52 -3.18 -5.15 28.25
N PRO D 53 -4.31 -5.39 28.94
CA PRO D 53 -5.56 -4.73 28.51
C PRO D 53 -5.52 -3.21 28.56
N ALA D 54 -5.00 -2.63 29.64
CA ALA D 54 -4.97 -1.18 29.75
C ALA D 54 -3.99 -0.55 28.77
N TRP D 55 -2.87 -1.23 28.51
CA TRP D 55 -1.92 -0.74 27.51
C TRP D 55 -2.54 -0.76 26.13
N ARG D 56 -3.20 -1.87 25.79
CA ARG D 56 -3.80 -2.00 24.47
C ARG D 56 -4.98 -1.05 24.30
N ALA D 57 -5.63 -0.67 25.39
CA ALA D 57 -6.77 0.23 25.32
C ALA D 57 -6.39 1.70 25.16
N LEU D 58 -5.10 2.03 25.28
CA LEU D 58 -4.66 3.40 25.07
C LEU D 58 -4.72 3.76 23.60
N SER D 59 -4.65 5.06 23.33
CA SER D 59 -4.48 5.50 21.96
C SER D 59 -3.06 5.19 21.49
N ALA D 60 -2.90 5.10 20.17
CA ALA D 60 -1.56 4.92 19.63
C ALA D 60 -0.67 6.10 19.99
N ILE D 61 -1.23 7.30 20.01
CA ILE D 61 -0.43 8.49 20.32
C ILE D 61 -0.08 8.53 21.81
N GLU D 62 -1.00 8.10 22.68
CA GLU D 62 -0.67 7.99 24.10
C GLU D 62 0.42 6.96 24.33
N ARG D 63 0.39 5.87 23.58
CA ARG D 63 1.44 4.87 23.66
C ARG D 63 2.77 5.42 23.16
N ALA D 64 2.75 6.21 22.10
CA ALA D 64 3.97 6.76 21.53
C ALA D 64 4.56 7.87 22.39
N ALA D 65 3.75 8.52 23.22
CA ALA D 65 4.30 9.53 24.13
C ALA D 65 5.32 8.92 25.07
N TYR D 66 5.03 7.73 25.59
CA TYR D 66 5.97 7.05 26.47
C TYR D 66 7.27 6.71 25.76
N LEU D 67 7.17 6.26 24.50
CA LEU D 67 8.38 5.94 23.75
C LEU D 67 9.20 7.18 23.46
N HIS D 68 8.54 8.30 23.17
CA HIS D 68 9.28 9.55 22.96
C HIS D 68 9.97 10.00 24.24
N LYS D 69 9.29 9.87 25.39
CA LYS D 69 9.93 10.22 26.66
C LYS D 69 11.11 9.30 26.97
N THR D 70 10.96 8.01 26.68
CA THR D 70 12.07 7.07 26.85
C THR D 70 13.26 7.46 25.97
N ALA D 71 13.00 7.83 24.73
CA ALA D 71 14.07 8.24 23.83
C ALA D 71 14.77 9.50 24.35
N ALA D 72 13.99 10.44 24.89
CA ALA D 72 14.58 11.65 25.46
C ALA D 72 15.47 11.32 26.65
N ILE D 73 15.02 10.42 27.53
CA ILE D 73 15.84 10.05 28.69
C ILE D 73 17.09 9.30 28.25
N LEU D 74 16.98 8.44 27.24
CA LEU D 74 18.15 7.76 26.70
C LEU D 74 19.16 8.76 26.13
N GLU D 75 18.68 9.74 25.38
CA GLU D 75 19.55 10.80 24.88
C GLU D 75 20.22 11.55 26.01
N ARG D 76 19.47 11.83 27.07
CA ARG D 76 20.03 12.55 28.21
C ARG D 76 21.10 11.75 28.92
N ASP D 77 20.91 10.45 29.09
CA ASP D 77 21.83 9.60 29.83
C ASP D 77 22.74 8.79 28.90
N LYS D 78 22.91 9.22 27.66
CA LYS D 78 23.73 8.48 26.71
C LYS D 78 25.15 8.30 27.20
N GLU D 79 25.72 9.30 27.87
CA GLU D 79 27.12 9.18 28.30
C GLU D 79 27.29 8.09 29.34
N LYS D 80 26.44 8.09 30.37
CA LYS D 80 26.53 7.06 31.41
C LYS D 80 26.21 5.67 30.87
N ILE D 81 25.13 5.56 30.09
CA ILE D 81 24.77 4.26 29.54
C ILE D 81 25.86 3.76 28.61
N GLY D 82 26.41 4.63 27.77
CA GLY D 82 27.47 4.22 26.87
C GLY D 82 28.75 3.84 27.58
N THR D 83 29.08 4.54 28.67
CA THR D 83 30.26 4.18 29.45
C THR D 83 30.12 2.78 30.03
N ILE D 84 28.97 2.49 30.64
CA ILE D 84 28.79 1.17 31.22
C ILE D 84 28.71 0.10 30.13
N LEU D 85 28.08 0.44 29.00
CA LEU D 85 28.01 -0.48 27.87
C LEU D 85 29.39 -0.79 27.31
N ALA D 86 30.24 0.24 27.17
CA ALA D 86 31.60 0.03 26.70
C ALA D 86 32.38 -0.84 27.67
N LYS D 87 32.21 -0.61 28.97
CA LYS D 87 32.86 -1.47 29.95
C LYS D 87 32.35 -2.90 29.87
N GLU D 88 31.08 -3.10 29.51
CA GLU D 88 30.46 -4.40 29.67
C GLU D 88 30.58 -5.30 28.45
N VAL D 89 30.55 -4.75 27.24
CA VAL D 89 30.70 -5.58 26.06
C VAL D 89 32.00 -5.27 25.30
N ALA D 90 32.91 -4.54 25.95
CA ALA D 90 34.21 -4.19 25.36
C ALA D 90 34.04 -3.49 24.02
N LYS D 91 33.05 -2.60 23.96
CA LYS D 91 32.78 -1.78 22.78
C LYS D 91 33.48 -0.44 22.93
N GLY D 92 33.87 0.14 21.80
CA GLY D 92 34.47 1.46 21.83
C GLY D 92 33.58 2.47 22.52
N ILE D 93 34.15 3.31 23.38
CA ILE D 93 33.32 4.20 24.20
C ILE D 93 32.49 5.13 23.31
N LYS D 94 33.10 5.72 22.29
CA LYS D 94 32.36 6.61 21.42
C LYS D 94 31.39 5.81 20.54
N ALA D 95 31.78 4.61 20.15
CA ALA D 95 30.86 3.72 19.45
C ALA D 95 29.70 3.31 20.34
N ALA D 96 29.96 3.09 21.63
CA ALA D 96 28.88 2.74 22.56
C ALA D 96 27.91 3.91 22.74
N ILE D 97 28.43 5.12 22.88
CA ILE D 97 27.56 6.29 22.96
C ILE D 97 26.77 6.45 21.68
N GLY D 98 27.40 6.19 20.54
CA GLY D 98 26.69 6.21 19.28
C GLY D 98 25.59 5.16 19.22
N GLU D 99 25.83 4.00 19.82
CA GLU D 99 24.78 2.99 19.89
C GLU D 99 23.60 3.48 20.72
N VAL D 100 23.88 4.15 21.83
CA VAL D 100 22.78 4.68 22.65
C VAL D 100 21.99 5.73 21.88
N VAL D 101 22.70 6.59 21.14
CA VAL D 101 22.02 7.61 20.34
C VAL D 101 21.17 6.99 19.25
N ARG D 102 21.72 5.97 18.55
CA ARG D 102 20.93 5.30 17.52
C ARG D 102 19.75 4.57 18.14
N THR D 103 19.89 4.07 19.35
CA THR D 103 18.77 3.46 20.05
C THR D 103 17.67 4.46 20.29
N ALA D 104 18.02 5.66 20.75
CA ALA D 104 17.02 6.70 20.95
C ALA D 104 16.34 7.05 19.64
N ASP D 105 17.11 7.16 18.57
CA ASP D 105 16.53 7.48 17.26
C ASP D 105 15.62 6.36 16.76
N LEU D 106 16.00 5.10 17.01
CA LEU D 106 15.15 3.98 16.63
C LEU D 106 13.84 3.99 17.41
N ILE D 107 13.92 4.28 18.71
CA ILE D 107 12.70 4.33 19.51
C ILE D 107 11.77 5.43 19.00
N ARG D 108 12.33 6.59 18.67
CA ARG D 108 11.52 7.67 18.12
C ARG D 108 10.88 7.27 16.80
N TYR D 109 11.66 6.67 15.90
CA TYR D 109 11.12 6.30 14.59
C TYR D 109 10.05 5.22 14.72
N ALA D 110 10.26 4.25 15.61
CA ALA D 110 9.24 3.22 15.81
C ALA D 110 7.97 3.80 16.42
N ALA D 111 8.12 4.73 17.36
CA ALA D 111 6.95 5.38 17.94
C ALA D 111 6.15 6.13 16.88
N GLU D 112 6.83 6.85 15.99
CA GLU D 112 6.12 7.59 14.96
C GLU D 112 5.66 6.71 13.81
N GLU D 113 6.20 5.51 13.65
CA GLU D 113 5.78 4.60 12.61
C GLU D 113 4.61 3.74 13.02
N GLY D 114 4.49 3.43 14.31
CA GLY D 114 3.33 2.70 14.78
C GLY D 114 2.07 3.51 14.88
N LEU D 115 2.15 4.83 14.71
CA LEU D 115 0.98 5.69 14.66
C LEU D 115 0.26 5.63 13.33
N ARG D 116 0.92 5.12 12.29
CA ARG D 116 0.44 5.24 10.92
C ARG D 116 0.11 3.89 10.31
N ILE D 117 -0.06 2.86 11.13
CA ILE D 117 -0.44 1.55 10.62
C ILE D 117 -1.90 1.61 10.21
N THR D 118 -2.15 1.61 8.90
CA THR D 118 -3.49 1.74 8.36
C THR D 118 -3.99 0.40 7.88
N GLY D 119 -5.23 0.08 8.21
CA GLY D 119 -5.85 -1.16 7.79
C GLY D 119 -6.38 -1.06 6.37
N GLN D 120 -7.19 -2.05 6.01
CA GLN D 120 -7.80 -2.13 4.70
C GLN D 120 -9.29 -2.31 4.82
N ALA D 121 -10.01 -1.88 3.78
CA ALA D 121 -11.46 -2.01 3.68
C ALA D 121 -11.72 -2.70 2.35
N MET D 122 -11.83 -4.02 2.39
CA MET D 122 -11.91 -4.83 1.18
C MET D 122 -13.36 -5.10 0.81
N GLU D 123 -13.61 -5.22 -0.49
CA GLU D 123 -14.94 -5.51 -1.01
C GLU D 123 -14.93 -6.87 -1.70
N GLY D 124 -16.01 -7.61 -1.54
CA GLY D 124 -16.07 -8.92 -2.14
C GLY D 124 -16.50 -8.96 -3.58
N GLY D 125 -16.83 -7.81 -4.17
CA GLY D 125 -17.37 -7.78 -5.52
C GLY D 125 -16.38 -8.13 -6.60
N GLY D 126 -15.09 -7.92 -6.36
CA GLY D 126 -14.09 -8.29 -7.33
C GLY D 126 -13.83 -9.78 -7.41
N PHE D 127 -14.15 -10.53 -6.37
CA PHE D 127 -13.97 -11.97 -6.39
C PHE D 127 -15.20 -12.70 -6.90
N GLU D 128 -16.38 -12.30 -6.45
CA GLU D 128 -17.60 -12.93 -6.90
C GLU D 128 -18.75 -11.93 -6.76
N ALA D 129 -19.73 -12.04 -7.65
CA ALA D 129 -20.84 -11.09 -7.64
C ALA D 129 -21.79 -11.33 -6.48
N ALA D 130 -21.79 -12.54 -5.93
CA ALA D 130 -22.67 -12.83 -4.79
C ALA D 130 -22.23 -12.06 -3.55
N SER D 131 -20.95 -11.74 -3.45
CA SER D 131 -20.39 -11.07 -2.30
C SER D 131 -20.14 -9.59 -2.54
N LYS D 132 -20.83 -8.99 -3.50
CA LYS D 132 -20.58 -7.59 -3.84
C LYS D 132 -20.87 -6.65 -2.69
N ASN D 133 -21.69 -7.07 -1.73
CA ASN D 133 -22.14 -6.21 -0.64
C ASN D 133 -21.42 -6.51 0.67
N LYS D 134 -20.38 -7.33 0.64
CA LYS D 134 -19.58 -7.64 1.82
C LYS D 134 -18.42 -6.67 1.90
N LEU D 135 -18.17 -6.14 3.10
CA LEU D 135 -17.03 -5.29 3.35
C LEU D 135 -16.25 -5.86 4.52
N ALA D 136 -14.97 -6.15 4.29
CA ALA D 136 -14.07 -6.59 5.35
C ALA D 136 -13.22 -5.41 5.79
N VAL D 137 -13.31 -5.04 7.05
CA VAL D 137 -12.49 -4.00 7.63
C VAL D 137 -11.33 -4.72 8.32
N VAL D 138 -10.21 -4.82 7.62
CA VAL D 138 -9.05 -5.56 8.09
C VAL D 138 -8.14 -4.62 8.84
N ARG D 139 -7.78 -4.98 10.07
CA ARG D 139 -6.91 -4.14 10.89
C ARG D 139 -5.93 -5.04 11.63
N ARG D 140 -5.08 -4.41 12.44
CA ARG D 140 -4.03 -5.10 13.18
C ARG D 140 -4.30 -4.98 14.67
N GLU D 141 -4.06 -6.05 15.39
CA GLU D 141 -4.22 -6.08 16.83
C GLU D 141 -3.03 -6.75 17.49
N PRO D 142 -2.68 -6.35 18.70
CA PRO D 142 -1.49 -6.91 19.35
C PRO D 142 -1.56 -8.42 19.49
N VAL D 143 -0.41 -9.07 19.35
CA VAL D 143 -0.35 -10.50 19.62
C VAL D 143 -0.51 -10.76 21.12
N GLY D 144 -0.09 -9.82 21.95
CA GLY D 144 -0.17 -10.01 23.39
C GLY D 144 1.14 -9.71 24.08
N ILE D 145 1.74 -10.73 24.68
CA ILE D 145 3.03 -10.59 25.34
C ILE D 145 4.13 -10.96 24.36
N VAL D 146 5.03 -10.01 24.10
CA VAL D 146 6.18 -10.23 23.23
C VAL D 146 7.39 -10.48 24.11
N LEU D 147 8.04 -11.61 23.91
CA LEU D 147 9.27 -11.93 24.62
C LEU D 147 10.45 -11.58 23.72
N ALA D 148 11.18 -10.53 24.10
CA ALA D 148 12.34 -10.09 23.34
C ALA D 148 13.60 -10.63 24.01
N ILE D 149 14.45 -11.27 23.23
CA ILE D 149 15.72 -11.80 23.71
C ILE D 149 16.83 -11.20 22.87
N ALA D 150 17.80 -10.58 23.52
CA ALA D 150 18.79 -9.78 22.84
C ALA D 150 20.16 -10.43 22.88
N PRO D 151 21.03 -10.16 21.90
CA PRO D 151 22.40 -10.66 21.93
C PRO D 151 23.33 -9.67 22.63
N PHE D 152 24.55 -10.13 22.88
CA PHE D 152 25.48 -9.33 23.68
C PHE D 152 25.99 -8.10 22.95
N ASN D 153 26.19 -8.18 21.64
CA ASN D 153 26.93 -7.12 20.96
C ASN D 153 26.15 -5.81 20.90
N TYR D 154 24.83 -5.88 20.83
CA TYR D 154 23.97 -4.70 20.88
C TYR D 154 22.86 -4.96 21.89
N PRO D 155 23.17 -4.92 23.19
CA PRO D 155 22.15 -5.19 24.20
C PRO D 155 21.19 -4.05 24.41
N VAL D 156 21.49 -2.87 23.89
CA VAL D 156 20.59 -1.72 23.95
C VAL D 156 19.86 -1.52 22.64
N ASN D 157 20.60 -1.49 21.54
CA ASN D 157 19.99 -1.22 20.25
C ASN D 157 19.12 -2.38 19.79
N LEU D 158 19.61 -3.61 19.93
CA LEU D 158 18.84 -4.77 19.54
C LEU D 158 17.82 -5.19 20.59
N SER D 159 17.83 -4.56 21.76
CA SER D 159 16.71 -4.69 22.67
C SER D 159 15.60 -3.72 22.30
N ALA D 160 15.96 -2.46 22.05
CA ALA D 160 14.97 -1.47 21.66
C ALA D 160 14.33 -1.79 20.32
N SER D 161 15.08 -2.39 19.40
CA SER D 161 14.52 -2.76 18.11
C SER D 161 13.43 -3.81 18.22
N LYS D 162 13.31 -4.48 19.36
CA LYS D 162 12.22 -5.39 19.64
C LYS D 162 11.18 -4.78 20.58
N ILE D 163 11.61 -3.91 21.48
CA ILE D 163 10.69 -3.33 22.46
C ILE D 163 9.83 -2.26 21.82
N ALA D 164 10.45 -1.27 21.18
CA ALA D 164 9.67 -0.15 20.64
C ALA D 164 8.67 -0.58 19.57
N PRO D 165 9.03 -1.39 18.57
CA PRO D 165 8.00 -1.88 17.64
C PRO D 165 6.92 -2.70 18.32
N ALA D 166 7.23 -3.42 19.39
CA ALA D 166 6.21 -4.17 20.11
C ALA D 166 5.34 -3.26 20.95
N LEU D 167 5.95 -2.27 21.61
CA LEU D 167 5.19 -1.42 22.51
C LEU D 167 4.24 -0.50 21.76
N ILE D 168 4.68 0.04 20.62
CA ILE D 168 3.81 0.96 19.90
C ILE D 168 2.64 0.22 19.28
N ALA D 169 2.79 -1.07 19.00
CA ALA D 169 1.71 -1.85 18.42
C ALA D 169 0.62 -2.20 19.42
N GLY D 170 0.87 -2.00 20.70
CA GLY D 170 -0.08 -2.38 21.74
C GLY D 170 0.31 -3.60 22.53
N ASN D 171 1.44 -4.24 22.22
CA ASN D 171 1.90 -5.39 22.97
C ASN D 171 2.60 -4.94 24.25
N VAL D 172 2.66 -5.83 25.20
CA VAL D 172 3.54 -5.67 26.35
C VAL D 172 4.77 -6.52 26.11
N VAL D 173 5.91 -6.07 26.62
CA VAL D 173 7.19 -6.65 26.27
C VAL D 173 7.82 -7.27 27.50
N MET D 174 8.39 -8.46 27.31
CA MET D 174 9.21 -9.13 28.31
C MET D 174 10.62 -9.15 27.75
N LEU D 175 11.52 -8.41 28.36
CA LEU D 175 12.89 -8.30 27.85
C LEU D 175 13.79 -9.27 28.58
N LYS D 176 14.54 -10.06 27.81
CA LYS D 176 15.58 -10.94 28.33
C LYS D 176 16.90 -10.44 27.77
N PRO D 177 17.63 -9.60 28.50
CA PRO D 177 18.91 -9.12 27.99
C PRO D 177 19.98 -10.18 28.15
N PRO D 178 21.03 -10.14 27.33
CA PRO D 178 22.11 -11.12 27.48
C PRO D 178 22.80 -10.94 28.81
N THR D 179 23.37 -12.03 29.35
CA THR D 179 24.02 -11.94 30.65
C THR D 179 25.20 -10.97 30.60
N GLN D 180 25.98 -11.01 29.53
CA GLN D 180 27.02 -10.02 29.30
C GLN D 180 26.41 -8.89 28.48
N GLY D 181 25.72 -8.00 29.18
CA GLY D 181 24.90 -7.01 28.53
C GLY D 181 23.63 -6.76 29.31
N SER D 182 23.39 -7.58 30.34
CA SER D 182 22.21 -7.41 31.17
C SER D 182 22.23 -6.08 31.91
N ILE D 183 23.41 -5.57 32.22
CA ILE D 183 23.49 -4.26 32.85
C ILE D 183 22.95 -3.19 31.92
N SER D 184 23.32 -3.25 30.64
CA SER D 184 22.83 -2.27 29.67
C SER D 184 21.34 -2.45 29.41
N GLY D 185 20.86 -3.69 29.39
CA GLY D 185 19.43 -3.92 29.27
C GLY D 185 18.65 -3.37 30.45
N LEU D 186 19.22 -3.49 31.65
CA LEU D 186 18.57 -2.91 32.82
C LEU D 186 18.69 -1.39 32.85
N LEU D 187 19.67 -0.82 32.18
CA LEU D 187 19.70 0.64 32.04
C LEU D 187 18.67 1.11 31.03
N LEU D 188 18.45 0.35 29.97
CA LEU D 188 17.33 0.63 29.07
C LEU D 188 16.00 0.53 29.81
N ALA D 189 15.87 -0.46 30.69
CA ALA D 189 14.69 -0.55 31.54
C ALA D 189 14.61 0.62 32.51
N LYS D 190 15.76 1.08 33.02
CA LYS D 190 15.82 2.26 33.86
C LYS D 190 15.16 3.44 33.15
N ALA D 191 15.55 3.66 31.89
CA ALA D 191 14.99 4.75 31.11
C ALA D 191 13.51 4.54 30.83
N PHE D 192 13.11 3.31 30.50
CA PHE D 192 11.71 3.03 30.21
C PHE D 192 10.83 3.28 31.43
N GLU D 193 11.32 2.94 32.62
CA GLU D 193 10.57 3.19 33.84
C GLU D 193 10.54 4.66 34.19
N GLU D 194 11.66 5.37 33.99
CA GLU D 194 11.66 6.80 34.27
C GLU D 194 10.73 7.55 33.34
N ALA D 195 10.56 7.06 32.10
CA ALA D 195 9.64 7.70 31.18
C ALA D 195 8.19 7.57 31.62
N GLY D 196 7.92 6.74 32.61
CA GLY D 196 6.58 6.57 33.11
C GLY D 196 5.79 5.45 32.47
N ILE D 197 6.45 4.47 31.87
CA ILE D 197 5.74 3.37 31.22
C ILE D 197 4.85 2.70 32.26
N PRO D 198 3.62 2.33 31.93
CA PRO D 198 2.73 1.77 32.95
C PRO D 198 3.28 0.47 33.53
N ALA D 199 2.94 0.22 34.78
CA ALA D 199 3.46 -0.95 35.48
C ALA D 199 3.03 -2.23 34.78
N GLY D 200 4.00 -3.08 34.47
CA GLY D 200 3.74 -4.33 33.81
C GLY D 200 3.79 -4.29 32.31
N VAL D 201 3.81 -3.09 31.71
CA VAL D 201 3.86 -2.99 30.26
C VAL D 201 5.23 -3.43 29.74
N PHE D 202 6.30 -3.08 30.45
CA PHE D 202 7.65 -3.49 30.09
C PHE D 202 8.33 -4.10 31.30
N ASN D 203 8.72 -5.37 31.18
CA ASN D 203 9.40 -6.09 32.24
C ASN D 203 10.70 -6.67 31.72
N THR D 204 11.64 -6.91 32.62
CA THR D 204 12.91 -7.53 32.29
C THR D 204 13.08 -8.83 33.06
N ILE D 205 13.68 -9.82 32.40
CA ILE D 205 14.03 -11.09 33.00
C ILE D 205 15.53 -11.26 32.81
N THR D 206 16.28 -11.28 33.90
CA THR D 206 17.72 -11.52 33.83
C THR D 206 18.00 -12.91 34.39
N GLY D 207 19.07 -13.50 33.90
CA GLY D 207 19.48 -14.83 34.27
C GLY D 207 20.17 -15.52 33.11
N ARG D 208 20.79 -16.65 33.41
CA ARG D 208 21.48 -17.40 32.37
C ARG D 208 20.44 -17.92 31.38
N GLY D 209 20.69 -17.73 30.09
CA GLY D 209 19.81 -18.31 29.10
C GLY D 209 19.81 -19.82 29.15
N SER D 210 20.95 -20.42 29.51
CA SER D 210 21.04 -21.87 29.56
C SER D 210 20.14 -22.46 30.64
N GLU D 211 19.66 -21.64 31.58
CA GLU D 211 18.83 -22.14 32.67
C GLU D 211 17.44 -21.51 32.69
N ILE D 212 17.32 -20.21 32.38
CA ILE D 212 16.01 -19.58 32.40
C ILE D 212 15.43 -19.45 30.99
N GLY D 213 16.23 -19.69 29.95
CA GLY D 213 15.79 -19.41 28.60
C GLY D 213 14.67 -20.31 28.13
N ASP D 214 14.83 -21.63 28.32
CA ASP D 214 13.81 -22.57 27.86
C ASP D 214 12.50 -22.37 28.59
N TYR D 215 12.55 -22.07 29.89
CA TYR D 215 11.31 -21.88 30.65
C TYR D 215 10.49 -20.72 30.12
N ILE D 216 11.14 -19.60 29.80
CA ILE D 216 10.42 -18.44 29.31
C ILE D 216 10.09 -18.55 27.83
N ILE D 217 10.83 -19.35 27.07
CA ILE D 217 10.49 -19.59 25.68
C ILE D 217 9.24 -20.45 25.58
N GLU D 218 9.16 -21.50 26.40
CA GLU D 218 8.02 -22.42 26.39
C GLU D 218 6.88 -21.93 27.26
N HIS D 219 6.95 -20.71 27.76
CA HIS D 219 5.96 -20.25 28.73
C HIS D 219 4.58 -20.15 28.09
N LYS D 220 3.58 -20.29 28.95
CA LYS D 220 2.17 -20.26 28.57
C LYS D 220 1.75 -18.90 28.03
N GLU D 221 2.24 -17.81 28.64
CA GLU D 221 1.76 -16.47 28.34
C GLU D 221 2.41 -15.87 27.11
N VAL D 222 3.64 -16.27 26.80
CA VAL D 222 4.37 -15.70 25.67
C VAL D 222 3.59 -15.92 24.38
N ASN D 223 3.22 -14.83 23.71
CA ASN D 223 2.47 -14.89 22.48
C ASN D 223 3.33 -14.64 21.25
N PHE D 224 4.59 -14.24 21.44
CA PHE D 224 5.49 -13.92 20.35
C PHE D 224 6.92 -13.93 20.88
N ILE D 225 7.85 -14.51 20.13
CA ILE D 225 9.25 -14.58 20.54
C ILE D 225 10.07 -13.85 19.50
N ASN D 226 10.73 -12.78 19.91
CA ASN D 226 11.65 -12.03 19.07
C ASN D 226 13.05 -12.29 19.60
N PHE D 227 13.82 -13.10 18.89
CA PHE D 227 15.11 -13.58 19.36
C PHE D 227 16.20 -13.17 18.38
N THR D 228 17.30 -12.65 18.92
CA THR D 228 18.49 -12.35 18.14
C THR D 228 19.67 -13.02 18.81
N GLY D 229 20.34 -13.91 18.09
CA GLY D 229 21.41 -14.68 18.70
C GLY D 229 21.98 -15.66 17.72
N SER D 230 22.67 -16.67 18.24
CA SER D 230 23.33 -17.63 17.40
C SER D 230 22.34 -18.59 16.76
N THR D 231 22.73 -19.15 15.63
CA THR D 231 21.89 -20.13 14.95
C THR D 231 21.60 -21.37 15.79
N PRO D 232 22.55 -21.96 16.52
CA PRO D 232 22.19 -23.13 17.35
C PRO D 232 21.07 -22.84 18.34
N ILE D 233 21.05 -21.66 18.95
CA ILE D 233 19.99 -21.34 19.90
C ILE D 233 18.71 -20.94 19.17
N GLY D 234 18.85 -20.30 18.01
CA GLY D 234 17.68 -19.94 17.24
C GLY D 234 16.92 -21.13 16.72
N GLU D 235 17.63 -22.17 16.28
CA GLU D 235 16.97 -23.39 15.84
C GLU D 235 16.21 -24.05 16.99
N ARG D 236 16.82 -24.13 18.16
CA ARG D 236 16.16 -24.67 19.34
C ARG D 236 14.94 -23.85 19.72
N ILE D 237 15.03 -22.52 19.65
CA ILE D 237 13.90 -21.68 20.03
C ILE D 237 12.75 -21.84 19.04
N GLY D 238 13.05 -21.81 17.74
CA GLY D 238 12.03 -22.03 16.74
C GLY D 238 11.41 -23.41 16.81
N ARG D 239 12.16 -24.39 17.28
CA ARG D 239 11.64 -25.74 17.50
C ARG D 239 10.82 -25.89 18.77
N LEU D 240 11.16 -25.14 19.82
CA LEU D 240 10.42 -25.16 21.09
C LEU D 240 9.17 -24.29 21.07
N ALA D 241 9.18 -23.20 20.30
CA ALA D 241 8.01 -22.34 20.19
C ALA D 241 6.85 -23.07 19.53
N GLY D 242 7.15 -24.00 18.64
CA GLY D 242 6.11 -24.75 17.98
C GLY D 242 5.32 -23.93 16.99
N MET D 243 4.10 -23.60 17.37
CA MET D 243 3.17 -22.92 16.49
C MET D 243 3.11 -21.42 16.73
N ARG D 244 3.65 -20.93 17.84
CA ARG D 244 3.60 -19.51 18.15
C ARG D 244 4.47 -18.72 17.18
N PRO D 245 4.11 -17.47 16.89
CA PRO D 245 4.92 -16.68 15.97
C PRO D 245 6.27 -16.37 16.56
N ILE D 246 7.29 -16.33 15.70
CA ILE D 246 8.65 -16.02 16.12
C ILE D 246 9.30 -15.14 15.07
N MET D 247 10.21 -14.29 15.52
CA MET D 247 11.25 -13.73 14.68
C MET D 247 12.58 -14.25 15.17
N LEU D 248 13.43 -14.65 14.24
CA LEU D 248 14.79 -15.07 14.56
C LEU D 248 15.74 -14.25 13.73
N GLU D 249 16.75 -13.68 14.39
CA GLU D 249 17.86 -13.00 13.73
C GLU D 249 19.10 -13.79 14.12
N LEU D 250 19.45 -14.77 13.32
CA LEU D 250 20.49 -15.72 13.67
C LEU D 250 21.81 -15.32 13.02
N GLY D 251 22.76 -16.23 13.02
CA GLY D 251 24.09 -15.94 12.52
C GLY D 251 24.09 -15.63 11.04
N GLY D 252 25.17 -14.99 10.60
CA GLY D 252 25.34 -14.71 9.20
C GLY D 252 26.79 -14.64 8.79
N LYS D 253 27.16 -15.40 7.77
CA LYS D 253 28.49 -15.34 7.19
C LYS D 253 28.42 -14.56 5.88
N ASP D 254 28.27 -13.24 6.01
CA ASP D 254 28.03 -12.41 4.84
C ASP D 254 29.26 -12.37 3.94
N ALA D 255 29.02 -12.39 2.64
CA ALA D 255 30.07 -12.40 1.65
C ALA D 255 30.19 -11.05 0.97
N ALA D 256 31.37 -10.80 0.41
CA ALA D 256 31.65 -9.58 -0.36
C ALA D 256 32.14 -10.04 -1.72
N LEU D 257 31.22 -10.20 -2.66
CA LEU D 257 31.57 -10.64 -4.00
C LEU D 257 32.22 -9.48 -4.74
N VAL D 258 33.53 -9.56 -4.97
CA VAL D 258 34.26 -8.54 -5.69
C VAL D 258 34.53 -9.07 -7.10
N LEU D 259 34.03 -8.35 -8.10
CA LEU D 259 34.17 -8.78 -9.48
C LEU D 259 35.36 -8.07 -10.12
N GLU D 260 35.61 -8.37 -11.39
CA GLU D 260 36.77 -7.81 -12.07
C GLU D 260 36.61 -6.33 -12.33
N ASP D 261 35.44 -5.91 -12.82
CA ASP D 261 35.17 -4.49 -13.07
C ASP D 261 34.62 -3.83 -11.80
N ALA D 262 35.47 -3.78 -10.79
CA ALA D 262 35.10 -3.21 -9.51
C ALA D 262 36.13 -2.16 -9.09
N ASP D 263 35.67 -1.19 -8.31
CA ASP D 263 36.55 -0.18 -7.74
C ASP D 263 37.21 -0.82 -6.52
N LEU D 264 38.41 -1.35 -6.73
CA LEU D 264 39.05 -2.17 -5.70
C LEU D 264 39.42 -1.36 -4.47
N GLU D 265 39.74 -0.08 -4.63
CA GLU D 265 40.06 0.74 -3.46
C GLU D 265 38.81 0.96 -2.60
N HIS D 266 37.71 1.37 -3.23
CA HIS D 266 36.46 1.51 -2.50
C HIS D 266 35.98 0.17 -1.96
N ALA D 267 36.12 -0.89 -2.75
CA ALA D 267 35.72 -2.21 -2.29
C ALA D 267 36.50 -2.62 -1.05
N ALA D 268 37.81 -2.40 -1.07
CA ALA D 268 38.64 -2.76 0.08
C ALA D 268 38.30 -1.91 1.30
N LYS D 269 38.11 -0.60 1.10
CA LYS D 269 37.73 0.25 2.22
C LYS D 269 36.44 -0.22 2.86
N GLN D 270 35.43 -0.48 2.03
CA GLN D 270 34.12 -0.93 2.54
C GLN D 270 34.23 -2.30 3.21
N ILE D 271 34.99 -3.22 2.61
CA ILE D 271 35.09 -4.56 3.15
C ILE D 271 35.78 -4.54 4.51
N VAL D 272 36.85 -3.76 4.66
CA VAL D 272 37.52 -3.72 5.95
C VAL D 272 36.67 -2.98 6.98
N ALA D 273 35.98 -1.92 6.56
CA ALA D 273 35.11 -1.21 7.50
C ALA D 273 33.99 -2.10 8.01
N GLY D 274 33.40 -2.90 7.13
CA GLY D 274 32.34 -3.79 7.57
C GLY D 274 32.85 -5.00 8.34
N ALA D 275 33.98 -5.56 7.91
CA ALA D 275 34.44 -6.85 8.43
C ALA D 275 34.99 -6.72 9.84
N PHE D 276 35.74 -5.65 10.11
CA PHE D 276 36.45 -5.53 11.38
C PHE D 276 35.87 -4.45 12.28
N SER D 277 34.65 -4.01 12.01
CA SER D 277 33.99 -3.08 12.91
C SER D 277 33.53 -3.82 14.15
N TYR D 278 33.88 -3.29 15.32
CA TYR D 278 33.63 -3.95 16.60
C TYR D 278 34.28 -5.33 16.64
N SER D 279 35.54 -5.40 16.18
CA SER D 279 36.34 -6.62 16.22
C SER D 279 35.66 -7.76 15.48
N GLY D 280 34.95 -7.43 14.42
CA GLY D 280 34.20 -8.44 13.69
C GLY D 280 33.00 -8.96 14.43
N GLN D 281 32.63 -8.34 15.55
CA GLN D 281 31.55 -8.82 16.40
C GLN D 281 30.21 -8.21 16.05
N ARG D 282 29.97 -7.95 14.77
CA ARG D 282 28.62 -7.72 14.28
C ARG D 282 28.22 -8.89 13.40
N CYS D 283 26.97 -9.30 13.48
CA CYS D 283 26.52 -10.41 12.64
C CYS D 283 26.28 -9.99 11.21
N THR D 284 25.80 -8.76 11.00
CA THR D 284 25.70 -8.21 9.65
C THR D 284 27.02 -7.50 9.33
N ALA D 285 28.01 -8.32 8.97
CA ALA D 285 29.34 -7.84 8.64
C ALA D 285 29.92 -8.77 7.59
N ILE D 286 30.77 -8.21 6.72
CA ILE D 286 31.47 -9.03 5.75
C ILE D 286 32.34 -10.03 6.48
N LYS D 287 32.04 -11.32 6.32
CA LYS D 287 32.82 -12.38 6.90
C LYS D 287 33.55 -13.21 5.87
N ARG D 288 33.22 -13.05 4.59
CA ARG D 288 33.91 -13.71 3.50
C ARG D 288 34.21 -12.67 2.43
N VAL D 289 35.34 -12.84 1.76
CA VAL D 289 35.65 -12.08 0.55
C VAL D 289 35.79 -13.09 -0.58
N ILE D 290 34.86 -13.05 -1.53
CA ILE D 290 34.88 -13.92 -2.69
C ILE D 290 35.26 -13.05 -3.88
N VAL D 291 36.50 -13.17 -4.32
CA VAL D 291 37.06 -12.28 -5.32
C VAL D 291 37.54 -13.12 -6.50
N LEU D 292 37.36 -12.60 -7.70
CA LEU D 292 37.76 -13.32 -8.91
C LEU D 292 39.28 -13.41 -9.00
N GLU D 293 39.73 -14.20 -9.98
CA GLU D 293 41.15 -14.45 -10.18
C GLU D 293 41.90 -13.19 -10.57
N SER D 294 41.30 -12.36 -11.43
CA SER D 294 42.01 -11.24 -12.04
C SER D 294 42.38 -10.17 -11.03
N VAL D 295 41.43 -9.77 -10.18
CA VAL D 295 41.61 -8.66 -9.25
C VAL D 295 41.95 -9.14 -7.85
N ALA D 296 42.17 -10.45 -7.67
CA ALA D 296 42.36 -10.98 -6.32
C ALA D 296 43.62 -10.43 -5.66
N ASP D 297 44.71 -10.31 -6.42
CA ASP D 297 45.97 -9.87 -5.84
C ASP D 297 45.91 -8.41 -5.43
N LYS D 298 45.38 -7.56 -6.31
CA LYS D 298 45.24 -6.14 -5.97
C LYS D 298 44.29 -5.95 -4.80
N LEU D 299 43.17 -6.67 -4.79
CA LEU D 299 42.24 -6.56 -3.67
C LEU D 299 42.88 -7.06 -2.38
N ALA D 300 43.67 -8.12 -2.45
CA ALA D 300 44.33 -8.63 -1.26
C ALA D 300 45.33 -7.61 -0.72
N THR D 301 46.08 -6.95 -1.60
CA THR D 301 47.02 -5.92 -1.15
C THR D 301 46.29 -4.77 -0.48
N LEU D 302 45.22 -4.27 -1.11
CA LEU D 302 44.48 -3.15 -0.55
C LEU D 302 43.83 -3.54 0.78
N LEU D 303 43.23 -4.73 0.84
CA LEU D 303 42.63 -5.21 2.07
C LEU D 303 43.67 -5.32 3.17
N GLN D 304 44.85 -5.84 2.85
CA GLN D 304 45.87 -6.05 3.86
C GLN D 304 46.38 -4.72 4.41
N GLU D 305 46.55 -3.72 3.54
CA GLU D 305 47.00 -2.44 4.07
C GLU D 305 45.91 -1.76 4.89
N GLU D 306 44.64 -1.91 4.48
CA GLU D 306 43.55 -1.33 5.27
C GLU D 306 43.45 -1.98 6.64
N VAL D 307 43.62 -3.31 6.70
CA VAL D 307 43.63 -3.98 8.00
C VAL D 307 44.85 -3.55 8.82
N SER D 308 45.98 -3.30 8.15
CA SER D 308 47.15 -2.80 8.85
C SER D 308 46.93 -1.42 9.45
N LYS D 309 46.02 -0.63 8.87
CA LYS D 309 45.69 0.66 9.44
C LYS D 309 44.92 0.57 10.75
N LEU D 310 44.36 -0.58 11.10
CA LEU D 310 43.47 -0.67 12.24
C LEU D 310 44.23 -0.57 13.55
N THR D 311 43.64 0.14 14.51
CA THR D 311 44.22 0.30 15.84
C THR D 311 43.62 -0.75 16.77
N VAL D 312 44.49 -1.43 17.53
CA VAL D 312 44.10 -2.55 18.37
C VAL D 312 44.44 -2.19 19.81
N GLY D 313 43.45 -2.24 20.69
CA GLY D 313 43.68 -1.90 22.08
C GLY D 313 42.44 -1.74 22.94
N ASP D 314 42.46 -0.73 23.81
CA ASP D 314 41.42 -0.49 24.80
C ASP D 314 40.18 0.12 24.16
N PRO D 315 38.99 -0.29 24.60
CA PRO D 315 37.77 0.37 24.12
C PRO D 315 37.71 1.86 24.41
N PHE D 316 38.25 2.29 25.55
CA PHE D 316 38.18 3.71 25.91
C PHE D 316 39.23 4.55 25.21
N ASP D 317 40.16 3.93 24.50
CA ASP D 317 41.00 4.59 23.53
C ASP D 317 40.40 4.58 22.13
N ASN D 318 39.15 4.13 22.01
CA ASN D 318 38.43 4.08 20.74
C ASN D 318 39.18 3.27 19.69
N ALA D 319 39.78 2.16 20.13
CA ALA D 319 40.48 1.28 19.21
C ALA D 319 39.51 0.61 18.25
N ASP D 320 39.93 0.46 17.00
CA ASP D 320 39.09 -0.23 16.02
C ASP D 320 38.88 -1.68 16.40
N ILE D 321 39.92 -2.34 16.91
CA ILE D 321 39.85 -3.72 17.35
C ILE D 321 39.93 -3.73 18.86
N THR D 322 38.90 -4.24 19.49
CA THR D 322 38.75 -4.34 20.93
C THR D 322 38.72 -5.80 21.36
N PRO D 323 38.87 -6.08 22.65
CA PRO D 323 38.81 -7.48 23.09
C PRO D 323 37.48 -8.12 22.75
N VAL D 324 37.53 -9.39 22.38
CA VAL D 324 36.31 -10.16 22.12
C VAL D 324 35.62 -10.40 23.45
N ILE D 325 34.37 -10.87 23.38
CA ILE D 325 33.48 -10.75 24.53
C ILE D 325 33.96 -11.59 25.71
N ASP D 326 34.47 -12.79 25.45
CA ASP D 326 34.89 -13.66 26.55
C ASP D 326 35.97 -14.61 26.05
N ASN D 327 36.48 -15.43 26.97
CA ASN D 327 37.59 -16.31 26.65
C ASN D 327 37.17 -17.42 25.70
N ALA D 328 35.94 -17.91 25.81
CA ALA D 328 35.48 -18.98 24.93
C ALA D 328 35.42 -18.52 23.48
N SER D 329 34.94 -17.29 23.25
CA SER D 329 34.91 -16.75 21.89
C SER D 329 36.32 -16.60 21.33
N ALA D 330 37.25 -16.13 22.15
CA ALA D 330 38.64 -16.01 21.71
C ALA D 330 39.22 -17.38 21.38
N ASP D 331 38.92 -18.39 22.20
CA ASP D 331 39.41 -19.73 21.92
C ASP D 331 38.85 -20.27 20.62
N PHE D 332 37.56 -20.03 20.35
CA PHE D 332 36.95 -20.49 19.11
C PHE D 332 37.57 -19.80 17.90
N ILE D 333 37.76 -18.48 17.97
CA ILE D 333 38.37 -17.75 16.88
C ILE D 333 39.80 -18.22 16.66
N TRP D 334 40.54 -18.44 17.74
CA TRP D 334 41.90 -18.94 17.63
C TRP D 334 41.94 -20.33 17.01
N GLY D 335 40.96 -21.18 17.34
CA GLY D 335 40.90 -22.48 16.71
C GLY D 335 40.66 -22.39 15.22
N LEU D 336 39.80 -21.48 14.80
CA LEU D 336 39.60 -21.28 13.36
C LEU D 336 40.86 -20.77 12.69
N ILE D 337 41.57 -19.85 13.34
CA ILE D 337 42.83 -19.35 12.78
C ILE D 337 43.85 -20.47 12.68
N GLU D 338 43.93 -21.31 13.71
CA GLU D 338 44.87 -22.43 13.70
C GLU D 338 44.53 -23.43 12.59
N ASP D 339 43.25 -23.69 12.37
CA ASP D 339 42.86 -24.54 11.25
C ASP D 339 43.28 -23.94 9.92
N ALA D 340 43.05 -22.65 9.75
CA ALA D 340 43.44 -21.99 8.50
C ALA D 340 44.94 -22.07 8.28
N GLN D 341 45.72 -21.85 9.33
CA GLN D 341 47.17 -21.97 9.22
C GLN D 341 47.58 -23.40 8.92
N GLU D 342 46.89 -24.37 9.51
CA GLU D 342 47.14 -25.78 9.22
C GLU D 342 47.00 -26.08 7.73
N LYS D 343 45.94 -25.56 7.11
CA LYS D 343 45.65 -25.88 5.72
C LYS D 343 46.25 -24.86 4.74
N GLU D 344 47.36 -24.22 5.14
CA GLU D 344 48.18 -23.41 4.25
C GLU D 344 47.43 -22.17 3.75
N ALA D 345 46.90 -21.40 4.68
CA ALA D 345 46.27 -20.13 4.36
C ALA D 345 47.28 -19.01 4.55
N GLN D 346 47.37 -18.12 3.57
CA GLN D 346 48.34 -17.04 3.58
C GLN D 346 47.86 -15.97 4.54
N ALA D 347 48.39 -15.99 5.77
CA ALA D 347 48.07 -14.97 6.75
C ALA D 347 48.67 -13.65 6.32
N LEU D 348 47.83 -12.71 5.90
CA LEU D 348 48.29 -11.44 5.37
C LEU D 348 48.57 -10.40 6.44
N THR D 349 48.19 -10.66 7.69
CA THR D 349 48.39 -9.74 8.79
C THR D 349 48.96 -10.49 9.98
N PRO D 350 49.60 -9.79 10.92
CA PRO D 350 50.14 -10.48 12.10
C PRO D 350 49.06 -11.23 12.87
N ILE D 351 49.43 -12.40 13.40
CA ILE D 351 48.52 -13.21 14.18
C ILE D 351 49.00 -13.25 15.62
N LYS D 352 48.49 -12.34 16.45
CA LYS D 352 48.89 -12.24 17.85
C LYS D 352 47.65 -12.24 18.73
N ARG D 353 47.78 -12.85 19.90
CA ARG D 353 46.69 -12.92 20.87
C ARG D 353 47.21 -12.53 22.25
N GLU D 354 46.45 -11.69 22.95
CA GLU D 354 46.77 -11.34 24.32
C GLU D 354 45.61 -11.70 25.25
N GLY D 355 45.07 -12.90 25.08
CA GLY D 355 43.88 -13.31 25.82
C GLY D 355 42.60 -13.04 25.02
N ASN D 356 41.78 -12.12 25.53
CA ASN D 356 40.61 -11.69 24.78
C ASN D 356 40.96 -10.76 23.62
N LEU D 357 42.13 -10.11 23.67
CA LEU D 357 42.46 -9.08 22.70
C LEU D 357 43.19 -9.75 21.55
N LEU D 358 42.42 -10.13 20.53
CA LEU D 358 42.96 -10.75 19.33
C LEU D 358 43.28 -9.69 18.30
N TRP D 359 44.23 -9.98 17.47
CA TRP D 359 44.55 -8.96 16.49
C TRP D 359 43.94 -9.31 15.13
N PRO D 360 43.56 -8.31 14.34
CA PRO D 360 42.87 -8.58 13.07
C PRO D 360 43.69 -9.45 12.15
N VAL D 361 43.11 -10.58 11.75
CA VAL D 361 43.77 -11.55 10.89
C VAL D 361 43.09 -11.55 9.54
N LEU D 362 43.86 -11.31 8.48
CA LEU D 362 43.39 -11.39 7.12
C LEU D 362 44.02 -12.61 6.47
N PHE D 363 43.20 -13.55 6.01
CA PHE D 363 43.65 -14.79 5.41
C PHE D 363 43.41 -14.74 3.91
N ASP D 364 44.41 -15.17 3.15
CA ASP D 364 44.26 -15.35 1.72
C ASP D 364 44.43 -16.81 1.35
N GLN D 365 44.08 -17.12 0.11
CA GLN D 365 44.19 -18.48 -0.41
C GLN D 365 43.35 -19.46 0.42
N VAL D 366 42.12 -19.05 0.74
CA VAL D 366 41.24 -19.88 1.56
C VAL D 366 40.42 -20.79 0.65
N THR D 367 40.35 -22.07 1.01
CA THR D 367 39.62 -23.08 0.27
C THR D 367 38.37 -23.50 1.04
N LYS D 368 37.70 -24.53 0.53
CA LYS D 368 36.53 -25.05 1.22
C LYS D 368 36.87 -25.68 2.55
N ASP D 369 38.08 -26.23 2.67
CA ASP D 369 38.40 -27.15 3.75
C ASP D 369 38.70 -26.45 5.07
N MET D 370 39.03 -25.16 5.03
CA MET D 370 39.26 -24.42 6.26
C MET D 370 37.93 -24.02 6.89
N LYS D 371 37.83 -24.22 8.20
CA LYS D 371 36.59 -23.91 8.90
C LYS D 371 36.28 -22.43 8.87
N VAL D 372 37.29 -21.57 8.70
CA VAL D 372 37.06 -20.14 8.64
C VAL D 372 36.29 -19.75 7.39
N ALA D 373 36.29 -20.59 6.36
CA ALA D 373 35.51 -20.30 5.16
C ALA D 373 34.02 -20.48 5.39
N TRP D 374 33.64 -21.30 6.37
CA TRP D 374 32.25 -21.63 6.63
C TRP D 374 31.77 -21.14 7.99
N GLU D 375 32.46 -21.52 9.06
CA GLU D 375 32.00 -21.17 10.39
C GLU D 375 32.09 -19.68 10.61
N GLU D 376 31.10 -19.12 11.29
CA GLU D 376 31.11 -17.71 11.63
C GLU D 376 32.05 -17.50 12.81
N PRO D 377 33.25 -16.96 12.58
CA PRO D 377 34.19 -16.79 13.69
C PRO D 377 33.69 -15.79 14.70
N PHE D 378 32.89 -14.84 14.24
CA PHE D 378 32.33 -13.79 15.05
C PHE D 378 33.45 -12.99 15.69
N GLY D 379 34.56 -12.85 14.97
CA GLY D 379 35.74 -12.19 15.48
C GLY D 379 36.58 -11.58 14.38
N PRO D 380 37.72 -11.01 14.74
CA PRO D 380 38.53 -10.24 13.76
C PRO D 380 39.33 -11.14 12.83
N VAL D 381 38.62 -11.96 12.06
CA VAL D 381 39.21 -12.80 11.03
C VAL D 381 38.41 -12.64 9.75
N LEU D 382 39.10 -12.40 8.64
CA LEU D 382 38.46 -12.22 7.34
C LEU D 382 39.15 -13.09 6.31
N PRO D 383 38.57 -14.21 5.93
CA PRO D 383 39.13 -15.01 4.85
C PRO D 383 38.86 -14.41 3.49
N ILE D 384 39.84 -14.55 2.60
CA ILE D 384 39.71 -14.13 1.21
C ILE D 384 39.71 -15.39 0.36
N ILE D 385 38.63 -15.58 -0.40
CA ILE D 385 38.50 -16.72 -1.29
C ILE D 385 38.63 -16.25 -2.73
N ARG D 386 39.37 -17.01 -3.53
CA ARG D 386 39.54 -16.73 -4.94
C ARG D 386 38.73 -17.73 -5.76
N VAL D 387 37.95 -17.22 -6.70
CA VAL D 387 37.15 -18.06 -7.59
C VAL D 387 37.44 -17.64 -9.03
N ALA D 388 37.11 -18.52 -9.97
CA ALA D 388 37.49 -18.32 -11.36
C ALA D 388 36.45 -17.54 -12.15
N SER D 389 35.17 -17.68 -11.81
CA SER D 389 34.10 -17.05 -12.57
C SER D 389 33.06 -16.49 -11.61
N VAL D 390 32.13 -15.71 -12.17
CA VAL D 390 31.01 -15.22 -11.38
C VAL D 390 30.10 -16.37 -10.97
N GLU D 391 29.97 -17.39 -11.82
CA GLU D 391 29.17 -18.54 -11.47
C GLU D 391 29.72 -19.25 -10.24
N GLU D 392 31.05 -19.42 -10.18
CA GLU D 392 31.64 -20.02 -8.99
C GLU D 392 31.49 -19.12 -7.77
N ALA D 393 31.57 -17.80 -7.96
CA ALA D 393 31.38 -16.89 -6.84
C ALA D 393 29.98 -17.02 -6.26
N ILE D 394 28.97 -17.05 -7.13
CA ILE D 394 27.59 -17.20 -6.67
C ILE D 394 27.39 -18.55 -6.02
N ALA D 395 27.95 -19.60 -6.61
CA ALA D 395 27.81 -20.94 -6.03
C ALA D 395 28.43 -21.00 -4.64
N PHE D 396 29.63 -20.43 -4.49
CA PHE D 396 30.30 -20.48 -3.19
C PHE D 396 29.58 -19.62 -2.16
N ALA D 397 29.03 -18.49 -2.57
CA ALA D 397 28.25 -17.69 -1.65
C ALA D 397 26.98 -18.42 -1.23
N ASN D 398 26.40 -19.20 -2.13
CA ASN D 398 25.16 -19.92 -1.81
C ASN D 398 25.40 -21.24 -1.08
N GLU D 399 26.63 -21.75 -1.05
CA GLU D 399 26.89 -22.98 -0.30
C GLU D 399 26.90 -22.77 1.20
N SER D 400 26.86 -21.53 1.67
CA SER D 400 26.90 -21.27 3.10
C SER D 400 25.60 -21.73 3.76
N GLU D 401 25.70 -21.96 5.08
CA GLU D 401 24.55 -22.31 5.90
C GLU D 401 23.81 -21.07 6.37
N PHE D 402 24.03 -19.93 5.71
CA PHE D 402 23.60 -18.63 6.18
C PHE D 402 23.10 -17.81 5.01
N GLY D 403 22.17 -16.90 5.28
CA GLY D 403 21.61 -16.09 4.23
C GLY D 403 21.28 -14.67 4.65
N LEU D 404 22.01 -14.11 5.60
CA LEU D 404 21.66 -12.79 6.10
C LEU D 404 21.76 -11.70 5.04
N GLN D 405 22.98 -11.41 4.60
CA GLN D 405 23.23 -10.32 3.67
C GLN D 405 24.44 -10.66 2.84
N SER D 406 24.61 -9.92 1.76
CA SER D 406 25.81 -10.03 0.94
C SER D 406 25.99 -8.70 0.24
N SER D 407 27.21 -8.46 -0.21
CA SER D 407 27.54 -7.24 -0.91
C SER D 407 28.26 -7.60 -2.21
N VAL D 408 27.86 -6.96 -3.29
CA VAL D 408 28.45 -7.19 -4.61
C VAL D 408 29.15 -5.92 -5.03
N PHE D 409 30.45 -6.03 -5.30
CA PHE D 409 31.25 -4.89 -5.73
C PHE D 409 31.55 -5.03 -7.21
N THR D 410 30.98 -4.15 -8.01
CA THR D 410 31.21 -4.13 -9.45
C THR D 410 30.77 -2.77 -9.98
N ASN D 411 31.18 -2.49 -11.21
CA ASN D 411 30.81 -1.26 -11.88
C ASN D 411 29.58 -1.40 -12.76
N ASP D 412 29.37 -2.57 -13.35
CA ASP D 412 28.18 -2.83 -14.15
C ASP D 412 27.04 -3.20 -13.20
N PHE D 413 26.16 -2.25 -12.90
CA PHE D 413 25.06 -2.55 -12.00
C PHE D 413 24.03 -3.49 -12.58
N LYS D 414 23.89 -3.59 -13.90
CA LYS D 414 22.99 -4.61 -14.42
C LYS D 414 23.45 -6.01 -14.04
N LYS D 415 24.74 -6.29 -14.13
CA LYS D 415 25.28 -7.55 -13.64
C LYS D 415 25.14 -7.66 -12.12
N ALA D 416 25.24 -6.54 -11.41
CA ALA D 416 25.07 -6.55 -9.96
C ALA D 416 23.65 -6.95 -9.57
N PHE D 417 22.64 -6.41 -10.26
CA PHE D 417 21.27 -6.86 -10.01
C PHE D 417 21.10 -8.35 -10.32
N GLU D 418 21.68 -8.81 -11.44
CA GLU D 418 21.57 -10.23 -11.78
C GLU D 418 22.13 -11.11 -10.67
N ILE D 419 23.34 -10.80 -10.20
CA ILE D 419 23.92 -11.54 -9.08
C ILE D 419 23.05 -11.40 -7.85
N ALA D 420 22.46 -10.21 -7.65
CA ALA D 420 21.69 -9.95 -6.44
C ALA D 420 20.48 -10.87 -6.34
N GLU D 421 19.75 -11.07 -7.43
CA GLU D 421 18.68 -12.07 -7.31
C GLU D 421 19.15 -13.49 -7.51
N LYS D 422 20.40 -13.72 -7.89
CA LYS D 422 20.93 -15.08 -7.79
C LYS D 422 21.45 -15.43 -6.40
N LEU D 423 21.68 -14.44 -5.53
CA LEU D 423 22.22 -14.69 -4.21
C LEU D 423 21.10 -15.06 -3.23
N GLU D 424 21.30 -16.14 -2.48
CA GLU D 424 20.29 -16.63 -1.55
C GLU D 424 20.44 -15.96 -0.19
N VAL D 425 20.30 -14.62 -0.20
CA VAL D 425 20.39 -13.82 1.00
C VAL D 425 19.15 -12.97 1.10
N GLY D 426 19.01 -12.28 2.24
CA GLY D 426 17.88 -11.40 2.45
C GLY D 426 18.08 -10.00 1.93
N THR D 427 19.33 -9.53 1.92
CA THR D 427 19.65 -8.19 1.44
C THR D 427 20.95 -8.25 0.68
N VAL D 428 21.00 -7.60 -0.47
CA VAL D 428 22.23 -7.45 -1.25
C VAL D 428 22.56 -5.98 -1.34
N HIS D 429 23.76 -5.62 -0.91
CA HIS D 429 24.26 -4.26 -1.03
C HIS D 429 25.16 -4.18 -2.25
N ILE D 430 24.91 -3.20 -3.11
CA ILE D 430 25.67 -3.03 -4.34
C ILE D 430 26.69 -1.94 -4.11
N ASN D 431 27.97 -2.31 -4.16
CA ASN D 431 29.11 -1.40 -3.97
C ASN D 431 29.13 -0.79 -2.57
N ASN D 432 28.67 -1.53 -1.57
CA ASN D 432 28.66 -1.04 -0.21
C ASN D 432 28.76 -2.22 0.74
N LYS D 433 29.30 -1.96 1.92
CA LYS D 433 29.39 -2.99 2.94
C LYS D 433 28.00 -3.33 3.46
N THR D 434 27.84 -4.57 3.91
CA THR D 434 26.58 -4.99 4.49
C THR D 434 26.37 -4.35 5.84
N GLN D 435 25.13 -4.00 6.14
CA GLN D 435 24.78 -3.37 7.41
C GLN D 435 23.28 -3.50 7.58
N ARG D 436 22.82 -3.37 8.83
CA ARG D 436 21.39 -3.26 9.06
C ARG D 436 20.81 -2.01 8.43
N GLY D 437 21.66 -1.04 8.12
CA GLY D 437 21.27 0.10 7.34
C GLY D 437 20.33 1.00 8.09
N PRO D 438 19.68 1.90 7.36
CA PRO D 438 18.58 2.65 7.98
C PRO D 438 17.53 1.68 8.48
N ASP D 439 17.17 1.82 9.75
CA ASP D 439 16.30 0.83 10.36
C ASP D 439 14.88 0.86 9.82
N ASN D 440 14.58 1.66 8.80
CA ASN D 440 13.35 1.47 8.07
C ASN D 440 13.48 0.43 6.99
N PHE D 441 14.70 0.18 6.52
CA PHE D 441 14.93 -0.83 5.50
C PHE D 441 14.61 -2.21 6.05
N PRO D 442 14.06 -3.12 5.25
CA PRO D 442 13.85 -4.48 5.73
C PRO D 442 15.17 -5.15 6.06
N PHE D 443 15.16 -5.96 7.11
CA PHE D 443 16.34 -6.72 7.53
C PHE D 443 15.90 -8.15 7.78
N LEU D 444 16.45 -9.09 7.02
CA LEU D 444 16.08 -10.48 7.17
C LEU D 444 17.23 -11.36 6.72
N GLY D 445 17.19 -12.61 7.19
CA GLY D 445 18.03 -13.66 6.68
C GLY D 445 17.15 -14.82 6.28
N VAL D 446 17.68 -15.75 5.49
CA VAL D 446 16.85 -16.79 4.91
C VAL D 446 17.32 -18.20 5.30
N LYS D 447 18.51 -18.59 4.85
CA LYS D 447 18.94 -19.98 4.96
C LYS D 447 19.58 -20.23 6.31
N GLY D 448 18.79 -20.22 7.36
CA GLY D 448 19.34 -20.40 8.69
C GLY D 448 19.97 -19.16 9.28
N SER D 449 19.84 -18.02 8.64
CA SER D 449 20.20 -16.75 9.22
C SER D 449 19.02 -16.05 9.88
N GLY D 450 17.85 -16.68 9.90
CA GLY D 450 16.71 -16.09 10.56
C GLY D 450 15.42 -16.68 10.06
N ALA D 451 14.34 -16.12 10.57
CA ALA D 451 12.98 -16.52 10.20
C ALA D 451 12.08 -15.33 10.46
N GLY D 452 11.70 -14.64 9.40
CA GLY D 452 10.89 -13.45 9.49
C GLY D 452 11.61 -12.23 8.93
N VAL D 453 10.83 -11.19 8.69
CA VAL D 453 11.33 -9.93 8.16
C VAL D 453 11.23 -8.90 9.27
N GLN D 454 12.31 -8.16 9.47
CA GLN D 454 12.35 -7.17 10.53
C GLN D 454 12.81 -5.85 9.91
N GLY D 455 13.09 -4.86 10.74
CA GLY D 455 12.98 -3.49 10.30
C GLY D 455 11.72 -2.90 10.86
N ILE D 456 11.72 -1.59 11.08
CA ILE D 456 10.77 -1.00 12.01
C ILE D 456 9.33 -1.23 11.55
N LYS D 457 9.01 -0.90 10.30
CA LYS D 457 7.68 -1.19 9.78
C LYS D 457 7.36 -2.67 9.83
N TYR D 458 8.28 -3.52 9.37
CA TYR D 458 8.03 -4.94 9.28
C TYR D 458 7.93 -5.59 10.65
N SER D 459 8.74 -5.13 11.61
CA SER D 459 8.64 -5.66 12.96
C SER D 459 7.38 -5.18 13.67
N ILE D 460 6.94 -3.94 13.42
CA ILE D 460 5.68 -3.48 13.98
C ILE D 460 4.53 -4.33 13.45
N GLU D 461 4.53 -4.58 12.14
CA GLU D 461 3.43 -5.35 11.54
C GLU D 461 3.47 -6.81 11.91
N ALA D 462 4.65 -7.39 12.10
CA ALA D 462 4.74 -8.82 12.33
C ALA D 462 4.50 -9.21 13.77
N MET D 463 4.49 -8.27 14.70
CA MET D 463 4.11 -8.52 16.08
C MET D 463 2.66 -8.20 16.35
N THR D 464 1.82 -8.27 15.33
CA THR D 464 0.40 -7.99 15.46
C THR D 464 -0.40 -9.06 14.74
N ASN D 465 -1.60 -9.31 15.23
CA ASN D 465 -2.54 -10.21 14.57
C ASN D 465 -3.46 -9.42 13.67
N VAL D 466 -3.69 -9.95 12.46
CA VAL D 466 -4.72 -9.41 11.60
C VAL D 466 -6.09 -9.76 12.18
N LYS D 467 -7.00 -8.80 12.20
CA LYS D 467 -8.39 -9.06 12.55
C LYS D 467 -9.29 -8.46 11.49
N SER D 468 -10.01 -9.30 10.78
CA SER D 468 -10.97 -8.87 9.78
C SER D 468 -12.36 -8.82 10.41
N ILE D 469 -13.10 -7.76 10.13
CA ILE D 469 -14.50 -7.63 10.54
C ILE D 469 -15.31 -7.49 9.26
N VAL D 470 -16.20 -8.46 9.01
CA VAL D 470 -16.95 -8.54 7.76
C VAL D 470 -18.41 -8.25 8.05
N PHE D 471 -18.96 -7.25 7.38
CA PHE D 471 -20.37 -6.91 7.53
C PHE D 471 -20.95 -6.59 6.16
N ASP D 472 -22.25 -6.36 6.12
CA ASP D 472 -22.95 -6.05 4.87
C ASP D 472 -23.14 -4.56 4.75
N VAL D 473 -22.81 -4.01 3.59
CA VAL D 473 -23.02 -2.60 3.32
C VAL D 473 -24.29 -2.36 2.54
N LYS D 474 -24.94 -3.42 2.06
CA LYS D 474 -26.23 -3.35 1.35
C LYS D 474 -26.11 -2.59 0.01
PA NAP E . -4.90 17.04 -31.64
O1A NAP E . -4.11 17.97 -30.76
O2A NAP E . -5.21 17.41 -33.07
O5B NAP E . -6.24 16.65 -30.87
C5B NAP E . -6.28 15.39 -30.19
C4B NAP E . -7.72 14.93 -30.11
O4B NAP E . -8.52 16.02 -29.66
C3B NAP E . -8.22 14.57 -31.49
O3B NAP E . -9.09 13.46 -31.36
C2B NAP E . -9.02 15.78 -31.93
O2B NAP E . -10.07 15.40 -32.81
C1B NAP E . -9.52 16.35 -30.62
N9A NAP E . -9.63 17.82 -30.69
C8A NAP E . -9.10 18.62 -31.62
N7A NAP E . -9.41 19.92 -31.38
C5A NAP E . -10.15 19.95 -30.25
C6A NAP E . -10.79 20.99 -29.44
N6A NAP E . -10.70 22.30 -29.78
N1A NAP E . -11.46 20.60 -28.34
C2A NAP E . -11.55 19.30 -27.99
N3A NAP E . -10.99 18.31 -28.69
C4A NAP E . -10.29 18.56 -29.81
O3 NAP E . -4.22 15.60 -31.60
PN NAP E . -3.63 14.89 -32.90
O1N NAP E . -2.81 15.87 -33.68
O2N NAP E . -4.74 14.08 -33.55
O5D NAP E . -2.66 13.88 -32.12
C5D NAP E . -1.29 14.20 -32.13
C4D NAP E . -0.83 14.68 -30.76
O4D NAP E . -1.02 13.65 -29.80
C3D NAP E . 0.65 15.02 -30.74
O3D NAP E . 0.85 16.38 -30.37
C2D NAP E . 1.25 14.11 -29.70
O2D NAP E . 2.21 14.82 -28.92
C1D NAP E . 0.06 13.69 -28.87
N1N NAP E . 0.23 12.36 -28.30
C2N NAP E . 0.48 12.26 -26.99
C3N NAP E . 0.63 11.01 -26.42
C7N NAP E . 0.95 10.86 -24.98
O7N NAP E . 0.43 9.95 -24.36
N7N NAP E . 1.79 11.71 -24.41
C4N NAP E . 0.51 9.88 -27.21
C5N NAP E . 0.23 10.02 -28.56
C6N NAP E . 0.09 11.30 -29.07
P2B NAP E . -9.93 15.81 -34.36
O1X NAP E . -8.55 16.41 -34.44
O2X NAP E . -10.08 14.51 -35.09
O3X NAP E . -11.03 16.80 -34.60
PA NAP F . -12.67 33.99 -0.31
O1A NAP F . -13.50 33.21 -1.28
O2A NAP F . -12.98 35.43 -0.01
O5B NAP F . -11.13 33.84 -0.73
C5B NAP F . -10.33 32.89 -0.03
C4B NAP F . -8.89 33.33 -0.10
O4B NAP F . -8.58 33.68 -1.45
C3B NAP F . -8.69 34.59 0.71
O3B NAP F . -7.41 34.50 1.33
C2B NAP F . -8.70 35.71 -0.30
O2B NAP F . -7.90 36.79 0.13
C1B NAP F . -8.16 35.03 -1.55
N9A NAP F . -8.77 35.61 -2.77
C8A NAP F . -9.84 36.41 -2.83
N7A NAP F . -10.11 36.77 -4.10
C5A NAP F . -9.18 36.18 -4.89
C6A NAP F . -8.88 36.14 -6.33
N6A NAP F . -9.65 36.81 -7.22
N1A NAP F . -7.83 35.40 -6.72
C2A NAP F . -7.06 34.74 -5.85
N3A NAP F . -7.27 34.73 -4.53
C4A NAP F . -8.30 35.42 -4.00
O3 NAP F . -12.56 33.19 1.06
PN NAP F . -13.10 33.76 2.45
O1N NAP F . -14.47 34.36 2.24
O2N NAP F . -12.00 34.54 3.11
O5D NAP F . -13.24 32.35 3.18
C5D NAP F . -14.55 31.84 3.32
C4D NAP F . -14.76 30.65 2.40
O4D NAP F . -13.86 29.60 2.72
C3D NAP F . -16.16 30.06 2.52
O3D NAP F . -16.84 30.10 1.28
C2D NAP F . -15.95 28.63 2.96
O2D NAP F . -16.86 27.78 2.27
C1D NAP F . -14.52 28.36 2.57
N1N NAP F . -13.89 27.37 3.42
C2N NAP F . -13.68 26.14 2.96
C3N NAP F . -13.08 25.19 3.77
C7N NAP F . -12.86 23.81 3.28
O7N NAP F . -11.83 23.23 3.59
N7N NAP F . -13.80 23.22 2.54
C4N NAP F . -12.69 25.53 5.06
C5N NAP F . -12.90 26.83 5.50
C6N NAP F . -13.50 27.73 4.64
P2B NAP F . -8.65 38.14 0.58
O1X NAP F . -10.10 37.78 0.52
O2X NAP F . -8.12 38.39 1.96
O3X NAP F . -8.24 39.17 -0.44
PA NAP G . -5.93 -34.38 9.70
O1A NAP G . -5.66 -33.61 10.96
O2A NAP G . -6.31 -35.84 9.76
O5B NAP G . -4.70 -34.16 8.71
C5B NAP G . -4.85 -33.20 7.67
C4B NAP G . -3.93 -33.58 6.52
O4B NAP G . -2.65 -33.89 7.05
C3B NAP G . -4.43 -34.84 5.87
O3B NAP G . -4.19 -34.72 4.47
C2B NAP G . -3.57 -35.94 6.44
O2B NAP G . -3.43 -37.00 5.52
C1B NAP G . -2.28 -35.23 6.75
N9A NAP G . -1.61 -35.81 7.93
C8A NAP G . -2.16 -36.65 8.82
N7A NAP G . -1.26 -36.99 9.78
C5A NAP G . -0.11 -36.36 9.49
C6A NAP G . 1.24 -36.28 10.08
N6A NAP G . 1.55 -36.96 11.20
N1A NAP G . 2.15 -35.50 9.47
C2A NAP G . 1.86 -34.82 8.35
N3A NAP G . 0.65 -34.85 7.75
C4A NAP G . -0.35 -35.59 8.27
O3 NAP G . -7.02 -33.58 8.85
PN NAP G . -8.43 -34.21 8.45
O1N NAP G . -9.04 -34.85 9.68
O2N NAP G . -8.31 -34.96 7.16
O5D NAP G . -9.17 -32.81 8.17
C5D NAP G . -10.05 -32.35 9.17
C4D NAP G . -9.46 -31.15 9.91
O4D NAP G . -9.25 -30.09 9.00
C3D NAP G . -10.40 -30.63 10.98
O3D NAP G . -9.78 -30.68 12.27
C2D NAP G . -10.68 -29.20 10.60
O2D NAP G . -10.67 -28.37 11.76
C1D NAP G . -9.54 -28.86 9.66
N1N NAP G . -9.92 -27.87 8.67
C2N NAP G . -9.45 -26.62 8.80
C3N NAP G . -9.80 -25.66 7.87
C7N NAP G . -9.32 -24.27 7.99
O7N NAP G . -9.00 -23.65 6.99
N7N NAP G . -9.29 -23.71 9.20
C4N NAP G . -10.60 -26.01 6.79
C5N NAP G . -11.04 -27.32 6.68
C6N NAP G . -10.67 -28.23 7.64
P2B NAP G . -4.17 -38.39 5.83
O1X NAP G . -4.98 -38.07 7.06
O2X NAP G . -4.99 -38.64 4.60
O3X NAP G . -3.07 -39.38 6.07
PA NAP H . 23.50 -16.56 22.09
O1A NAP H . 23.26 -17.47 20.92
O2A NAP H . 24.49 -16.90 23.16
O5B NAP H . 22.07 -16.22 22.74
C5B NAP H . 21.46 -14.98 22.40
C4B NAP H . 20.54 -14.57 23.53
O4B NAP H . 19.75 -15.69 23.90
C3B NAP H . 21.36 -14.20 24.75
O3B NAP H . 20.70 -13.11 25.40
C2B NAP H . 21.29 -15.43 25.63
O2B NAP H . 21.40 -15.07 27.00
C1B NAP H . 19.96 -16.04 25.26
N9A NAP H . 20.00 -17.51 25.37
C8A NAP H . 21.09 -18.27 25.47
N7A NAP H . 20.76 -19.59 25.56
C5A NAP H . 19.42 -19.67 25.50
C6A NAP H . 18.42 -20.75 25.53
N6A NAP H . 18.79 -22.05 25.65
N1A NAP H . 17.12 -20.39 25.45
C2A NAP H . 16.74 -19.11 25.33
N3A NAP H . 17.59 -18.09 25.30
C4A NAP H . 18.92 -18.30 25.38
O3 NAP H . 23.80 -15.10 21.54
PN NAP H . 25.17 -14.33 21.83
O1N NAP H . 26.32 -15.28 21.60
O2N NAP H . 25.04 -13.56 23.12
O5D NAP H . 25.07 -13.32 20.60
C5D NAP H . 25.89 -13.60 19.49
C4D NAP H . 25.06 -14.08 18.31
O4D NAP H . 24.14 -13.08 17.92
C3D NAP H . 25.92 -14.37 17.09
O3D NAP H . 25.78 -15.73 16.69
C2D NAP H . 25.39 -13.47 16.01
O2D NAP H . 25.34 -14.15 14.76
C1D NAP H . 24.02 -13.09 16.50
N1N NAP H . 23.59 -11.78 16.06
C2N NAP H . 22.67 -11.68 15.09
C3N NAP H . 22.26 -10.44 14.65
C7N NAP H . 21.26 -10.31 13.56
O7N NAP H . 20.42 -9.44 13.63
N7N NAP H . 21.31 -11.15 12.53
C4N NAP H . 22.79 -9.31 15.23
C5N NAP H . 23.73 -9.44 16.23
C6N NAP H . 24.11 -10.70 16.63
P2B NAP H . 22.75 -15.45 27.78
O1X NAP H . 23.63 -16.00 26.69
O2X NAP H . 23.20 -14.13 28.36
O3X NAP H . 22.34 -16.47 28.80
#